data_4BV5
# 
_entry.id   4BV5 
# 
_audit_conform.dict_name       mmcif_pdbx.dic 
_audit_conform.dict_version    5.398 
_audit_conform.dict_location   http://mmcif.pdb.org/dictionaries/ascii/mmcif_pdbx.dic 
# 
loop_
_database_2.database_id 
_database_2.database_code 
_database_2.pdbx_database_accession 
_database_2.pdbx_DOI 
PDB   4BV5         pdb_00004bv5 10.2210/pdb4bv5/pdb 
PDBE  EBI-57357    ?            ?                   
WWPDB D_1290057357 ?            ?                   
# 
loop_
_pdbx_audit_revision_history.ordinal 
_pdbx_audit_revision_history.data_content_type 
_pdbx_audit_revision_history.major_revision 
_pdbx_audit_revision_history.minor_revision 
_pdbx_audit_revision_history.revision_date 
1 'Structure model' 1 0 2014-07-09 
2 'Structure model' 1 1 2018-04-04 
3 'Structure model' 1 2 2023-12-20 
4 'Structure model' 1 3 2024-11-06 
# 
_pdbx_audit_revision_details.ordinal             1 
_pdbx_audit_revision_details.revision_ordinal    1 
_pdbx_audit_revision_details.data_content_type   'Structure model' 
_pdbx_audit_revision_details.provider            repository 
_pdbx_audit_revision_details.type                'Initial release' 
_pdbx_audit_revision_details.description         ? 
_pdbx_audit_revision_details.details             ? 
# 
loop_
_pdbx_audit_revision_group.ordinal 
_pdbx_audit_revision_group.revision_ordinal 
_pdbx_audit_revision_group.data_content_type 
_pdbx_audit_revision_group.group 
1 2 'Structure model' 'Data collection'        
2 3 'Structure model' 'Data collection'        
3 3 'Structure model' 'Database references'    
4 3 'Structure model' 'Derived calculations'   
5 3 'Structure model' Other                    
6 3 'Structure model' 'Refinement description' 
7 4 'Structure model' 'Structure summary'      
# 
loop_
_pdbx_audit_revision_category.ordinal 
_pdbx_audit_revision_category.revision_ordinal 
_pdbx_audit_revision_category.data_content_type 
_pdbx_audit_revision_category.category 
1 2 'Structure model' diffrn_source                 
2 3 'Structure model' chem_comp_atom                
3 3 'Structure model' chem_comp_bond                
4 3 'Structure model' database_2                    
5 3 'Structure model' pdbx_database_status          
6 3 'Structure model' pdbx_initial_refinement_model 
7 3 'Structure model' struct_site                   
8 4 'Structure model' pdbx_entry_details            
9 4 'Structure model' pdbx_modification_feature     
# 
loop_
_pdbx_audit_revision_item.ordinal 
_pdbx_audit_revision_item.revision_ordinal 
_pdbx_audit_revision_item.data_content_type 
_pdbx_audit_revision_item.item 
1 2 'Structure model' '_diffrn_source.type'                          
2 3 'Structure model' '_database_2.pdbx_DOI'                         
3 3 'Structure model' '_database_2.pdbx_database_accession'          
4 3 'Structure model' '_pdbx_database_status.status_code_sf'         
5 3 'Structure model' '_struct_site.pdbx_auth_asym_id'               
6 3 'Structure model' '_struct_site.pdbx_auth_comp_id'               
7 3 'Structure model' '_struct_site.pdbx_auth_seq_id'                
8 4 'Structure model' '_pdbx_entry_details.has_protein_modification' 
# 
_pdbx_database_status.status_code                     REL 
_pdbx_database_status.entry_id                        4BV5 
_pdbx_database_status.deposit_site                    PDBE 
_pdbx_database_status.process_site                    PDBE 
_pdbx_database_status.SG_entry                        . 
_pdbx_database_status.recvd_initial_deposition_date   2013-06-25 
_pdbx_database_status.pdb_format_compatible           Y 
_pdbx_database_status.status_code_sf                  REL 
_pdbx_database_status.status_code_mr                  ? 
_pdbx_database_status.status_code_cs                  ? 
_pdbx_database_status.methods_development_category    ? 
_pdbx_database_status.status_code_nmr_data            ? 
# 
loop_
_pdbx_database_related.db_name 
_pdbx_database_related.db_id 
_pdbx_database_related.content_type 
_pdbx_database_related.details 
PDB 4BV7 unspecified 'IDENTIFICATION OF SMALL MOLECULE INHIBITORS SELECTIVE FOR APO(A) KRINGLES KIV-7, KIV-10 AND KV.' 
PDB 4BVC unspecified 'IDENTIFICATION OF SMALL MOLECULE INHIBITORS SELECTIVE FOR APO(A) KRINGLES KIV-7, KIV-10 AND KV.' 
PDB 4BVD unspecified 'IDENTIFICATION OF SMALL MOLECULE INHIBITORS SELECTIVE FOR APO(A) KRINGLES KIV-7, KIV-10 AND KV.' 
PDB 4BVV unspecified 'IDENTIFICATION OF SMALL MOLECULE INHIBITORS SELECTIVE FOR APO(A) KRINGLES KIV-7, KIV-10 AND KV.' 
PDB 4BVW unspecified 'IDENTIFICATION OF SMALL MOLECULE INHIBITORS SELECTIVE FOR APO(A) KRINGLES KIV-7, KIV-10 AND KV.' 
# 
loop_
_audit_author.name 
_audit_author.pdbx_ordinal 
'Sandmark, J.'           1  
'Althage, M.'            2  
'Andersson, G.M.K.'      3  
'Antonsson, T.'          4  
'Blaho, S.'              5  
'Bodin, C.'              6  
'Bostrom, J.'            7  
'Chen, Y.'               8  
'Dahlen, A.'             9  
'Eriksson, P.O.'         10 
'Evertsson, E.'          11 
'Fex, T.'                12 
'Fjellstrom, O.'         13 
'Gustafsson, D.'         14 
'Hallberg, C.'           15 
'Hicks, R.'              16 
'Jarkvist, E.'           17 
'Johansson, C.'          18 
'Kalies, I.'             19 
'Kang, D.'               20 
'Svalstedt Karlsson, B.' 21 
'Kartberg, F.'           22 
'Legnehed, A.'           23 
'Lindqvist, A.M.'        24 
'Martinsson, S.A.'       25 
'Moberg, A.'             26 
'Petersson, A.U.'        27 
'Ridderstrom, M.'        28 
'Thelin, A.'             29 
'Tigerstrom, A.'         30 
'Vinblad, J.'            31 
'Xu, B.'                 32 
'Knecht, W.'             33 
# 
_citation.id                        primary 
_citation.title                     
'Small Molecules Used to Decipher the Pathophysiological Roles of the Kringle Domains Kiv-7, - 10 and Kv of Apolipoprotein(A)' 
_citation.journal_abbrev            'To be Published' 
_citation.journal_volume            ? 
_citation.page_first                ? 
_citation.page_last                 ? 
_citation.year                      ? 
_citation.journal_id_ASTM           ? 
_citation.country                   ? 
_citation.journal_id_ISSN           ? 
_citation.journal_id_CSD            0353 
_citation.book_publisher            ? 
_citation.pdbx_database_id_PubMed   ? 
_citation.pdbx_database_id_DOI      ? 
# 
loop_
_citation_author.citation_id 
_citation_author.name 
_citation_author.ordinal 
_citation_author.identifier_ORCID 
primary 'Sandmark, J.'           1  ? 
primary 'Althage, M.'            2  ? 
primary 'Andersson, G.M.K.'      3  ? 
primary 'Antonsson, T.'          4  ? 
primary 'Blaho, S.'              5  ? 
primary 'Bodin, C.'              6  ? 
primary 'Bostrom, J.'            7  ? 
primary 'Chen, Y.'               8  ? 
primary 'Dahlen, A.'             9  ? 
primary 'Eriksson, P.O.'         10 ? 
primary 'Evertsson, E.'          11 ? 
primary 'Fex, T.'                12 ? 
primary 'Fjellstrom, O.'         13 ? 
primary 'Gustafsson, D.'         14 ? 
primary 'Hallberg, C.'           15 ? 
primary 'Hicks, R.'              16 ? 
primary 'Jarkvist, E.'           17 ? 
primary 'Johansson, C.'          18 ? 
primary 'Kalies, I.'             19 ? 
primary 'Kang, D.'               20 ? 
primary 'Svalstedt Karlsson, B.' 21 ? 
primary 'Kartberg, F.'           22 ? 
primary 'Legnehed, A.'           23 ? 
primary 'Lindqvist, A.M.'        24 ? 
primary 'Martinsson, S.A.'       25 ? 
primary 'Moberg, A.'             26 ? 
primary 'Petersson, A.U.'        27 ? 
primary 'Ridderstrom, M.'        28 ? 
primary 'Thelin, A.'             29 ? 
primary 'Tigerstrom, A.'         30 ? 
primary 'Vinblad, J.'            31 ? 
primary 'Xu, B.'                 32 ? 
primary 'Knecht, W.'             33 ? 
# 
loop_
_entity.id 
_entity.type 
_entity.src_method 
_entity.pdbx_description 
_entity.formula_weight 
_entity.pdbx_number_of_molecules 
_entity.pdbx_ec 
_entity.pdbx_mutation 
_entity.pdbx_fragment 
_entity.details 
1 polymer     man 'APOLIPOPROTEIN(A)'                                         9156.078 2  3.4.21.- YES 
'KRINGLE IV-10, RESIDUES 4123-4201' ? 
2 non-polymer syn '4-(aminomethyl)-N-(benzenesulfonyl)cyclohexanecarboxamide' 296.385  2  ?        ?   ? ? 
3 water       nat water                                                       18.015   57 ?        ?   ? ? 
# 
_entity_name_com.entity_id   1 
_entity_name_com.name        'APO(A), LP(A)' 
# 
_entity_poly.entity_id                      1 
_entity_poly.type                           'polypeptide(L)' 
_entity_poly.nstd_linkage                   no 
_entity_poly.nstd_monomer                   no 
_entity_poly.pdbx_seq_one_letter_code       QCYHGNGQSYRGTFSTTVTGRTCQSWSSMTPHRHQRTPENYPNDGLTMNYCRNPDADTGPWCFTMDPSIRWEYCALTRC 
_entity_poly.pdbx_seq_one_letter_code_can   QCYHGNGQSYRGTFSTTVTGRTCQSWSSMTPHRHQRTPENYPNDGLTMNYCRNPDADTGPWCFTMDPSIRWEYCALTRC 
_entity_poly.pdbx_strand_id                 A,B 
_entity_poly.pdbx_target_identifier         ? 
# 
loop_
_pdbx_entity_nonpoly.entity_id 
_pdbx_entity_nonpoly.name 
_pdbx_entity_nonpoly.comp_id 
2 '4-(aminomethyl)-N-(benzenesulfonyl)cyclohexanecarboxamide' 5C3 
3 water                                                       HOH 
# 
loop_
_entity_poly_seq.entity_id 
_entity_poly_seq.num 
_entity_poly_seq.mon_id 
_entity_poly_seq.hetero 
1 1  GLN n 
1 2  CYS n 
1 3  TYR n 
1 4  HIS n 
1 5  GLY n 
1 6  ASN n 
1 7  GLY n 
1 8  GLN n 
1 9  SER n 
1 10 TYR n 
1 11 ARG n 
1 12 GLY n 
1 13 THR n 
1 14 PHE n 
1 15 SER n 
1 16 THR n 
1 17 THR n 
1 18 VAL n 
1 19 THR n 
1 20 GLY n 
1 21 ARG n 
1 22 THR n 
1 23 CYS n 
1 24 GLN n 
1 25 SER n 
1 26 TRP n 
1 27 SER n 
1 28 SER n 
1 29 MET n 
1 30 THR n 
1 31 PRO n 
1 32 HIS n 
1 33 ARG n 
1 34 HIS n 
1 35 GLN n 
1 36 ARG n 
1 37 THR n 
1 38 PRO n 
1 39 GLU n 
1 40 ASN n 
1 41 TYR n 
1 42 PRO n 
1 43 ASN n 
1 44 ASP n 
1 45 GLY n 
1 46 LEU n 
1 47 THR n 
1 48 MET n 
1 49 ASN n 
1 50 TYR n 
1 51 CYS n 
1 52 ARG n 
1 53 ASN n 
1 54 PRO n 
1 55 ASP n 
1 56 ALA n 
1 57 ASP n 
1 58 THR n 
1 59 GLY n 
1 60 PRO n 
1 61 TRP n 
1 62 CYS n 
1 63 PHE n 
1 64 THR n 
1 65 MET n 
1 66 ASP n 
1 67 PRO n 
1 68 SER n 
1 69 ILE n 
1 70 ARG n 
1 71 TRP n 
1 72 GLU n 
1 73 TYR n 
1 74 CYS n 
1 75 ALA n 
1 76 LEU n 
1 77 THR n 
1 78 ARG n 
1 79 CYS n 
# 
_entity_src_gen.entity_id                          1 
_entity_src_gen.pdbx_src_id                        1 
_entity_src_gen.pdbx_alt_source_flag               sample 
_entity_src_gen.pdbx_seq_type                      ? 
_entity_src_gen.pdbx_beg_seq_num                   ? 
_entity_src_gen.pdbx_end_seq_num                   ? 
_entity_src_gen.gene_src_common_name               HUMAN 
_entity_src_gen.gene_src_genus                     ? 
_entity_src_gen.pdbx_gene_src_gene                 ? 
_entity_src_gen.gene_src_species                   ? 
_entity_src_gen.gene_src_strain                    ? 
_entity_src_gen.gene_src_tissue                    ? 
_entity_src_gen.gene_src_tissue_fraction           ? 
_entity_src_gen.gene_src_details                   ? 
_entity_src_gen.pdbx_gene_src_fragment             ? 
_entity_src_gen.pdbx_gene_src_scientific_name      'HOMO SAPIENS' 
_entity_src_gen.pdbx_gene_src_ncbi_taxonomy_id     9606 
_entity_src_gen.pdbx_gene_src_variant              ? 
_entity_src_gen.pdbx_gene_src_cell_line            ? 
_entity_src_gen.pdbx_gene_src_atcc                 ? 
_entity_src_gen.pdbx_gene_src_organ                ? 
_entity_src_gen.pdbx_gene_src_organelle            ? 
_entity_src_gen.pdbx_gene_src_cell                 ? 
_entity_src_gen.pdbx_gene_src_cellular_location    ? 
_entity_src_gen.host_org_common_name               ? 
_entity_src_gen.pdbx_host_org_scientific_name      'KOMAGATAELLA PASTORIS' 
_entity_src_gen.pdbx_host_org_ncbi_taxonomy_id     4922 
_entity_src_gen.host_org_genus                     ? 
_entity_src_gen.pdbx_host_org_gene                 ? 
_entity_src_gen.pdbx_host_org_organ                ? 
_entity_src_gen.host_org_species                   ? 
_entity_src_gen.pdbx_host_org_tissue               ? 
_entity_src_gen.pdbx_host_org_tissue_fraction      ? 
_entity_src_gen.pdbx_host_org_strain               X-33 
_entity_src_gen.pdbx_host_org_variant              ? 
_entity_src_gen.pdbx_host_org_cell_line            ? 
_entity_src_gen.pdbx_host_org_atcc                 ? 
_entity_src_gen.pdbx_host_org_culture_collection   ? 
_entity_src_gen.pdbx_host_org_cell                 ? 
_entity_src_gen.pdbx_host_org_organelle            ? 
_entity_src_gen.pdbx_host_org_cellular_location    ? 
_entity_src_gen.pdbx_host_org_vector_type          PLASMID 
_entity_src_gen.pdbx_host_org_vector               ? 
_entity_src_gen.host_org_details                   ? 
_entity_src_gen.expression_system_id               ? 
_entity_src_gen.plasmid_name                       PPICZALPHA 
_entity_src_gen.plasmid_details                    ? 
_entity_src_gen.pdbx_description                   ? 
# 
loop_
_chem_comp.id 
_chem_comp.type 
_chem_comp.mon_nstd_flag 
_chem_comp.name 
_chem_comp.pdbx_synonyms 
_chem_comp.formula 
_chem_comp.formula_weight 
5C3 non-polymer         . '4-(aminomethyl)-N-(benzenesulfonyl)cyclohexanecarboxamide' ? 'C14 H20 N2 O3 S' 296.385 
ALA 'L-peptide linking' y ALANINE                                                     ? 'C3 H7 N O2'      89.093  
ARG 'L-peptide linking' y ARGININE                                                    ? 'C6 H15 N4 O2 1'  175.209 
ASN 'L-peptide linking' y ASPARAGINE                                                  ? 'C4 H8 N2 O3'     132.118 
ASP 'L-peptide linking' y 'ASPARTIC ACID'                                             ? 'C4 H7 N O4'      133.103 
CYS 'L-peptide linking' y CYSTEINE                                                    ? 'C3 H7 N O2 S'    121.158 
GLN 'L-peptide linking' y GLUTAMINE                                                   ? 'C5 H10 N2 O3'    146.144 
GLU 'L-peptide linking' y 'GLUTAMIC ACID'                                             ? 'C5 H9 N O4'      147.129 
GLY 'peptide linking'   y GLYCINE                                                     ? 'C2 H5 N O2'      75.067  
HIS 'L-peptide linking' y HISTIDINE                                                   ? 'C6 H10 N3 O2 1'  156.162 
HOH non-polymer         . WATER                                                       ? 'H2 O'            18.015  
ILE 'L-peptide linking' y ISOLEUCINE                                                  ? 'C6 H13 N O2'     131.173 
LEU 'L-peptide linking' y LEUCINE                                                     ? 'C6 H13 N O2'     131.173 
MET 'L-peptide linking' y METHIONINE                                                  ? 'C5 H11 N O2 S'   149.211 
PHE 'L-peptide linking' y PHENYLALANINE                                               ? 'C9 H11 N O2'     165.189 
PRO 'L-peptide linking' y PROLINE                                                     ? 'C5 H9 N O2'      115.130 
SER 'L-peptide linking' y SERINE                                                      ? 'C3 H7 N O3'      105.093 
THR 'L-peptide linking' y THREONINE                                                   ? 'C4 H9 N O3'      119.119 
TRP 'L-peptide linking' y TRYPTOPHAN                                                  ? 'C11 H12 N2 O2'   204.225 
TYR 'L-peptide linking' y TYROSINE                                                    ? 'C9 H11 N O3'     181.189 
VAL 'L-peptide linking' y VALINE                                                      ? 'C5 H11 N O2'     117.146 
# 
loop_
_pdbx_poly_seq_scheme.asym_id 
_pdbx_poly_seq_scheme.entity_id 
_pdbx_poly_seq_scheme.seq_id 
_pdbx_poly_seq_scheme.mon_id 
_pdbx_poly_seq_scheme.ndb_seq_num 
_pdbx_poly_seq_scheme.pdb_seq_num 
_pdbx_poly_seq_scheme.auth_seq_num 
_pdbx_poly_seq_scheme.pdb_mon_id 
_pdbx_poly_seq_scheme.auth_mon_id 
_pdbx_poly_seq_scheme.pdb_strand_id 
_pdbx_poly_seq_scheme.pdb_ins_code 
_pdbx_poly_seq_scheme.hetero 
A 1 1  GLN 1  0  ?  ?   ?   A . n 
A 1 2  CYS 2  1  1  CYS CYS A . n 
A 1 3  TYR 3  2  2  TYR TYR A . n 
A 1 4  HIS 4  3  3  HIS HIS A . n 
A 1 5  GLY 5  4  4  GLY GLY A . n 
A 1 6  ASN 6  5  5  ASN ASN A . n 
A 1 7  GLY 7  6  6  GLY GLY A . n 
A 1 8  GLN 8  7  7  GLN GLN A . n 
A 1 9  SER 9  8  8  SER SER A . n 
A 1 10 TYR 10 9  9  TYR TYR A . n 
A 1 11 ARG 11 10 10 ARG ARG A . n 
A 1 12 GLY 12 11 11 GLY GLY A . n 
A 1 13 THR 13 12 12 THR THR A . n 
A 1 14 PHE 14 13 13 PHE PHE A . n 
A 1 15 SER 15 14 14 SER SER A . n 
A 1 16 THR 16 15 15 THR THR A . n 
A 1 17 THR 17 16 16 THR THR A . n 
A 1 18 VAL 18 17 17 VAL VAL A . n 
A 1 19 THR 19 18 18 THR THR A . n 
A 1 20 GLY 20 19 19 GLY GLY A . n 
A 1 21 ARG 21 20 20 ARG ARG A . n 
A 1 22 THR 22 21 21 THR THR A . n 
A 1 23 CYS 23 22 22 CYS CYS A . n 
A 1 24 GLN 24 23 23 GLN GLN A . n 
A 1 25 SER 25 24 24 SER SER A . n 
A 1 26 TRP 26 25 25 TRP TRP A . n 
A 1 27 SER 27 26 26 SER SER A . n 
A 1 28 SER 28 27 27 SER SER A . n 
A 1 29 MET 29 28 28 MET MET A . n 
A 1 30 THR 30 29 29 THR THR A . n 
A 1 31 PRO 31 30 30 PRO PRO A . n 
A 1 32 HIS 32 31 31 HIS HIS A . n 
A 1 33 ARG 33 32 32 ARG ARG A . n 
A 1 34 HIS 34 33 33 HIS HIS A . n 
A 1 35 GLN 35 34 34 GLN GLN A . n 
A 1 36 ARG 36 35 35 ARG ARG A . n 
A 1 37 THR 37 37 37 THR THR A . n 
A 1 38 PRO 38 38 38 PRO PRO A . n 
A 1 39 GLU 39 39 39 GLU GLU A . n 
A 1 40 ASN 40 40 40 ASN ASN A . n 
A 1 41 TYR 41 41 41 TYR TYR A . n 
A 1 42 PRO 42 42 42 PRO PRO A . n 
A 1 43 ASN 43 43 43 ASN ASN A . n 
A 1 44 ASP 44 44 44 ASP ASP A . n 
A 1 45 GLY 45 45 45 GLY GLY A . n 
A 1 46 LEU 46 46 46 LEU LEU A . n 
A 1 47 THR 47 47 47 THR THR A . n 
A 1 48 MET 48 48 48 MET MET A . n 
A 1 49 ASN 49 49 49 ASN ASN A . n 
A 1 50 TYR 50 50 50 TYR TYR A . n 
A 1 51 CYS 51 51 51 CYS CYS A . n 
A 1 52 ARG 52 52 52 ARG ARG A . n 
A 1 53 ASN 53 53 53 ASN ASN A . n 
A 1 54 PRO 54 54 54 PRO PRO A . n 
A 1 55 ASP 55 55 55 ASP ASP A . n 
A 1 56 ALA 56 56 56 ALA ALA A . n 
A 1 57 ASP 57 57 57 ASP ASP A . n 
A 1 58 THR 58 58 58 THR THR A . n 
A 1 59 GLY 59 60 60 GLY GLY A . n 
A 1 60 PRO 60 61 61 PRO PRO A . n 
A 1 61 TRP 61 62 62 TRP TRP A . n 
A 1 62 CYS 62 63 63 CYS CYS A . n 
A 1 63 PHE 63 64 64 PHE PHE A . n 
A 1 64 THR 64 65 65 THR THR A . n 
A 1 65 MET 65 66 66 MET MET A . n 
A 1 66 ASP 66 67 67 ASP ASP A . n 
A 1 67 PRO 67 68 68 PRO PRO A . n 
A 1 68 SER 68 69 69 SER SER A . n 
A 1 69 ILE 69 70 70 ILE ILE A . n 
A 1 70 ARG 70 71 71 ARG ARG A . n 
A 1 71 TRP 71 72 72 TRP TRP A . n 
A 1 72 GLU 72 73 73 GLU GLU A . n 
A 1 73 TYR 73 74 74 TYR TYR A . n 
A 1 74 CYS 74 75 75 CYS CYS A . n 
A 1 75 ALA 75 76 76 ALA ALA A . n 
A 1 76 LEU 76 77 77 LEU LEU A . n 
A 1 77 THR 77 78 78 THR THR A . n 
A 1 78 ARG 78 79 79 ARG ARG A . n 
A 1 79 CYS 79 80 80 CYS CYS A . n 
B 1 1  GLN 1  0  ?  ?   ?   B . n 
B 1 2  CYS 2  1  1  CYS CYS B . n 
B 1 3  TYR 3  2  2  TYR TYR B . n 
B 1 4  HIS 4  3  3  HIS HIS B . n 
B 1 5  GLY 5  4  4  GLY GLY B . n 
B 1 6  ASN 6  5  5  ASN ASN B . n 
B 1 7  GLY 7  6  6  GLY GLY B . n 
B 1 8  GLN 8  7  7  GLN GLN B . n 
B 1 9  SER 9  8  8  SER SER B . n 
B 1 10 TYR 10 9  9  TYR TYR B . n 
B 1 11 ARG 11 10 10 ARG ARG B . n 
B 1 12 GLY 12 11 11 GLY GLY B . n 
B 1 13 THR 13 12 12 THR THR B . n 
B 1 14 PHE 14 13 13 PHE PHE B . n 
B 1 15 SER 15 14 14 SER SER B . n 
B 1 16 THR 16 15 15 THR THR B . n 
B 1 17 THR 17 16 16 THR THR B . n 
B 1 18 VAL 18 17 17 VAL VAL B . n 
B 1 19 THR 19 18 18 THR THR B . n 
B 1 20 GLY 20 19 19 GLY GLY B . n 
B 1 21 ARG 21 20 20 ARG ARG B . n 
B 1 22 THR 22 21 21 THR THR B . n 
B 1 23 CYS 23 22 22 CYS CYS B . n 
B 1 24 GLN 24 23 23 GLN GLN B . n 
B 1 25 SER 25 24 24 SER SER B . n 
B 1 26 TRP 26 25 25 TRP TRP B . n 
B 1 27 SER 27 26 26 SER SER B . n 
B 1 28 SER 28 27 27 SER SER B . n 
B 1 29 MET 29 28 28 MET MET B . n 
B 1 30 THR 30 29 29 THR THR B . n 
B 1 31 PRO 31 30 30 PRO PRO B . n 
B 1 32 HIS 32 31 31 HIS HIS B . n 
B 1 33 ARG 33 32 32 ARG ARG B . n 
B 1 34 HIS 34 33 33 HIS HIS B . n 
B 1 35 GLN 35 34 34 GLN GLN B . n 
B 1 36 ARG 36 35 35 ARG ARG B . n 
B 1 37 THR 37 37 37 THR THR B . n 
B 1 38 PRO 38 38 38 PRO PRO B . n 
B 1 39 GLU 39 39 39 GLU GLU B . n 
B 1 40 ASN 40 40 40 ASN ASN B . n 
B 1 41 TYR 41 41 41 TYR TYR B . n 
B 1 42 PRO 42 42 42 PRO PRO B . n 
B 1 43 ASN 43 43 43 ASN ASN B . n 
B 1 44 ASP 44 44 44 ASP ASP B . n 
B 1 45 GLY 45 45 45 GLY GLY B . n 
B 1 46 LEU 46 46 46 LEU LEU B . n 
B 1 47 THR 47 47 47 THR THR B . n 
B 1 48 MET 48 48 48 MET MET B . n 
B 1 49 ASN 49 49 49 ASN ASN B . n 
B 1 50 TYR 50 50 50 TYR TYR B . n 
B 1 51 CYS 51 51 51 CYS CYS B . n 
B 1 52 ARG 52 52 52 ARG ARG B . n 
B 1 53 ASN 53 53 53 ASN ASN B . n 
B 1 54 PRO 54 54 54 PRO PRO B . n 
B 1 55 ASP 55 55 55 ASP ASP B . n 
B 1 56 ALA 56 56 56 ALA ALA B . n 
B 1 57 ASP 57 57 57 ASP ASP B . n 
B 1 58 THR 58 58 58 THR THR B . n 
B 1 59 GLY 59 60 60 GLY GLY B . n 
B 1 60 PRO 60 61 61 PRO PRO B . n 
B 1 61 TRP 61 62 62 TRP TRP B . n 
B 1 62 CYS 62 63 63 CYS CYS B . n 
B 1 63 PHE 63 64 64 PHE PHE B . n 
B 1 64 THR 64 65 65 THR THR B . n 
B 1 65 MET 65 66 66 MET MET B . n 
B 1 66 ASP 66 67 67 ASP ASP B . n 
B 1 67 PRO 67 68 68 PRO PRO B . n 
B 1 68 SER 68 69 69 SER SER B . n 
B 1 69 ILE 69 70 70 ILE ILE B . n 
B 1 70 ARG 70 71 71 ARG ARG B . n 
B 1 71 TRP 71 72 72 TRP TRP B . n 
B 1 72 GLU 72 73 73 GLU GLU B . n 
B 1 73 TYR 73 74 74 TYR TYR B . n 
B 1 74 CYS 74 75 75 CYS CYS B . n 
B 1 75 ALA 75 76 76 ALA ALA B . n 
B 1 76 LEU 76 77 77 LEU LEU B . n 
B 1 77 THR 77 78 78 THR THR B . n 
B 1 78 ARG 78 79 79 ARG ARG B . n 
B 1 79 CYS 79 80 80 CYS CYS B . n 
# 
loop_
_pdbx_nonpoly_scheme.asym_id 
_pdbx_nonpoly_scheme.entity_id 
_pdbx_nonpoly_scheme.mon_id 
_pdbx_nonpoly_scheme.ndb_seq_num 
_pdbx_nonpoly_scheme.pdb_seq_num 
_pdbx_nonpoly_scheme.auth_seq_num 
_pdbx_nonpoly_scheme.pdb_mon_id 
_pdbx_nonpoly_scheme.auth_mon_id 
_pdbx_nonpoly_scheme.pdb_strand_id 
_pdbx_nonpoly_scheme.pdb_ins_code 
C 2 5C3 1  1081 1081 5C3 5C3 A . 
D 2 5C3 1  1081 1081 5C3 5C3 B . 
E 3 HOH 1  2001 2001 HOH HOH A . 
E 3 HOH 2  2002 2002 HOH HOH A . 
E 3 HOH 3  2003 2003 HOH HOH A . 
E 3 HOH 4  2004 2004 HOH HOH A . 
E 3 HOH 5  2005 2005 HOH HOH A . 
E 3 HOH 6  2006 2006 HOH HOH A . 
E 3 HOH 7  2007 2007 HOH HOH A . 
E 3 HOH 8  2008 2008 HOH HOH A . 
E 3 HOH 9  2009 2009 HOH HOH A . 
E 3 HOH 10 2010 2010 HOH HOH A . 
E 3 HOH 11 2011 2011 HOH HOH A . 
E 3 HOH 12 2012 2012 HOH HOH A . 
E 3 HOH 13 2013 2013 HOH HOH A . 
E 3 HOH 14 2014 2014 HOH HOH A . 
E 3 HOH 15 2015 2015 HOH HOH A . 
E 3 HOH 16 2016 2016 HOH HOH A . 
E 3 HOH 17 2017 2017 HOH HOH A . 
E 3 HOH 18 2018 2018 HOH HOH A . 
E 3 HOH 19 2019 2019 HOH HOH A . 
E 3 HOH 20 2020 2020 HOH HOH A . 
E 3 HOH 21 2021 2021 HOH HOH A . 
E 3 HOH 22 2022 2022 HOH HOH A . 
E 3 HOH 23 2023 2023 HOH HOH A . 
E 3 HOH 24 2024 2024 HOH HOH A . 
E 3 HOH 25 2025 2025 HOH HOH A . 
E 3 HOH 26 2026 2026 HOH HOH A . 
E 3 HOH 27 2027 2027 HOH HOH A . 
E 3 HOH 28 2028 2028 HOH HOH A . 
E 3 HOH 29 2029 2029 HOH HOH A . 
E 3 HOH 30 2030 2030 HOH HOH A . 
E 3 HOH 31 2031 2031 HOH HOH A . 
E 3 HOH 32 2032 2032 HOH HOH A . 
E 3 HOH 33 2033 2033 HOH HOH A . 
E 3 HOH 34 2034 2034 HOH HOH A . 
E 3 HOH 35 2035 2035 HOH HOH A . 
F 3 HOH 1  2001 2001 HOH HOH B . 
F 3 HOH 2  2002 2002 HOH HOH B . 
F 3 HOH 3  2003 2003 HOH HOH B . 
F 3 HOH 4  2004 2004 HOH HOH B . 
F 3 HOH 5  2005 2005 HOH HOH B . 
F 3 HOH 6  2006 2006 HOH HOH B . 
F 3 HOH 7  2007 2007 HOH HOH B . 
F 3 HOH 8  2008 2008 HOH HOH B . 
F 3 HOH 9  2009 2009 HOH HOH B . 
F 3 HOH 10 2010 2010 HOH HOH B . 
F 3 HOH 11 2011 2011 HOH HOH B . 
F 3 HOH 12 2012 2012 HOH HOH B . 
F 3 HOH 13 2013 2013 HOH HOH B . 
F 3 HOH 14 2014 2014 HOH HOH B . 
F 3 HOH 15 2015 2015 HOH HOH B . 
F 3 HOH 16 2016 2016 HOH HOH B . 
F 3 HOH 17 2017 2017 HOH HOH B . 
F 3 HOH 18 2018 2018 HOH HOH B . 
F 3 HOH 19 2019 2019 HOH HOH B . 
F 3 HOH 20 2020 2020 HOH HOH B . 
F 3 HOH 21 2021 2021 HOH HOH B . 
F 3 HOH 22 2022 2022 HOH HOH B . 
# 
loop_
_software.name 
_software.classification 
_software.version 
_software.citation_id 
_software.pdbx_ordinal 
REFMAC refinement       5.7.0029 ? 1 
MOSFLM 'data reduction' .        ? 2 
SCALA  'data scaling'   .        ? 3 
PHASER phasing          .        ? 4 
# 
_cell.entry_id           4BV5 
_cell.length_a           24.410 
_cell.length_b           45.250 
_cell.length_c           56.100 
_cell.angle_alpha        90.00 
_cell.angle_beta         90.67 
_cell.angle_gamma        90.00 
_cell.Z_PDB              4 
_cell.pdbx_unique_axis   ? 
# 
_symmetry.entry_id                         4BV5 
_symmetry.space_group_name_H-M             'P 1 21 1' 
_symmetry.pdbx_full_space_group_name_H-M   ? 
_symmetry.cell_setting                     ? 
_symmetry.Int_Tables_number                4 
# 
_exptl.entry_id          4BV5 
_exptl.method            'X-RAY DIFFRACTION' 
_exptl.crystals_number   1 
# 
_exptl_crystal.id                    1 
_exptl_crystal.density_meas          ? 
_exptl_crystal.density_Matthews      1.7 
_exptl_crystal.density_percent_sol   29 
_exptl_crystal.description           NONE 
# 
_exptl_crystal_grow.crystal_id      1 
_exptl_crystal_grow.method          ? 
_exptl_crystal_grow.temp            ? 
_exptl_crystal_grow.temp_details    ? 
_exptl_crystal_grow.pH              4.6 
_exptl_crystal_grow.pdbx_pH_range   ? 
_exptl_crystal_grow.pdbx_details    '30% PEG400, 0.1M CACL2, 0.1M NAOAC PH 4.6' 
# 
_diffrn.id                     1 
_diffrn.ambient_temp           100 
_diffrn.ambient_temp_details   ? 
_diffrn.crystal_id             1 
# 
_diffrn_detector.diffrn_id              1 
_diffrn_detector.detector               CCD 
_diffrn_detector.type                   'RIGAKU A200-CU' 
_diffrn_detector.pdbx_collection_date   2010-10-04 
_diffrn_detector.details                MIRRORS 
# 
_diffrn_radiation.diffrn_id                        1 
_diffrn_radiation.wavelength_id                    1 
_diffrn_radiation.pdbx_monochromatic_or_laue_m_l   M 
_diffrn_radiation.monochromator                    ? 
_diffrn_radiation.pdbx_diffrn_protocol             'SINGLE WAVELENGTH' 
_diffrn_radiation.pdbx_scattering_type             x-ray 
# 
_diffrn_radiation_wavelength.id           1 
_diffrn_radiation_wavelength.wavelength   1.5418 
_diffrn_radiation_wavelength.wt           1.0 
# 
_diffrn_source.diffrn_id                   1 
_diffrn_source.source                      'ROTATING ANODE' 
_diffrn_source.type                        'RIGAKU FR-E+' 
_diffrn_source.pdbx_synchrotron_site       ? 
_diffrn_source.pdbx_synchrotron_beamline   ? 
_diffrn_source.pdbx_wavelength             1.5418 
_diffrn_source.pdbx_wavelength_list        ? 
# 
_reflns.pdbx_diffrn_id               1 
_reflns.pdbx_ordinal                 1 
_reflns.entry_id                     4BV5 
_reflns.observed_criterion_sigma_I   2.0 
_reflns.observed_criterion_sigma_F   ? 
_reflns.d_resolution_low             28.00 
_reflns.d_resolution_high            2.10 
_reflns.number_obs                   6931 
_reflns.number_all                   ? 
_reflns.percent_possible_obs         95.4 
_reflns.pdbx_Rmerge_I_obs            0.03 
_reflns.pdbx_Rsym_value              ? 
_reflns.pdbx_netI_over_sigmaI        5.90 
_reflns.B_iso_Wilson_estimate        ? 
_reflns.pdbx_redundancy              6.4 
# 
_reflns_shell.pdbx_diffrn_id         1 
_reflns_shell.pdbx_ordinal           1 
_reflns_shell.d_res_high             2.10 
_reflns_shell.d_res_low              2.15 
_reflns_shell.percent_possible_all   92.0 
_reflns_shell.Rmerge_I_obs           0.98 
_reflns_shell.pdbx_Rsym_value        ? 
_reflns_shell.meanI_over_sigI_obs    1.80 
_reflns_shell.pdbx_redundancy        6.5 
# 
_refine.pdbx_refine_id                           'X-RAY DIFFRACTION' 
_refine.entry_id                                 4BV5 
_refine.pdbx_diffrn_id                           1 
_refine.pdbx_TLS_residual_ADP_flag               ? 
_refine.ls_number_reflns_obs                     6303 
_refine.ls_number_reflns_all                     ? 
_refine.pdbx_ls_sigma_I                          ? 
_refine.pdbx_ls_sigma_F                          . 
_refine.pdbx_data_cutoff_high_absF               ? 
_refine.pdbx_data_cutoff_low_absF                ? 
_refine.pdbx_data_cutoff_high_rms_absF           ? 
_refine.ls_d_res_low                             28.06 
_refine.ls_d_res_high                            2.10 
_refine.ls_percent_reflns_obs                    91.23 
_refine.ls_R_factor_obs                          0.19187 
_refine.ls_R_factor_all                          ? 
_refine.ls_R_factor_R_work                       0.18986 
_refine.ls_R_factor_R_free                       0.23013 
_refine.ls_R_factor_R_free_error                 ? 
_refine.ls_R_factor_R_free_error_details         ? 
_refine.ls_percent_reflns_R_free                 4.7 
_refine.ls_number_reflns_R_free                  314 
_refine.ls_number_parameters                     ? 
_refine.ls_number_restraints                     ? 
_refine.occupancy_min                            ? 
_refine.occupancy_max                            ? 
_refine.correlation_coeff_Fo_to_Fc               0.931 
_refine.correlation_coeff_Fo_to_Fc_free          0.896 
_refine.B_iso_mean                               12.524 
_refine.aniso_B[1][1]                            -0.29 
_refine.aniso_B[2][2]                            -0.88 
_refine.aniso_B[3][3]                            1.17 
_refine.aniso_B[1][2]                            0.00 
_refine.aniso_B[1][3]                            -0.31 
_refine.aniso_B[2][3]                            0.00 
_refine.solvent_model_details                    MASK 
_refine.solvent_model_param_ksol                 ? 
_refine.solvent_model_param_bsol                 ? 
_refine.pdbx_solvent_vdw_probe_radii             1.20 
_refine.pdbx_solvent_ion_probe_radii             0.80 
_refine.pdbx_solvent_shrinkage_radii             0.80 
_refine.pdbx_ls_cross_valid_method               THROUGHOUT 
_refine.details                                  'HYDROGENS HAVE BEEN ADDED IN THE RIDING POSITIONS.' 
_refine.pdbx_starting_model                      'PDB ENTRY 3KIV' 
_refine.pdbx_method_to_determine_struct          'MOLECULAR REPLACEMENT' 
_refine.pdbx_isotropic_thermal_model             ? 
_refine.pdbx_stereochemistry_target_values       'MAXIMUM LIKELIHOOD' 
_refine.pdbx_stereochem_target_val_spec_case     ? 
_refine.pdbx_R_Free_selection_details            RANDOM 
_refine.pdbx_overall_ESU_R                       0.526 
_refine.pdbx_overall_ESU_R_Free                  0.235 
_refine.overall_SU_ML                            ? 
_refine.pdbx_overall_phase_error                 ? 
_refine.overall_SU_B                             ? 
_refine.overall_SU_R_Cruickshank_DPI             ? 
_refine.pdbx_overall_SU_R_free_Cruickshank_DPI   ? 
_refine.pdbx_overall_SU_R_Blow_DPI               ? 
_refine.pdbx_overall_SU_R_free_Blow_DPI          ? 
# 
_refine_hist.pdbx_refine_id                   'X-RAY DIFFRACTION' 
_refine_hist.cycle_id                         LAST 
_refine_hist.pdbx_number_atoms_protein        1258 
_refine_hist.pdbx_number_atoms_nucleic_acid   0 
_refine_hist.pdbx_number_atoms_ligand         40 
_refine_hist.number_atoms_solvent             57 
_refine_hist.number_atoms_total               1355 
_refine_hist.d_res_high                       2.10 
_refine_hist.d_res_low                        28.06 
# 
loop_
_refine_ls_restr.type 
_refine_ls_restr.dev_ideal 
_refine_ls_restr.dev_ideal_target 
_refine_ls_restr.weight 
_refine_ls_restr.number 
_refine_ls_restr.pdbx_refine_id 
_refine_ls_restr.pdbx_restraint_function 
r_bond_refined_d             0.015  0.019  ? 1351 'X-RAY DIFFRACTION' ? 
r_bond_other_d               ?      ?      ? ?    'X-RAY DIFFRACTION' ? 
r_angle_refined_deg          1.751  1.941  ? 1843 'X-RAY DIFFRACTION' ? 
r_angle_other_deg            ?      ?      ? ?    'X-RAY DIFFRACTION' ? 
r_dihedral_angle_1_deg       5.463  5.000  ? 152  'X-RAY DIFFRACTION' ? 
r_dihedral_angle_2_deg       30.215 22.174 ? 69   'X-RAY DIFFRACTION' ? 
r_dihedral_angle_3_deg       17.315 15.000 ? 186  'X-RAY DIFFRACTION' ? 
r_dihedral_angle_4_deg       18.113 15.000 ? 14   'X-RAY DIFFRACTION' ? 
r_chiral_restr               0.091  0.200  ? 175  'X-RAY DIFFRACTION' ? 
r_gen_planes_refined         0.008  0.021  ? 1098 'X-RAY DIFFRACTION' ? 
r_gen_planes_other           ?      ?      ? ?    'X-RAY DIFFRACTION' ? 
r_nbd_refined                ?      ?      ? ?    'X-RAY DIFFRACTION' ? 
r_nbd_other                  ?      ?      ? ?    'X-RAY DIFFRACTION' ? 
r_nbtor_refined              ?      ?      ? ?    'X-RAY DIFFRACTION' ? 
r_nbtor_other                ?      ?      ? ?    'X-RAY DIFFRACTION' ? 
r_xyhbond_nbd_refined        ?      ?      ? ?    'X-RAY DIFFRACTION' ? 
r_xyhbond_nbd_other          ?      ?      ? ?    'X-RAY DIFFRACTION' ? 
r_metal_ion_refined          ?      ?      ? ?    'X-RAY DIFFRACTION' ? 
r_metal_ion_other            ?      ?      ? ?    'X-RAY DIFFRACTION' ? 
r_symmetry_vdw_refined       ?      ?      ? ?    'X-RAY DIFFRACTION' ? 
r_symmetry_vdw_other         ?      ?      ? ?    'X-RAY DIFFRACTION' ? 
r_symmetry_hbond_refined     ?      ?      ? ?    'X-RAY DIFFRACTION' ? 
r_symmetry_hbond_other       ?      ?      ? ?    'X-RAY DIFFRACTION' ? 
r_symmetry_metal_ion_refined ?      ?      ? ?    'X-RAY DIFFRACTION' ? 
r_symmetry_metal_ion_other   ?      ?      ? ?    'X-RAY DIFFRACTION' ? 
r_mcbond_it                  ?      ?      ? ?    'X-RAY DIFFRACTION' ? 
r_mcbond_other               ?      ?      ? ?    'X-RAY DIFFRACTION' ? 
r_mcangle_it                 ?      ?      ? ?    'X-RAY DIFFRACTION' ? 
r_mcangle_other              ?      ?      ? ?    'X-RAY DIFFRACTION' ? 
r_scbond_it                  ?      ?      ? ?    'X-RAY DIFFRACTION' ? 
r_scbond_other               ?      ?      ? ?    'X-RAY DIFFRACTION' ? 
r_scangle_it                 ?      ?      ? ?    'X-RAY DIFFRACTION' ? 
r_scangle_other              ?      ?      ? ?    'X-RAY DIFFRACTION' ? 
r_long_range_B_refined       ?      ?      ? ?    'X-RAY DIFFRACTION' ? 
r_long_range_B_other         ?      ?      ? ?    'X-RAY DIFFRACTION' ? 
r_rigid_bond_restr           ?      ?      ? ?    'X-RAY DIFFRACTION' ? 
r_sphericity_free            ?      ?      ? ?    'X-RAY DIFFRACTION' ? 
r_sphericity_bonded          ?      ?      ? ?    'X-RAY DIFFRACTION' ? 
# 
_refine_ls_shell.pdbx_refine_id                   'X-RAY DIFFRACTION' 
_refine_ls_shell.pdbx_total_number_of_bins_used   20 
_refine_ls_shell.d_res_high                       2.100 
_refine_ls_shell.d_res_low                        2.155 
_refine_ls_shell.number_reflns_R_work             416 
_refine_ls_shell.R_factor_R_work                  0.288 
_refine_ls_shell.percent_reflns_obs               81.53 
_refine_ls_shell.R_factor_R_free                  0.378 
_refine_ls_shell.R_factor_R_free_error            ? 
_refine_ls_shell.percent_reflns_R_free            ? 
_refine_ls_shell.number_reflns_R_free             21 
_refine_ls_shell.number_reflns_all                ? 
_refine_ls_shell.R_factor_all                     ? 
# 
_struct_ncs_oper.id             1 
_struct_ncs_oper.code           given 
_struct_ncs_oper.details        ? 
_struct_ncs_oper.matrix[1][1]   -0.99770784 
_struct_ncs_oper.matrix[1][2]   -0.06492872 
_struct_ncs_oper.matrix[1][3]   -0.01882532 
_struct_ncs_oper.matrix[2][1]   -0.06484427 
_struct_ncs_oper.matrix[2][2]   0.84043077 
_struct_ncs_oper.matrix[2][3]   0.53801694 
_struct_ncs_oper.matrix[3][1]   -0.01911405 
_struct_ncs_oper.matrix[3][2]   0.53800669 
_struct_ncs_oper.matrix[3][3]   -0.84272293 
_struct_ncs_oper.vector[1]      0.57398 
_struct_ncs_oper.vector[2]      -11.65312 
_struct_ncs_oper.vector[3]      -3.20434 
# 
_struct.entry_id                  4BV5 
_struct.title                     'Identification of small molecule inhibitors selective for apo(a) kringles KIV-7, KIV-10 and KV.' 
_struct.pdbx_model_details        ? 
_struct.pdbx_CASP_flag            ? 
_struct.pdbx_model_type_details   ? 
# 
_struct_keywords.entry_id        4BV5 
_struct_keywords.pdbx_keywords   HYDROLASE 
_struct_keywords.text            'HYDROLASE, CARDIOVASCULAR DISEASE, OPTICAL BIOSENSORS' 
# 
loop_
_struct_asym.id 
_struct_asym.pdbx_blank_PDB_chainid_flag 
_struct_asym.pdbx_modified 
_struct_asym.entity_id 
_struct_asym.details 
A N N 1 ? 
B N N 1 ? 
C N N 2 ? 
D N N 2 ? 
E N N 3 ? 
F N N 3 ? 
# 
_struct_ref.id                         1 
_struct_ref.db_name                    UNP 
_struct_ref.db_code                    APOA_HUMAN 
_struct_ref.entity_id                  1 
_struct_ref.pdbx_seq_one_letter_code   ? 
_struct_ref.pdbx_align_begin           ? 
_struct_ref.pdbx_db_accession          P08519 
_struct_ref.pdbx_db_isoform            ? 
# 
loop_
_struct_ref_seq.align_id 
_struct_ref_seq.ref_id 
_struct_ref_seq.pdbx_PDB_id_code 
_struct_ref_seq.pdbx_strand_id 
_struct_ref_seq.seq_align_beg 
_struct_ref_seq.pdbx_seq_align_beg_ins_code 
_struct_ref_seq.seq_align_end 
_struct_ref_seq.pdbx_seq_align_end_ins_code 
_struct_ref_seq.pdbx_db_accession 
_struct_ref_seq.db_align_beg 
_struct_ref_seq.pdbx_db_align_beg_ins_code 
_struct_ref_seq.db_align_end 
_struct_ref_seq.pdbx_db_align_end_ins_code 
_struct_ref_seq.pdbx_auth_seq_align_beg 
_struct_ref_seq.pdbx_auth_seq_align_end 
1 1 4BV5 A 1 ? 79 ? P08519 4123 ? 4201 ? 0 80 
2 1 4BV5 B 1 ? 79 ? P08519 4123 ? 4201 ? 0 80 
# 
loop_
_struct_ref_seq_dif.align_id 
_struct_ref_seq_dif.pdbx_pdb_id_code 
_struct_ref_seq_dif.mon_id 
_struct_ref_seq_dif.pdbx_pdb_strand_id 
_struct_ref_seq_dif.seq_num 
_struct_ref_seq_dif.pdbx_pdb_ins_code 
_struct_ref_seq_dif.pdbx_seq_db_name 
_struct_ref_seq_dif.pdbx_seq_db_accession_code 
_struct_ref_seq_dif.db_mon_id 
_struct_ref_seq_dif.pdbx_seq_db_seq_num 
_struct_ref_seq_dif.details 
_struct_ref_seq_dif.pdbx_auth_seq_num 
_struct_ref_seq_dif.pdbx_ordinal 
1 4BV5 ALA A 75 ? UNP P08519 ASN 4197 'engineered mutation' 76 1 
2 4BV5 ALA B 75 ? UNP P08519 ASN 4197 'engineered mutation' 76 2 
# 
loop_
_pdbx_struct_assembly.id 
_pdbx_struct_assembly.details 
_pdbx_struct_assembly.method_details 
_pdbx_struct_assembly.oligomeric_details 
_pdbx_struct_assembly.oligomeric_count 
1 author_and_software_defined_assembly PISA monomeric 1 
2 author_and_software_defined_assembly PISA monomeric 1 
# 
loop_
_pdbx_struct_assembly_gen.assembly_id 
_pdbx_struct_assembly_gen.oper_expression 
_pdbx_struct_assembly_gen.asym_id_list 
1 1 A,C,E 
2 1 B,D,F 
# 
_pdbx_struct_oper_list.id                   1 
_pdbx_struct_oper_list.type                 'identity operation' 
_pdbx_struct_oper_list.name                 1_555 
_pdbx_struct_oper_list.symmetry_operation   x,y,z 
_pdbx_struct_oper_list.matrix[1][1]         1.0000000000 
_pdbx_struct_oper_list.matrix[1][2]         0.0000000000 
_pdbx_struct_oper_list.matrix[1][3]         0.0000000000 
_pdbx_struct_oper_list.vector[1]            0.0000000000 
_pdbx_struct_oper_list.matrix[2][1]         0.0000000000 
_pdbx_struct_oper_list.matrix[2][2]         1.0000000000 
_pdbx_struct_oper_list.matrix[2][3]         0.0000000000 
_pdbx_struct_oper_list.vector[2]            0.0000000000 
_pdbx_struct_oper_list.matrix[3][1]         0.0000000000 
_pdbx_struct_oper_list.matrix[3][2]         0.0000000000 
_pdbx_struct_oper_list.matrix[3][3]         1.0000000000 
_pdbx_struct_oper_list.vector[3]            0.0000000000 
# 
_struct_biol.id   1 
# 
loop_
_struct_conn.id 
_struct_conn.conn_type_id 
_struct_conn.pdbx_leaving_atom_flag 
_struct_conn.pdbx_PDB_id 
_struct_conn.ptnr1_label_asym_id 
_struct_conn.ptnr1_label_comp_id 
_struct_conn.ptnr1_label_seq_id 
_struct_conn.ptnr1_label_atom_id 
_struct_conn.pdbx_ptnr1_label_alt_id 
_struct_conn.pdbx_ptnr1_PDB_ins_code 
_struct_conn.pdbx_ptnr1_standard_comp_id 
_struct_conn.ptnr1_symmetry 
_struct_conn.ptnr2_label_asym_id 
_struct_conn.ptnr2_label_comp_id 
_struct_conn.ptnr2_label_seq_id 
_struct_conn.ptnr2_label_atom_id 
_struct_conn.pdbx_ptnr2_label_alt_id 
_struct_conn.pdbx_ptnr2_PDB_ins_code 
_struct_conn.ptnr1_auth_asym_id 
_struct_conn.ptnr1_auth_comp_id 
_struct_conn.ptnr1_auth_seq_id 
_struct_conn.ptnr2_auth_asym_id 
_struct_conn.ptnr2_auth_comp_id 
_struct_conn.ptnr2_auth_seq_id 
_struct_conn.ptnr2_symmetry 
_struct_conn.pdbx_ptnr3_label_atom_id 
_struct_conn.pdbx_ptnr3_label_seq_id 
_struct_conn.pdbx_ptnr3_label_comp_id 
_struct_conn.pdbx_ptnr3_label_asym_id 
_struct_conn.pdbx_ptnr3_label_alt_id 
_struct_conn.pdbx_ptnr3_PDB_ins_code 
_struct_conn.details 
_struct_conn.pdbx_dist_value 
_struct_conn.pdbx_value_order 
_struct_conn.pdbx_role 
disulf1 disulf ? ? A CYS 2  SG ? ? ? 1_555 A CYS 79 SG ? ? A CYS 1  A CYS 80 1_555 ? ? ? ? ? ? ? 2.040 ? ? 
disulf2 disulf ? ? A CYS 23 SG ? ? ? 1_555 A CYS 62 SG ? ? A CYS 22 A CYS 63 1_555 ? ? ? ? ? ? ? 2.011 ? ? 
disulf3 disulf ? ? A CYS 51 SG ? ? ? 1_555 A CYS 74 SG ? ? A CYS 51 A CYS 75 1_555 ? ? ? ? ? ? ? 2.025 ? ? 
disulf4 disulf ? ? B CYS 2  SG ? ? ? 1_555 B CYS 79 SG ? ? B CYS 1  B CYS 80 1_555 ? ? ? ? ? ? ? 2.053 ? ? 
disulf5 disulf ? ? B CYS 23 SG ? ? ? 1_555 B CYS 62 SG ? ? B CYS 22 B CYS 63 1_555 ? ? ? ? ? ? ? 2.005 ? ? 
disulf6 disulf ? ? B CYS 51 SG ? ? ? 1_555 B CYS 74 SG ? ? B CYS 51 B CYS 75 1_555 ? ? ? ? ? ? ? 2.023 ? ? 
# 
_struct_conn_type.id          disulf 
_struct_conn_type.criteria    ? 
_struct_conn_type.reference   ? 
# 
loop_
_pdbx_modification_feature.ordinal 
_pdbx_modification_feature.label_comp_id 
_pdbx_modification_feature.label_asym_id 
_pdbx_modification_feature.label_seq_id 
_pdbx_modification_feature.label_alt_id 
_pdbx_modification_feature.modified_residue_label_comp_id 
_pdbx_modification_feature.modified_residue_label_asym_id 
_pdbx_modification_feature.modified_residue_label_seq_id 
_pdbx_modification_feature.modified_residue_label_alt_id 
_pdbx_modification_feature.auth_comp_id 
_pdbx_modification_feature.auth_asym_id 
_pdbx_modification_feature.auth_seq_id 
_pdbx_modification_feature.PDB_ins_code 
_pdbx_modification_feature.symmetry 
_pdbx_modification_feature.modified_residue_auth_comp_id 
_pdbx_modification_feature.modified_residue_auth_asym_id 
_pdbx_modification_feature.modified_residue_auth_seq_id 
_pdbx_modification_feature.modified_residue_PDB_ins_code 
_pdbx_modification_feature.modified_residue_symmetry 
_pdbx_modification_feature.comp_id_linking_atom 
_pdbx_modification_feature.modified_residue_id_linking_atom 
_pdbx_modification_feature.modified_residue_id 
_pdbx_modification_feature.ref_pcm_id 
_pdbx_modification_feature.ref_comp_id 
_pdbx_modification_feature.type 
_pdbx_modification_feature.category 
1 CYS A 2  ? CYS A 79 ? CYS A 1  ? 1_555 CYS A 80 ? 1_555 SG SG . . . None 'Disulfide bridge' 
2 CYS A 23 ? CYS A 62 ? CYS A 22 ? 1_555 CYS A 63 ? 1_555 SG SG . . . None 'Disulfide bridge' 
3 CYS A 51 ? CYS A 74 ? CYS A 51 ? 1_555 CYS A 75 ? 1_555 SG SG . . . None 'Disulfide bridge' 
4 CYS B 2  ? CYS B 79 ? CYS B 1  ? 1_555 CYS B 80 ? 1_555 SG SG . . . None 'Disulfide bridge' 
5 CYS B 23 ? CYS B 62 ? CYS B 22 ? 1_555 CYS B 63 ? 1_555 SG SG . . . None 'Disulfide bridge' 
6 CYS B 51 ? CYS B 74 ? CYS B 51 ? 1_555 CYS B 75 ? 1_555 SG SG . . . None 'Disulfide bridge' 
# 
loop_
_struct_mon_prot_cis.pdbx_id 
_struct_mon_prot_cis.label_comp_id 
_struct_mon_prot_cis.label_seq_id 
_struct_mon_prot_cis.label_asym_id 
_struct_mon_prot_cis.label_alt_id 
_struct_mon_prot_cis.pdbx_PDB_ins_code 
_struct_mon_prot_cis.auth_comp_id 
_struct_mon_prot_cis.auth_seq_id 
_struct_mon_prot_cis.auth_asym_id 
_struct_mon_prot_cis.pdbx_label_comp_id_2 
_struct_mon_prot_cis.pdbx_label_seq_id_2 
_struct_mon_prot_cis.pdbx_label_asym_id_2 
_struct_mon_prot_cis.pdbx_PDB_ins_code_2 
_struct_mon_prot_cis.pdbx_auth_comp_id_2 
_struct_mon_prot_cis.pdbx_auth_seq_id_2 
_struct_mon_prot_cis.pdbx_auth_asym_id_2 
_struct_mon_prot_cis.pdbx_PDB_model_num 
_struct_mon_prot_cis.pdbx_omega_angle 
1 THR 30 A . ? THR 29 A PRO 31 A ? PRO 30 A 1 6.10 
2 THR 30 B . ? THR 29 B PRO 31 B ? PRO 30 B 1 1.57 
# 
loop_
_struct_sheet.id 
_struct_sheet.type 
_struct_sheet.number_strands 
_struct_sheet.details 
AA ? 2 ? 
BA ? 2 ? 
# 
loop_
_struct_sheet_order.sheet_id 
_struct_sheet_order.range_id_1 
_struct_sheet_order.range_id_2 
_struct_sheet_order.offset 
_struct_sheet_order.sense 
AA 1 2 ? anti-parallel 
BA 1 2 ? anti-parallel 
# 
loop_
_struct_sheet_range.sheet_id 
_struct_sheet_range.id 
_struct_sheet_range.beg_label_comp_id 
_struct_sheet_range.beg_label_asym_id 
_struct_sheet_range.beg_label_seq_id 
_struct_sheet_range.pdbx_beg_PDB_ins_code 
_struct_sheet_range.end_label_comp_id 
_struct_sheet_range.end_label_asym_id 
_struct_sheet_range.end_label_seq_id 
_struct_sheet_range.pdbx_end_PDB_ins_code 
_struct_sheet_range.beg_auth_comp_id 
_struct_sheet_range.beg_auth_asym_id 
_struct_sheet_range.beg_auth_seq_id 
_struct_sheet_range.end_auth_comp_id 
_struct_sheet_range.end_auth_asym_id 
_struct_sheet_range.end_auth_seq_id 
AA 1 TRP A 61 ? PHE A 63 ? TRP A 62 PHE A 64 
AA 2 TRP A 71 ? TYR A 73 ? TRP A 72 TYR A 74 
BA 1 TRP B 61 ? PHE B 63 ? TRP B 62 PHE B 64 
BA 2 TRP B 71 ? TYR B 73 ? TRP B 72 TYR B 74 
# 
loop_
_pdbx_struct_sheet_hbond.sheet_id 
_pdbx_struct_sheet_hbond.range_id_1 
_pdbx_struct_sheet_hbond.range_id_2 
_pdbx_struct_sheet_hbond.range_1_label_atom_id 
_pdbx_struct_sheet_hbond.range_1_label_comp_id 
_pdbx_struct_sheet_hbond.range_1_label_asym_id 
_pdbx_struct_sheet_hbond.range_1_label_seq_id 
_pdbx_struct_sheet_hbond.range_1_PDB_ins_code 
_pdbx_struct_sheet_hbond.range_1_auth_atom_id 
_pdbx_struct_sheet_hbond.range_1_auth_comp_id 
_pdbx_struct_sheet_hbond.range_1_auth_asym_id 
_pdbx_struct_sheet_hbond.range_1_auth_seq_id 
_pdbx_struct_sheet_hbond.range_2_label_atom_id 
_pdbx_struct_sheet_hbond.range_2_label_comp_id 
_pdbx_struct_sheet_hbond.range_2_label_asym_id 
_pdbx_struct_sheet_hbond.range_2_label_seq_id 
_pdbx_struct_sheet_hbond.range_2_PDB_ins_code 
_pdbx_struct_sheet_hbond.range_2_auth_atom_id 
_pdbx_struct_sheet_hbond.range_2_auth_comp_id 
_pdbx_struct_sheet_hbond.range_2_auth_asym_id 
_pdbx_struct_sheet_hbond.range_2_auth_seq_id 
AA 1 2 N CYS A 62 ? N CYS A 63 O GLU A 72 ? O GLU A 73 
BA 1 2 N CYS B 62 ? N CYS B 63 O GLU B 72 ? O GLU B 73 
# 
loop_
_struct_site.id 
_struct_site.pdbx_evidence_code 
_struct_site.pdbx_auth_asym_id 
_struct_site.pdbx_auth_comp_id 
_struct_site.pdbx_auth_seq_id 
_struct_site.pdbx_auth_ins_code 
_struct_site.pdbx_num_residues 
_struct_site.details 
AC1 Software A 5C3 1081 ? 12 'BINDING SITE FOR RESIDUE 5C3 A 1081' 
AC2 Software B 5C3 1081 ? 11 'BINDING SITE FOR RESIDUE 5C3 B 1081' 
# 
loop_
_struct_site_gen.id 
_struct_site_gen.site_id 
_struct_site_gen.pdbx_num_res 
_struct_site_gen.label_comp_id 
_struct_site_gen.label_asym_id 
_struct_site_gen.label_seq_id 
_struct_site_gen.pdbx_auth_ins_code 
_struct_site_gen.auth_comp_id 
_struct_site_gen.auth_asym_id 
_struct_site_gen.auth_seq_id 
_struct_site_gen.label_atom_id 
_struct_site_gen.label_alt_id 
_struct_site_gen.symmetry 
_struct_site_gen.details 
1  AC1 12 HIS A 34 ? HIS A 33 . ? 1_555 ? 
2  AC1 12 GLN A 35 ? GLN A 34 . ? 1_555 ? 
3  AC1 12 ARG A 36 ? ARG A 35 . ? 1_555 ? 
4  AC1 12 ASP A 55 ? ASP A 55 . ? 1_555 ? 
5  AC1 12 ASP A 57 ? ASP A 57 . ? 1_555 ? 
6  AC1 12 TRP A 61 ? TRP A 62 . ? 1_555 ? 
7  AC1 12 PHE A 63 ? PHE A 64 . ? 1_555 ? 
8  AC1 12 ARG A 70 ? ARG A 71 . ? 1_555 ? 
9  AC1 12 TRP A 71 ? TRP A 72 . ? 1_555 ? 
10 AC1 12 ASP B 66 ? ASP B 67 . ? 1_655 ? 
11 AC1 12 PRO B 67 ? PRO B 68 . ? 1_655 ? 
12 AC1 12 SER B 68 ? SER B 69 . ? 1_655 ? 
13 AC2 11 ASP A 66 ? ASP A 67 . ? 1_555 ? 
14 AC2 11 PRO A 67 ? PRO A 68 . ? 1_555 ? 
15 AC2 11 SER A 68 ? SER A 69 . ? 1_555 ? 
16 AC2 11 HIS B 34 ? HIS B 33 . ? 1_555 ? 
17 AC2 11 GLN B 35 ? GLN B 34 . ? 1_555 ? 
18 AC2 11 ARG B 36 ? ARG B 35 . ? 1_555 ? 
19 AC2 11 ASP B 55 ? ASP B 55 . ? 1_555 ? 
20 AC2 11 ASP B 57 ? ASP B 57 . ? 1_555 ? 
21 AC2 11 TRP B 61 ? TRP B 62 . ? 1_555 ? 
22 AC2 11 ARG B 70 ? ARG B 71 . ? 1_555 ? 
23 AC2 11 TRP B 71 ? TRP B 72 . ? 1_555 ? 
# 
_pdbx_entry_details.entry_id                   4BV5 
_pdbx_entry_details.compound_details           ? 
_pdbx_entry_details.source_details             ? 
_pdbx_entry_details.nonpolymer_details         ? 
_pdbx_entry_details.sequence_details           'KRINGLE IV-10 DOMAIN, N76A MUTATION' 
_pdbx_entry_details.has_ligand_of_interest     ? 
_pdbx_entry_details.has_protein_modification   Y 
# 
_pdbx_validate_rmsd_bond.id                        1 
_pdbx_validate_rmsd_bond.PDB_model_num             1 
_pdbx_validate_rmsd_bond.auth_atom_id_1            N 
_pdbx_validate_rmsd_bond.auth_asym_id_1            A 
_pdbx_validate_rmsd_bond.auth_comp_id_1            GLU 
_pdbx_validate_rmsd_bond.auth_seq_id_1             39 
_pdbx_validate_rmsd_bond.PDB_ins_code_1            ? 
_pdbx_validate_rmsd_bond.label_alt_id_1            ? 
_pdbx_validate_rmsd_bond.auth_atom_id_2            CA 
_pdbx_validate_rmsd_bond.auth_asym_id_2            A 
_pdbx_validate_rmsd_bond.auth_comp_id_2            GLU 
_pdbx_validate_rmsd_bond.auth_seq_id_2             39 
_pdbx_validate_rmsd_bond.PDB_ins_code_2            ? 
_pdbx_validate_rmsd_bond.label_alt_id_2            A 
_pdbx_validate_rmsd_bond.bond_value                1.611 
_pdbx_validate_rmsd_bond.bond_target_value         1.459 
_pdbx_validate_rmsd_bond.bond_deviation            0.152 
_pdbx_validate_rmsd_bond.bond_standard_deviation   0.020 
_pdbx_validate_rmsd_bond.linker_flag               N 
# 
loop_
_pdbx_validate_torsion.id 
_pdbx_validate_torsion.PDB_model_num 
_pdbx_validate_torsion.auth_comp_id 
_pdbx_validate_torsion.auth_asym_id 
_pdbx_validate_torsion.auth_seq_id 
_pdbx_validate_torsion.PDB_ins_code 
_pdbx_validate_torsion.label_alt_id 
_pdbx_validate_torsion.phi 
_pdbx_validate_torsion.psi 
1 1 SER A 14 ? ? -143.11 37.50   
2 1 ARG A 35 ? ? -103.62 59.59   
3 1 TYR A 41 ? ? -119.15 75.01   
4 1 MET A 48 ? ? 53.13   -131.53 
5 1 ARG B 10 ? ? -140.96 19.22   
6 1 SER B 14 ? ? -140.28 38.77   
7 1 ARG B 35 ? ? -98.54  54.48   
8 1 MET B 48 ? ? 48.50   -127.67 
# 
_pdbx_validate_main_chain_plane.id                       1 
_pdbx_validate_main_chain_plane.PDB_model_num            1 
_pdbx_validate_main_chain_plane.auth_comp_id             GLU 
_pdbx_validate_main_chain_plane.auth_asym_id             A 
_pdbx_validate_main_chain_plane.auth_seq_id              39 
_pdbx_validate_main_chain_plane.PDB_ins_code             ? 
_pdbx_validate_main_chain_plane.label_alt_id             B 
_pdbx_validate_main_chain_plane.improper_torsion_angle   -13.27 
# 
loop_
_pdbx_unobs_or_zero_occ_residues.id 
_pdbx_unobs_or_zero_occ_residues.PDB_model_num 
_pdbx_unobs_or_zero_occ_residues.polymer_flag 
_pdbx_unobs_or_zero_occ_residues.occupancy_flag 
_pdbx_unobs_or_zero_occ_residues.auth_asym_id 
_pdbx_unobs_or_zero_occ_residues.auth_comp_id 
_pdbx_unobs_or_zero_occ_residues.auth_seq_id 
_pdbx_unobs_or_zero_occ_residues.PDB_ins_code 
_pdbx_unobs_or_zero_occ_residues.label_asym_id 
_pdbx_unobs_or_zero_occ_residues.label_comp_id 
_pdbx_unobs_or_zero_occ_residues.label_seq_id 
1 1 Y 1 A GLN 0 ? A GLN 1 
2 1 Y 1 B GLN 0 ? B GLN 1 
# 
loop_
_chem_comp_atom.comp_id 
_chem_comp_atom.atom_id 
_chem_comp_atom.type_symbol 
_chem_comp_atom.pdbx_aromatic_flag 
_chem_comp_atom.pdbx_stereo_config 
_chem_comp_atom.pdbx_ordinal 
5C3 C01  C Y N 1   
5C3 C02  C Y N 2   
5C3 C03  C Y N 3   
5C3 C04  C Y N 4   
5C3 C05  C Y N 5   
5C3 C06  C Y N 6   
5C3 O08  O N N 7   
5C3 N09  N N N 8   
5C3 C10  C N N 9   
5C3 S11  S N N 10  
5C3 NP2  N N N 11  
5C3 O13  O N N 12  
5C3 O14  O N N 13  
5C3 C15  C N N 14  
5C3 C16  C N N 15  
5C3 C17  C N N 16  
5C3 C18  C N N 17  
5C3 C19  C N N 18  
5C3 C11  C N N 19  
5C3 C20  C N N 20  
5C3 H01  H N N 21  
5C3 H02  H N N 22  
5C3 H06  H N N 23  
5C3 H04  H N N 24  
5C3 H05  H N N 25  
5C3 H091 H N N 26  
5C3 H092 H N N 27  
5C3 H101 H N N 28  
5C3 H102 H N N 29  
5C3 H15  H N N 30  
5C3 HP2  H N N 31  
5C3 H161 H N N 32  
5C3 H162 H N N 33  
5C3 H201 H N N 34  
5C3 H202 H N N 35  
5C3 H171 H N N 36  
5C3 H172 H N N 37  
5C3 H18  H N N 38  
5C3 H191 H N N 39  
5C3 H192 H N N 40  
ALA N    N N N 41  
ALA CA   C N S 42  
ALA C    C N N 43  
ALA O    O N N 44  
ALA CB   C N N 45  
ALA OXT  O N N 46  
ALA H    H N N 47  
ALA H2   H N N 48  
ALA HA   H N N 49  
ALA HB1  H N N 50  
ALA HB2  H N N 51  
ALA HB3  H N N 52  
ALA HXT  H N N 53  
ARG N    N N N 54  
ARG CA   C N S 55  
ARG C    C N N 56  
ARG O    O N N 57  
ARG CB   C N N 58  
ARG CG   C N N 59  
ARG CD   C N N 60  
ARG NE   N N N 61  
ARG CZ   C N N 62  
ARG NH1  N N N 63  
ARG NH2  N N N 64  
ARG OXT  O N N 65  
ARG H    H N N 66  
ARG H2   H N N 67  
ARG HA   H N N 68  
ARG HB2  H N N 69  
ARG HB3  H N N 70  
ARG HG2  H N N 71  
ARG HG3  H N N 72  
ARG HD2  H N N 73  
ARG HD3  H N N 74  
ARG HE   H N N 75  
ARG HH11 H N N 76  
ARG HH12 H N N 77  
ARG HH21 H N N 78  
ARG HH22 H N N 79  
ARG HXT  H N N 80  
ASN N    N N N 81  
ASN CA   C N S 82  
ASN C    C N N 83  
ASN O    O N N 84  
ASN CB   C N N 85  
ASN CG   C N N 86  
ASN OD1  O N N 87  
ASN ND2  N N N 88  
ASN OXT  O N N 89  
ASN H    H N N 90  
ASN H2   H N N 91  
ASN HA   H N N 92  
ASN HB2  H N N 93  
ASN HB3  H N N 94  
ASN HD21 H N N 95  
ASN HD22 H N N 96  
ASN HXT  H N N 97  
ASP N    N N N 98  
ASP CA   C N S 99  
ASP C    C N N 100 
ASP O    O N N 101 
ASP CB   C N N 102 
ASP CG   C N N 103 
ASP OD1  O N N 104 
ASP OD2  O N N 105 
ASP OXT  O N N 106 
ASP H    H N N 107 
ASP H2   H N N 108 
ASP HA   H N N 109 
ASP HB2  H N N 110 
ASP HB3  H N N 111 
ASP HD2  H N N 112 
ASP HXT  H N N 113 
CYS N    N N N 114 
CYS CA   C N R 115 
CYS C    C N N 116 
CYS O    O N N 117 
CYS CB   C N N 118 
CYS SG   S N N 119 
CYS OXT  O N N 120 
CYS H    H N N 121 
CYS H2   H N N 122 
CYS HA   H N N 123 
CYS HB2  H N N 124 
CYS HB3  H N N 125 
CYS HG   H N N 126 
CYS HXT  H N N 127 
GLN N    N N N 128 
GLN CA   C N S 129 
GLN C    C N N 130 
GLN O    O N N 131 
GLN CB   C N N 132 
GLN CG   C N N 133 
GLN CD   C N N 134 
GLN OE1  O N N 135 
GLN NE2  N N N 136 
GLN OXT  O N N 137 
GLN H    H N N 138 
GLN H2   H N N 139 
GLN HA   H N N 140 
GLN HB2  H N N 141 
GLN HB3  H N N 142 
GLN HG2  H N N 143 
GLN HG3  H N N 144 
GLN HE21 H N N 145 
GLN HE22 H N N 146 
GLN HXT  H N N 147 
GLU N    N N N 148 
GLU CA   C N S 149 
GLU C    C N N 150 
GLU O    O N N 151 
GLU CB   C N N 152 
GLU CG   C N N 153 
GLU CD   C N N 154 
GLU OE1  O N N 155 
GLU OE2  O N N 156 
GLU OXT  O N N 157 
GLU H    H N N 158 
GLU H2   H N N 159 
GLU HA   H N N 160 
GLU HB2  H N N 161 
GLU HB3  H N N 162 
GLU HG2  H N N 163 
GLU HG3  H N N 164 
GLU HE2  H N N 165 
GLU HXT  H N N 166 
GLY N    N N N 167 
GLY CA   C N N 168 
GLY C    C N N 169 
GLY O    O N N 170 
GLY OXT  O N N 171 
GLY H    H N N 172 
GLY H2   H N N 173 
GLY HA2  H N N 174 
GLY HA3  H N N 175 
GLY HXT  H N N 176 
HIS N    N N N 177 
HIS CA   C N S 178 
HIS C    C N N 179 
HIS O    O N N 180 
HIS CB   C N N 181 
HIS CG   C Y N 182 
HIS ND1  N Y N 183 
HIS CD2  C Y N 184 
HIS CE1  C Y N 185 
HIS NE2  N Y N 186 
HIS OXT  O N N 187 
HIS H    H N N 188 
HIS H2   H N N 189 
HIS HA   H N N 190 
HIS HB2  H N N 191 
HIS HB3  H N N 192 
HIS HD1  H N N 193 
HIS HD2  H N N 194 
HIS HE1  H N N 195 
HIS HE2  H N N 196 
HIS HXT  H N N 197 
HOH O    O N N 198 
HOH H1   H N N 199 
HOH H2   H N N 200 
ILE N    N N N 201 
ILE CA   C N S 202 
ILE C    C N N 203 
ILE O    O N N 204 
ILE CB   C N S 205 
ILE CG1  C N N 206 
ILE CG2  C N N 207 
ILE CD1  C N N 208 
ILE OXT  O N N 209 
ILE H    H N N 210 
ILE H2   H N N 211 
ILE HA   H N N 212 
ILE HB   H N N 213 
ILE HG12 H N N 214 
ILE HG13 H N N 215 
ILE HG21 H N N 216 
ILE HG22 H N N 217 
ILE HG23 H N N 218 
ILE HD11 H N N 219 
ILE HD12 H N N 220 
ILE HD13 H N N 221 
ILE HXT  H N N 222 
LEU N    N N N 223 
LEU CA   C N S 224 
LEU C    C N N 225 
LEU O    O N N 226 
LEU CB   C N N 227 
LEU CG   C N N 228 
LEU CD1  C N N 229 
LEU CD2  C N N 230 
LEU OXT  O N N 231 
LEU H    H N N 232 
LEU H2   H N N 233 
LEU HA   H N N 234 
LEU HB2  H N N 235 
LEU HB3  H N N 236 
LEU HG   H N N 237 
LEU HD11 H N N 238 
LEU HD12 H N N 239 
LEU HD13 H N N 240 
LEU HD21 H N N 241 
LEU HD22 H N N 242 
LEU HD23 H N N 243 
LEU HXT  H N N 244 
MET N    N N N 245 
MET CA   C N S 246 
MET C    C N N 247 
MET O    O N N 248 
MET CB   C N N 249 
MET CG   C N N 250 
MET SD   S N N 251 
MET CE   C N N 252 
MET OXT  O N N 253 
MET H    H N N 254 
MET H2   H N N 255 
MET HA   H N N 256 
MET HB2  H N N 257 
MET HB3  H N N 258 
MET HG2  H N N 259 
MET HG3  H N N 260 
MET HE1  H N N 261 
MET HE2  H N N 262 
MET HE3  H N N 263 
MET HXT  H N N 264 
PHE N    N N N 265 
PHE CA   C N S 266 
PHE C    C N N 267 
PHE O    O N N 268 
PHE CB   C N N 269 
PHE CG   C Y N 270 
PHE CD1  C Y N 271 
PHE CD2  C Y N 272 
PHE CE1  C Y N 273 
PHE CE2  C Y N 274 
PHE CZ   C Y N 275 
PHE OXT  O N N 276 
PHE H    H N N 277 
PHE H2   H N N 278 
PHE HA   H N N 279 
PHE HB2  H N N 280 
PHE HB3  H N N 281 
PHE HD1  H N N 282 
PHE HD2  H N N 283 
PHE HE1  H N N 284 
PHE HE2  H N N 285 
PHE HZ   H N N 286 
PHE HXT  H N N 287 
PRO N    N N N 288 
PRO CA   C N S 289 
PRO C    C N N 290 
PRO O    O N N 291 
PRO CB   C N N 292 
PRO CG   C N N 293 
PRO CD   C N N 294 
PRO OXT  O N N 295 
PRO H    H N N 296 
PRO HA   H N N 297 
PRO HB2  H N N 298 
PRO HB3  H N N 299 
PRO HG2  H N N 300 
PRO HG3  H N N 301 
PRO HD2  H N N 302 
PRO HD3  H N N 303 
PRO HXT  H N N 304 
SER N    N N N 305 
SER CA   C N S 306 
SER C    C N N 307 
SER O    O N N 308 
SER CB   C N N 309 
SER OG   O N N 310 
SER OXT  O N N 311 
SER H    H N N 312 
SER H2   H N N 313 
SER HA   H N N 314 
SER HB2  H N N 315 
SER HB3  H N N 316 
SER HG   H N N 317 
SER HXT  H N N 318 
THR N    N N N 319 
THR CA   C N S 320 
THR C    C N N 321 
THR O    O N N 322 
THR CB   C N R 323 
THR OG1  O N N 324 
THR CG2  C N N 325 
THR OXT  O N N 326 
THR H    H N N 327 
THR H2   H N N 328 
THR HA   H N N 329 
THR HB   H N N 330 
THR HG1  H N N 331 
THR HG21 H N N 332 
THR HG22 H N N 333 
THR HG23 H N N 334 
THR HXT  H N N 335 
TRP N    N N N 336 
TRP CA   C N S 337 
TRP C    C N N 338 
TRP O    O N N 339 
TRP CB   C N N 340 
TRP CG   C Y N 341 
TRP CD1  C Y N 342 
TRP CD2  C Y N 343 
TRP NE1  N Y N 344 
TRP CE2  C Y N 345 
TRP CE3  C Y N 346 
TRP CZ2  C Y N 347 
TRP CZ3  C Y N 348 
TRP CH2  C Y N 349 
TRP OXT  O N N 350 
TRP H    H N N 351 
TRP H2   H N N 352 
TRP HA   H N N 353 
TRP HB2  H N N 354 
TRP HB3  H N N 355 
TRP HD1  H N N 356 
TRP HE1  H N N 357 
TRP HE3  H N N 358 
TRP HZ2  H N N 359 
TRP HZ3  H N N 360 
TRP HH2  H N N 361 
TRP HXT  H N N 362 
TYR N    N N N 363 
TYR CA   C N S 364 
TYR C    C N N 365 
TYR O    O N N 366 
TYR CB   C N N 367 
TYR CG   C Y N 368 
TYR CD1  C Y N 369 
TYR CD2  C Y N 370 
TYR CE1  C Y N 371 
TYR CE2  C Y N 372 
TYR CZ   C Y N 373 
TYR OH   O N N 374 
TYR OXT  O N N 375 
TYR H    H N N 376 
TYR H2   H N N 377 
TYR HA   H N N 378 
TYR HB2  H N N 379 
TYR HB3  H N N 380 
TYR HD1  H N N 381 
TYR HD2  H N N 382 
TYR HE1  H N N 383 
TYR HE2  H N N 384 
TYR HH   H N N 385 
TYR HXT  H N N 386 
VAL N    N N N 387 
VAL CA   C N S 388 
VAL C    C N N 389 
VAL O    O N N 390 
VAL CB   C N N 391 
VAL CG1  C N N 392 
VAL CG2  C N N 393 
VAL OXT  O N N 394 
VAL H    H N N 395 
VAL H2   H N N 396 
VAL HA   H N N 397 
VAL HB   H N N 398 
VAL HG11 H N N 399 
VAL HG12 H N N 400 
VAL HG13 H N N 401 
VAL HG21 H N N 402 
VAL HG22 H N N 403 
VAL HG23 H N N 404 
VAL HXT  H N N 405 
# 
loop_
_chem_comp_bond.comp_id 
_chem_comp_bond.atom_id_1 
_chem_comp_bond.atom_id_2 
_chem_comp_bond.value_order 
_chem_comp_bond.pdbx_aromatic_flag 
_chem_comp_bond.pdbx_stereo_config 
_chem_comp_bond.pdbx_ordinal 
5C3 C01 C02  sing Y N 1   
5C3 C01 C06  doub Y N 2   
5C3 C02 C03  doub Y N 3   
5C3 C03 C04  sing Y N 4   
5C3 C03 S11  sing N N 5   
5C3 C04 C05  doub Y N 6   
5C3 C05 C06  sing Y N 7   
5C3 O08 C11  doub N N 8   
5C3 N09 C10  sing N N 9   
5C3 C10 C15  sing N N 10  
5C3 S11 NP2  sing N N 11  
5C3 S11 O13  doub N N 12  
5C3 S11 O14  doub N N 13  
5C3 NP2 C11  sing N N 14  
5C3 C15 C16  sing N N 15  
5C3 C15 C20  sing N N 16  
5C3 C16 C17  sing N N 17  
5C3 C17 C18  sing N N 18  
5C3 C18 C19  sing N N 19  
5C3 C18 C11  sing N N 20  
5C3 C19 C20  sing N N 21  
5C3 C01 H01  sing N N 22  
5C3 C02 H02  sing N N 23  
5C3 C06 H06  sing N N 24  
5C3 C04 H04  sing N N 25  
5C3 C05 H05  sing N N 26  
5C3 N09 H091 sing N N 27  
5C3 N09 H092 sing N N 28  
5C3 C10 H101 sing N N 29  
5C3 C10 H102 sing N N 30  
5C3 C15 H15  sing N N 31  
5C3 NP2 HP2  sing N N 32  
5C3 C16 H161 sing N N 33  
5C3 C16 H162 sing N N 34  
5C3 C20 H201 sing N N 35  
5C3 C20 H202 sing N N 36  
5C3 C17 H171 sing N N 37  
5C3 C17 H172 sing N N 38  
5C3 C18 H18  sing N N 39  
5C3 C19 H191 sing N N 40  
5C3 C19 H192 sing N N 41  
ALA N   CA   sing N N 42  
ALA N   H    sing N N 43  
ALA N   H2   sing N N 44  
ALA CA  C    sing N N 45  
ALA CA  CB   sing N N 46  
ALA CA  HA   sing N N 47  
ALA C   O    doub N N 48  
ALA C   OXT  sing N N 49  
ALA CB  HB1  sing N N 50  
ALA CB  HB2  sing N N 51  
ALA CB  HB3  sing N N 52  
ALA OXT HXT  sing N N 53  
ARG N   CA   sing N N 54  
ARG N   H    sing N N 55  
ARG N   H2   sing N N 56  
ARG CA  C    sing N N 57  
ARG CA  CB   sing N N 58  
ARG CA  HA   sing N N 59  
ARG C   O    doub N N 60  
ARG C   OXT  sing N N 61  
ARG CB  CG   sing N N 62  
ARG CB  HB2  sing N N 63  
ARG CB  HB3  sing N N 64  
ARG CG  CD   sing N N 65  
ARG CG  HG2  sing N N 66  
ARG CG  HG3  sing N N 67  
ARG CD  NE   sing N N 68  
ARG CD  HD2  sing N N 69  
ARG CD  HD3  sing N N 70  
ARG NE  CZ   sing N N 71  
ARG NE  HE   sing N N 72  
ARG CZ  NH1  sing N N 73  
ARG CZ  NH2  doub N N 74  
ARG NH1 HH11 sing N N 75  
ARG NH1 HH12 sing N N 76  
ARG NH2 HH21 sing N N 77  
ARG NH2 HH22 sing N N 78  
ARG OXT HXT  sing N N 79  
ASN N   CA   sing N N 80  
ASN N   H    sing N N 81  
ASN N   H2   sing N N 82  
ASN CA  C    sing N N 83  
ASN CA  CB   sing N N 84  
ASN CA  HA   sing N N 85  
ASN C   O    doub N N 86  
ASN C   OXT  sing N N 87  
ASN CB  CG   sing N N 88  
ASN CB  HB2  sing N N 89  
ASN CB  HB3  sing N N 90  
ASN CG  OD1  doub N N 91  
ASN CG  ND2  sing N N 92  
ASN ND2 HD21 sing N N 93  
ASN ND2 HD22 sing N N 94  
ASN OXT HXT  sing N N 95  
ASP N   CA   sing N N 96  
ASP N   H    sing N N 97  
ASP N   H2   sing N N 98  
ASP CA  C    sing N N 99  
ASP CA  CB   sing N N 100 
ASP CA  HA   sing N N 101 
ASP C   O    doub N N 102 
ASP C   OXT  sing N N 103 
ASP CB  CG   sing N N 104 
ASP CB  HB2  sing N N 105 
ASP CB  HB3  sing N N 106 
ASP CG  OD1  doub N N 107 
ASP CG  OD2  sing N N 108 
ASP OD2 HD2  sing N N 109 
ASP OXT HXT  sing N N 110 
CYS N   CA   sing N N 111 
CYS N   H    sing N N 112 
CYS N   H2   sing N N 113 
CYS CA  C    sing N N 114 
CYS CA  CB   sing N N 115 
CYS CA  HA   sing N N 116 
CYS C   O    doub N N 117 
CYS C   OXT  sing N N 118 
CYS CB  SG   sing N N 119 
CYS CB  HB2  sing N N 120 
CYS CB  HB3  sing N N 121 
CYS SG  HG   sing N N 122 
CYS OXT HXT  sing N N 123 
GLN N   CA   sing N N 124 
GLN N   H    sing N N 125 
GLN N   H2   sing N N 126 
GLN CA  C    sing N N 127 
GLN CA  CB   sing N N 128 
GLN CA  HA   sing N N 129 
GLN C   O    doub N N 130 
GLN C   OXT  sing N N 131 
GLN CB  CG   sing N N 132 
GLN CB  HB2  sing N N 133 
GLN CB  HB3  sing N N 134 
GLN CG  CD   sing N N 135 
GLN CG  HG2  sing N N 136 
GLN CG  HG3  sing N N 137 
GLN CD  OE1  doub N N 138 
GLN CD  NE2  sing N N 139 
GLN NE2 HE21 sing N N 140 
GLN NE2 HE22 sing N N 141 
GLN OXT HXT  sing N N 142 
GLU N   CA   sing N N 143 
GLU N   H    sing N N 144 
GLU N   H2   sing N N 145 
GLU CA  C    sing N N 146 
GLU CA  CB   sing N N 147 
GLU CA  HA   sing N N 148 
GLU C   O    doub N N 149 
GLU C   OXT  sing N N 150 
GLU CB  CG   sing N N 151 
GLU CB  HB2  sing N N 152 
GLU CB  HB3  sing N N 153 
GLU CG  CD   sing N N 154 
GLU CG  HG2  sing N N 155 
GLU CG  HG3  sing N N 156 
GLU CD  OE1  doub N N 157 
GLU CD  OE2  sing N N 158 
GLU OE2 HE2  sing N N 159 
GLU OXT HXT  sing N N 160 
GLY N   CA   sing N N 161 
GLY N   H    sing N N 162 
GLY N   H2   sing N N 163 
GLY CA  C    sing N N 164 
GLY CA  HA2  sing N N 165 
GLY CA  HA3  sing N N 166 
GLY C   O    doub N N 167 
GLY C   OXT  sing N N 168 
GLY OXT HXT  sing N N 169 
HIS N   CA   sing N N 170 
HIS N   H    sing N N 171 
HIS N   H2   sing N N 172 
HIS CA  C    sing N N 173 
HIS CA  CB   sing N N 174 
HIS CA  HA   sing N N 175 
HIS C   O    doub N N 176 
HIS C   OXT  sing N N 177 
HIS CB  CG   sing N N 178 
HIS CB  HB2  sing N N 179 
HIS CB  HB3  sing N N 180 
HIS CG  ND1  sing Y N 181 
HIS CG  CD2  doub Y N 182 
HIS ND1 CE1  doub Y N 183 
HIS ND1 HD1  sing N N 184 
HIS CD2 NE2  sing Y N 185 
HIS CD2 HD2  sing N N 186 
HIS CE1 NE2  sing Y N 187 
HIS CE1 HE1  sing N N 188 
HIS NE2 HE2  sing N N 189 
HIS OXT HXT  sing N N 190 
HOH O   H1   sing N N 191 
HOH O   H2   sing N N 192 
ILE N   CA   sing N N 193 
ILE N   H    sing N N 194 
ILE N   H2   sing N N 195 
ILE CA  C    sing N N 196 
ILE CA  CB   sing N N 197 
ILE CA  HA   sing N N 198 
ILE C   O    doub N N 199 
ILE C   OXT  sing N N 200 
ILE CB  CG1  sing N N 201 
ILE CB  CG2  sing N N 202 
ILE CB  HB   sing N N 203 
ILE CG1 CD1  sing N N 204 
ILE CG1 HG12 sing N N 205 
ILE CG1 HG13 sing N N 206 
ILE CG2 HG21 sing N N 207 
ILE CG2 HG22 sing N N 208 
ILE CG2 HG23 sing N N 209 
ILE CD1 HD11 sing N N 210 
ILE CD1 HD12 sing N N 211 
ILE CD1 HD13 sing N N 212 
ILE OXT HXT  sing N N 213 
LEU N   CA   sing N N 214 
LEU N   H    sing N N 215 
LEU N   H2   sing N N 216 
LEU CA  C    sing N N 217 
LEU CA  CB   sing N N 218 
LEU CA  HA   sing N N 219 
LEU C   O    doub N N 220 
LEU C   OXT  sing N N 221 
LEU CB  CG   sing N N 222 
LEU CB  HB2  sing N N 223 
LEU CB  HB3  sing N N 224 
LEU CG  CD1  sing N N 225 
LEU CG  CD2  sing N N 226 
LEU CG  HG   sing N N 227 
LEU CD1 HD11 sing N N 228 
LEU CD1 HD12 sing N N 229 
LEU CD1 HD13 sing N N 230 
LEU CD2 HD21 sing N N 231 
LEU CD2 HD22 sing N N 232 
LEU CD2 HD23 sing N N 233 
LEU OXT HXT  sing N N 234 
MET N   CA   sing N N 235 
MET N   H    sing N N 236 
MET N   H2   sing N N 237 
MET CA  C    sing N N 238 
MET CA  CB   sing N N 239 
MET CA  HA   sing N N 240 
MET C   O    doub N N 241 
MET C   OXT  sing N N 242 
MET CB  CG   sing N N 243 
MET CB  HB2  sing N N 244 
MET CB  HB3  sing N N 245 
MET CG  SD   sing N N 246 
MET CG  HG2  sing N N 247 
MET CG  HG3  sing N N 248 
MET SD  CE   sing N N 249 
MET CE  HE1  sing N N 250 
MET CE  HE2  sing N N 251 
MET CE  HE3  sing N N 252 
MET OXT HXT  sing N N 253 
PHE N   CA   sing N N 254 
PHE N   H    sing N N 255 
PHE N   H2   sing N N 256 
PHE CA  C    sing N N 257 
PHE CA  CB   sing N N 258 
PHE CA  HA   sing N N 259 
PHE C   O    doub N N 260 
PHE C   OXT  sing N N 261 
PHE CB  CG   sing N N 262 
PHE CB  HB2  sing N N 263 
PHE CB  HB3  sing N N 264 
PHE CG  CD1  doub Y N 265 
PHE CG  CD2  sing Y N 266 
PHE CD1 CE1  sing Y N 267 
PHE CD1 HD1  sing N N 268 
PHE CD2 CE2  doub Y N 269 
PHE CD2 HD2  sing N N 270 
PHE CE1 CZ   doub Y N 271 
PHE CE1 HE1  sing N N 272 
PHE CE2 CZ   sing Y N 273 
PHE CE2 HE2  sing N N 274 
PHE CZ  HZ   sing N N 275 
PHE OXT HXT  sing N N 276 
PRO N   CA   sing N N 277 
PRO N   CD   sing N N 278 
PRO N   H    sing N N 279 
PRO CA  C    sing N N 280 
PRO CA  CB   sing N N 281 
PRO CA  HA   sing N N 282 
PRO C   O    doub N N 283 
PRO C   OXT  sing N N 284 
PRO CB  CG   sing N N 285 
PRO CB  HB2  sing N N 286 
PRO CB  HB3  sing N N 287 
PRO CG  CD   sing N N 288 
PRO CG  HG2  sing N N 289 
PRO CG  HG3  sing N N 290 
PRO CD  HD2  sing N N 291 
PRO CD  HD3  sing N N 292 
PRO OXT HXT  sing N N 293 
SER N   CA   sing N N 294 
SER N   H    sing N N 295 
SER N   H2   sing N N 296 
SER CA  C    sing N N 297 
SER CA  CB   sing N N 298 
SER CA  HA   sing N N 299 
SER C   O    doub N N 300 
SER C   OXT  sing N N 301 
SER CB  OG   sing N N 302 
SER CB  HB2  sing N N 303 
SER CB  HB3  sing N N 304 
SER OG  HG   sing N N 305 
SER OXT HXT  sing N N 306 
THR N   CA   sing N N 307 
THR N   H    sing N N 308 
THR N   H2   sing N N 309 
THR CA  C    sing N N 310 
THR CA  CB   sing N N 311 
THR CA  HA   sing N N 312 
THR C   O    doub N N 313 
THR C   OXT  sing N N 314 
THR CB  OG1  sing N N 315 
THR CB  CG2  sing N N 316 
THR CB  HB   sing N N 317 
THR OG1 HG1  sing N N 318 
THR CG2 HG21 sing N N 319 
THR CG2 HG22 sing N N 320 
THR CG2 HG23 sing N N 321 
THR OXT HXT  sing N N 322 
TRP N   CA   sing N N 323 
TRP N   H    sing N N 324 
TRP N   H2   sing N N 325 
TRP CA  C    sing N N 326 
TRP CA  CB   sing N N 327 
TRP CA  HA   sing N N 328 
TRP C   O    doub N N 329 
TRP C   OXT  sing N N 330 
TRP CB  CG   sing N N 331 
TRP CB  HB2  sing N N 332 
TRP CB  HB3  sing N N 333 
TRP CG  CD1  doub Y N 334 
TRP CG  CD2  sing Y N 335 
TRP CD1 NE1  sing Y N 336 
TRP CD1 HD1  sing N N 337 
TRP CD2 CE2  doub Y N 338 
TRP CD2 CE3  sing Y N 339 
TRP NE1 CE2  sing Y N 340 
TRP NE1 HE1  sing N N 341 
TRP CE2 CZ2  sing Y N 342 
TRP CE3 CZ3  doub Y N 343 
TRP CE3 HE3  sing N N 344 
TRP CZ2 CH2  doub Y N 345 
TRP CZ2 HZ2  sing N N 346 
TRP CZ3 CH2  sing Y N 347 
TRP CZ3 HZ3  sing N N 348 
TRP CH2 HH2  sing N N 349 
TRP OXT HXT  sing N N 350 
TYR N   CA   sing N N 351 
TYR N   H    sing N N 352 
TYR N   H2   sing N N 353 
TYR CA  C    sing N N 354 
TYR CA  CB   sing N N 355 
TYR CA  HA   sing N N 356 
TYR C   O    doub N N 357 
TYR C   OXT  sing N N 358 
TYR CB  CG   sing N N 359 
TYR CB  HB2  sing N N 360 
TYR CB  HB3  sing N N 361 
TYR CG  CD1  doub Y N 362 
TYR CG  CD2  sing Y N 363 
TYR CD1 CE1  sing Y N 364 
TYR CD1 HD1  sing N N 365 
TYR CD2 CE2  doub Y N 366 
TYR CD2 HD2  sing N N 367 
TYR CE1 CZ   doub Y N 368 
TYR CE1 HE1  sing N N 369 
TYR CE2 CZ   sing Y N 370 
TYR CE2 HE2  sing N N 371 
TYR CZ  OH   sing N N 372 
TYR OH  HH   sing N N 373 
TYR OXT HXT  sing N N 374 
VAL N   CA   sing N N 375 
VAL N   H    sing N N 376 
VAL N   H2   sing N N 377 
VAL CA  C    sing N N 378 
VAL CA  CB   sing N N 379 
VAL CA  HA   sing N N 380 
VAL C   O    doub N N 381 
VAL C   OXT  sing N N 382 
VAL CB  CG1  sing N N 383 
VAL CB  CG2  sing N N 384 
VAL CB  HB   sing N N 385 
VAL CG1 HG11 sing N N 386 
VAL CG1 HG12 sing N N 387 
VAL CG1 HG13 sing N N 388 
VAL CG2 HG21 sing N N 389 
VAL CG2 HG22 sing N N 390 
VAL CG2 HG23 sing N N 391 
VAL OXT HXT  sing N N 392 
# 
_pdbx_initial_refinement_model.id               1 
_pdbx_initial_refinement_model.entity_id_list   ? 
_pdbx_initial_refinement_model.type             'experimental model' 
_pdbx_initial_refinement_model.source_name      PDB 
_pdbx_initial_refinement_model.accession_code   3KIV 
_pdbx_initial_refinement_model.details          'PDB ENTRY 3KIV' 
# 
_atom_sites.entry_id                    4BV5 
_atom_sites.fract_transf_matrix[1][1]   0.00119958 
_atom_sites.fract_transf_matrix[1][2]   -0.03932477 
_atom_sites.fract_transf_matrix[1][3]   -0.01143013 
_atom_sites.fract_transf_matrix[2][1]   0.00729372 
_atom_sites.fract_transf_matrix[2][2]   -0.00561693 
_atom_sites.fract_transf_matrix[2][3]   0.02009024 
_atom_sites.fract_transf_matrix[3][1]   -0.01681270 
_atom_sites.fract_transf_matrix[3][2]   -0.00231594 
_atom_sites.fract_transf_matrix[3][3]   0.00545631 
_atom_sites.fract_transf_vector[1]      -0.007521 
_atom_sites.fract_transf_vector[2]      0.281417 
_atom_sites.fract_transf_vector[3]      0.250723 
# 
loop_
_atom_type.symbol 
C 
N 
O 
S 
# 
loop_
_atom_site.group_PDB 
_atom_site.id 
_atom_site.type_symbol 
_atom_site.label_atom_id 
_atom_site.label_alt_id 
_atom_site.label_comp_id 
_atom_site.label_asym_id 
_atom_site.label_entity_id 
_atom_site.label_seq_id 
_atom_site.pdbx_PDB_ins_code 
_atom_site.Cartn_x 
_atom_site.Cartn_y 
_atom_site.Cartn_z 
_atom_site.occupancy 
_atom_site.B_iso_or_equiv 
_atom_site.pdbx_formal_charge 
_atom_site.auth_seq_id 
_atom_site.auth_comp_id 
_atom_site.auth_asym_id 
_atom_site.auth_atom_id 
_atom_site.pdbx_PDB_model_num 
ATOM   1    N N   . CYS A 1 2  ? -23.746 -13.281 4.269   1.00 21.10 ? 1    CYS A N   1 
ATOM   2    C CA  . CYS A 1 2  ? -23.035 -14.357 3.491   1.00 21.03 ? 1    CYS A CA  1 
ATOM   3    C C   . CYS A 1 2  ? -22.985 -14.153 1.954   1.00 20.36 ? 1    CYS A C   1 
ATOM   4    O O   . CYS A 1 2  ? -23.730 -13.341 1.390   1.00 20.49 ? 1    CYS A O   1 
ATOM   5    C CB  . CYS A 1 2  ? -23.605 -15.753 3.840   1.00 21.43 ? 1    CYS A CB  1 
ATOM   6    S SG  . CYS A 1 2  ? -25.338 -16.140 3.324   1.00 23.84 ? 1    CYS A SG  1 
ATOM   7    N N   . TYR A 1 3  ? -22.107 -14.904 1.286   1.00 19.13 ? 2    TYR A N   1 
ATOM   8    C CA  . TYR A 1 3  ? -22.021 -14.907 -0.180  1.00 17.92 ? 2    TYR A CA  1 
ATOM   9    C C   . TYR A 1 3  ? -22.191 -16.307 -0.760  1.00 17.22 ? 2    TYR A C   1 
ATOM   10   O O   . TYR A 1 3  ? -21.854 -17.285 -0.114  1.00 16.18 ? 2    TYR A O   1 
ATOM   11   C CB  . TYR A 1 3  ? -20.689 -14.313 -0.641  1.00 17.54 ? 2    TYR A CB  1 
ATOM   12   C CG  . TYR A 1 3  ? -19.457 -15.072 -0.171  1.00 17.08 ? 2    TYR A CG  1 
ATOM   13   C CD1 . TYR A 1 3  ? -18.921 -16.128 -0.925  1.00 15.49 ? 2    TYR A CD1 1 
ATOM   14   C CD2 . TYR A 1 3  ? -18.829 -14.741 1.028   1.00 15.42 ? 2    TYR A CD2 1 
ATOM   15   C CE1 . TYR A 1 3  ? -17.798 -16.814 -0.495  1.00 15.14 ? 2    TYR A CE1 1 
ATOM   16   C CE2 . TYR A 1 3  ? -17.702 -15.423 1.455   1.00 14.19 ? 2    TYR A CE2 1 
ATOM   17   C CZ  . TYR A 1 3  ? -17.194 -16.454 0.691   1.00 14.18 ? 2    TYR A CZ  1 
ATOM   18   O OH  . TYR A 1 3  ? -16.063 -17.114 1.130   1.00 14.39 ? 2    TYR A OH  1 
ATOM   19   N N   . HIS A 1 4  ? -22.684 -16.397 -1.992  1.00 17.25 ? 3    HIS A N   1 
ATOM   20   C CA  . HIS A 1 4  ? -22.857 -17.693 -2.657  1.00 17.49 ? 3    HIS A CA  1 
ATOM   21   C C   . HIS A 1 4  ? -21.624 -18.137 -3.472  1.00 17.17 ? 3    HIS A C   1 
ATOM   22   O O   . HIS A 1 4  ? -21.012 -17.329 -4.166  1.00 17.25 ? 3    HIS A O   1 
ATOM   23   C CB  . HIS A 1 4  ? -24.107 -17.657 -3.546  1.00 17.96 ? 3    HIS A CB  1 
ATOM   24   C CG  . HIS A 1 4  ? -25.382 -17.463 -2.784  1.00 19.48 ? 3    HIS A CG  1 
ATOM   25   N ND1 . HIS A 1 4  ? -26.025 -18.493 -2.128  1.00 19.92 ? 3    HIS A ND1 1 
ATOM   26   C CD2 . HIS A 1 4  ? -26.132 -16.353 -2.566  1.00 21.44 ? 3    HIS A CD2 1 
ATOM   27   C CE1 . HIS A 1 4  ? -27.113 -18.026 -1.539  1.00 19.61 ? 3    HIS A CE1 1 
ATOM   28   N NE2 . HIS A 1 4  ? -27.198 -16.730 -1.786  1.00 20.65 ? 3    HIS A NE2 1 
ATOM   29   N N   . GLY A 1 5  ? -21.264 -19.415 -3.383  1.00 16.45 ? 4    GLY A N   1 
ATOM   30   C CA  . GLY A 1 5  ? -20.162 -19.969 -4.177  1.00 15.85 ? 4    GLY A CA  1 
ATOM   31   C C   . GLY A 1 5  ? -18.826 -19.336 -3.834  1.00 15.70 ? 4    GLY A C   1 
ATOM   32   O O   . GLY A 1 5  ? -18.446 -19.299 -2.658  1.00 16.01 ? 4    GLY A O   1 
ATOM   33   N N   . ASN A 1 6  ? -18.129 -18.815 -4.849  1.00 15.13 ? 5    ASN A N   1 
ATOM   34   C CA  . ASN A 1 6  ? -16.877 -18.070 -4.648  1.00 14.45 ? 5    ASN A CA  1 
ATOM   35   C C   . ASN A 1 6  ? -17.026 -16.537 -4.438  1.00 14.55 ? 5    ASN A C   1 
ATOM   36   O O   . ASN A 1 6  ? -16.025 -15.822 -4.323  1.00 14.41 ? 5    ASN A O   1 
ATOM   37   C CB  . ASN A 1 6  ? -15.859 -18.412 -5.755  1.00 14.30 ? 5    ASN A CB  1 
ATOM   38   C CG  . ASN A 1 6  ? -16.208 -17.794 -7.108  1.00 13.54 ? 5    ASN A CG  1 
ATOM   39   O OD1 . ASN A 1 6  ? -17.261 -17.169 -7.270  1.00 13.84 ? 5    ASN A OD1 1 
ATOM   40   N ND2 . ASN A 1 6  ? -15.302 -17.951 -8.083  1.00 7.62  ? 5    ASN A ND2 1 
ATOM   41   N N   . GLY A 1 7  ? -18.273 -16.049 -4.406  1.00 13.93 ? 6    GLY A N   1 
ATOM   42   C CA  . GLY A 1 7  ? -18.573 -14.651 -4.087  1.00 13.89 ? 6    GLY A CA  1 
ATOM   43   C C   . GLY A 1 7  ? -18.541 -13.624 -5.212  1.00 13.95 ? 6    GLY A C   1 
ATOM   44   O O   . GLY A 1 7  ? -18.715 -12.426 -4.966  1.00 13.56 ? 6    GLY A O   1 
ATOM   45   N N   . GLN A 1 8  ? -18.323 -14.088 -6.429  1.00 13.71 ? 7    GLN A N   1 
ATOM   46   C CA  . GLN A 1 8  ? -18.376 -13.240 -7.603  1.00 14.08 ? 7    GLN A CA  1 
ATOM   47   C C   . GLN A 1 8  ? -19.681 -12.451 -7.767  1.00 13.83 ? 7    GLN A C   1 
ATOM   48   O O   . GLN A 1 8  ? -19.651 -11.363 -8.308  1.00 12.78 ? 7    GLN A O   1 
ATOM   49   C CB  . GLN A 1 8  ? -18.092 -14.047 -8.870  1.00 14.32 ? 7    GLN A CB  1 
ATOM   50   C CG  . GLN A 1 8  ? -16.620 -14.316 -9.122  1.00 16.97 ? 7    GLN A CG  1 
ATOM   51   C CD  . GLN A 1 8  ? -16.058 -13.569 -10.327 1.00 21.23 ? 7    GLN A CD  1 
ATOM   52   O OE1 . GLN A 1 8  ? -15.182 -14.068 -11.002 1.00 23.43 ? 7    GLN A OE1 1 
ATOM   53   N NE2 . GLN A 1 8  ? -16.564 -12.372 -10.586 1.00 21.46 ? 7    GLN A NE2 1 
ATOM   54   N N   . SER A 1 9  ? -20.807 -12.992 -7.297  1.00 13.92 ? 8    SER A N   1 
ATOM   55   C CA  . SER A 1 9  ? -22.108 -12.332 -7.502  1.00 14.22 ? 8    SER A CA  1 
ATOM   56   C C   . SER A 1 9  ? -22.589 -11.526 -6.304  1.00 13.88 ? 8    SER A C   1 
ATOM   57   O O   . SER A 1 9  ? -23.625 -10.867 -6.367  1.00 14.81 ? 8    SER A O   1 
ATOM   58   C CB  . SER A 1 9  ? -23.176 -13.326 -7.987  1.00 14.32 ? 8    SER A CB  1 
ATOM   59   O OG  . SER A 1 9  ? -23.591 -14.179 -6.936  1.00 16.84 ? 8    SER A OG  1 
ATOM   60   N N   . TYR A 1 10 ? -21.820 -11.547 -5.223  1.00 13.62 ? 9    TYR A N   1 
ATOM   61   C CA  . TYR A 1 10 ? -22.121 -10.725 -4.054  1.00 12.95 ? 9    TYR A CA  1 
ATOM   62   C C   . TYR A 1 10 ? -22.161 -9.238  -4.411  1.00 12.81 ? 9    TYR A C   1 
ATOM   63   O O   . TYR A 1 10 ? -21.271 -8.720  -5.091  1.00 12.94 ? 9    TYR A O   1 
ATOM   64   C CB  . TYR A 1 10 ? -21.112 -11.003 -2.936  1.00 12.80 ? 9    TYR A CB  1 
ATOM   65   C CG  . TYR A 1 10 ? -21.270 -10.120 -1.733  1.00 12.46 ? 9    TYR A CG  1 
ATOM   66   C CD1 . TYR A 1 10 ? -22.279 -10.361 -0.792  1.00 11.14 ? 9    TYR A CD1 1 
ATOM   67   C CD2 . TYR A 1 10 ? -20.395 -9.043  -1.524  1.00 11.66 ? 9    TYR A CD2 1 
ATOM   68   C CE1 . TYR A 1 10 ? -22.422 -9.546  0.323   1.00 11.71 ? 9    TYR A CE1 1 
ATOM   69   C CE2 . TYR A 1 10 ? -20.526 -8.224  -0.418  1.00 12.66 ? 9    TYR A CE2 1 
ATOM   70   C CZ  . TYR A 1 10 ? -21.547 -8.475  0.497   1.00 12.76 ? 9    TYR A CZ  1 
ATOM   71   O OH  . TYR A 1 10 ? -21.678 -7.653  1.584   1.00 12.81 ? 9    TYR A OH  1 
ATOM   72   N N   . ARG A 1 11 ? -23.212 -8.565  -3.961  1.00 12.79 ? 10   ARG A N   1 
ATOM   73   C CA  . ARG A 1 11 ? -23.397 -7.141  -4.207  1.00 12.46 ? 10   ARG A CA  1 
ATOM   74   C C   . ARG A 1 11 ? -23.946 -6.443  -2.962  1.00 12.13 ? 10   ARG A C   1 
ATOM   75   O O   . ARG A 1 11 ? -24.654 -5.429  -3.055  1.00 12.56 ? 10   ARG A O   1 
ATOM   76   C CB  . ARG A 1 11 ? -24.333 -6.915  -5.402  1.00 12.36 ? 10   ARG A CB  1 
ATOM   77   C CG  . ARG A 1 11 ? -23.800 -7.440  -6.741  1.00 11.48 ? 10   ARG A CG  1 
ATOM   78   C CD  . ARG A 1 11 ? -22.694 -6.582  -7.321  1.00 9.53  ? 10   ARG A CD  1 
ATOM   79   N NE  . ARG A 1 11 ? -22.269 -7.018  -8.659  1.00 8.42  ? 10   ARG A NE  1 
ATOM   80   C CZ  . ARG A 1 11 ? -21.471 -8.061  -8.910  1.00 8.59  ? 10   ARG A CZ  1 
ATOM   81   N NH1 . ARG A 1 11 ? -20.999 -8.837  -7.932  1.00 9.29  ? 10   ARG A NH1 1 
ATOM   82   N NH2 . ARG A 1 11 ? -21.138 -8.334  -10.154 1.00 9.52  ? 10   ARG A NH2 1 
ATOM   83   N N   . GLY A 1 12 ? -23.649 -6.995  -1.794  1.00 11.35 ? 11   GLY A N   1 
ATOM   84   C CA  . GLY A 1 12 ? -24.039 -6.350  -0.533  1.00 10.29 ? 11   GLY A CA  1 
ATOM   85   C C   . GLY A 1 12 ? -23.103 -5.194  -0.216  1.00 9.49  ? 11   GLY A C   1 
ATOM   86   O O   . GLY A 1 12 ? -22.209 -4.853  -0.998  1.00 8.91  ? 11   GLY A O   1 
ATOM   87   N N   . THR A 1 13 ? -23.287 -4.596  0.947   1.00 9.53  ? 12   THR A N   1 
ATOM   88   C CA  . THR A 1 13 ? -22.598 -3.335  1.250   1.00 9.60  ? 12   THR A CA  1 
ATOM   89   C C   . THR A 1 13 ? -21.508 -3.474  2.327   1.00 8.69  ? 12   THR A C   1 
ATOM   90   O O   . THR A 1 13 ? -20.981 -2.485  2.833   1.00 8.63  ? 12   THR A O   1 
ATOM   91   C CB  . THR A 1 13 ? -23.618 -2.162  1.546   1.00 9.87  ? 12   THR A CB  1 
ATOM   92   O OG1 . THR A 1 13 ? -24.493 -2.529  2.624   1.00 11.57 ? 12   THR A OG1 1 
ATOM   93   C CG2 . THR A 1 13 ? -24.470 -1.834  0.300   1.00 10.29 ? 12   THR A CG2 1 
ATOM   94   N N   . PHE A 1 14 ? -21.159 -4.714  2.660   1.00 8.07  ? 13   PHE A N   1 
ATOM   95   C CA  . PHE A 1 14 ? -20.111 -4.978  3.640   1.00 7.00  ? 13   PHE A CA  1 
ATOM   96   C C   . PHE A 1 14 ? -18.755 -4.574  3.080   1.00 6.74  ? 13   PHE A C   1 
ATOM   97   O O   . PHE A 1 14 ? -18.436 -4.842  1.895   1.00 6.40  ? 13   PHE A O   1 
ATOM   98   C CB  . PHE A 1 14 ? -20.117 -6.446  4.024   1.00 6.99  ? 13   PHE A CB  1 
ATOM   99   C CG  . PHE A 1 14 ? -19.490 -6.728  5.343   1.00 7.17  ? 13   PHE A CG  1 
ATOM   100  C CD1 . PHE A 1 14 ? -20.242 -6.657  6.512   1.00 8.14  ? 13   PHE A CD1 1 
ATOM   101  C CD2 . PHE A 1 14 ? -18.151 -7.078  5.427   1.00 4.53  ? 13   PHE A CD2 1 
ATOM   102  C CE1 . PHE A 1 14 ? -19.666 -6.937  7.756   1.00 7.81  ? 13   PHE A CE1 1 
ATOM   103  C CE2 . PHE A 1 14 ? -17.574 -7.347  6.648   1.00 5.93  ? 13   PHE A CE2 1 
ATOM   104  C CZ  . PHE A 1 14 ? -18.334 -7.271  7.824   1.00 6.71  ? 13   PHE A CZ  1 
ATOM   105  N N   . SER A 1 15 ? -17.952 -3.931  3.929   1.00 6.70  ? 14   SER A N   1 
ATOM   106  C CA  . SER A 1 15 ? -16.667 -3.391  3.505   1.00 5.97  ? 14   SER A CA  1 
ATOM   107  C C   . SER A 1 15 ? -15.536 -3.502  4.562   1.00 6.89  ? 14   SER A C   1 
ATOM   108  O O   . SER A 1 15 ? -14.671 -2.618  4.673   1.00 5.98  ? 14   SER A O   1 
ATOM   109  C CB  . SER A 1 15 ? -16.872 -1.959  3.054   1.00 6.23  ? 14   SER A CB  1 
ATOM   110  O OG  . SER A 1 15 ? -17.445 -1.204  4.096   1.00 5.45  ? 14   SER A OG  1 
ATOM   111  N N   . THR A 1 16 ? -15.524 -4.619  5.300   1.00 7.26  ? 15   THR A N   1 
ATOM   112  C CA  . THR A 1 16 ? -14.554 -4.831  6.380   1.00 7.63  ? 15   THR A CA  1 
ATOM   113  C C   . THR A 1 16 ? -13.902 -6.196  6.230   1.00 7.83  ? 15   THR A C   1 
ATOM   114  O O   . THR A 1 16 ? -14.589 -7.176  5.956   1.00 7.89  ? 15   THR A O   1 
ATOM   115  C CB  . THR A 1 16 ? -15.227 -4.800  7.772   1.00 7.85  ? 15   THR A CB  1 
ATOM   116  O OG1 . THR A 1 16 ? -16.128 -3.677  7.866   1.00 7.89  ? 15   THR A OG1 1 
ATOM   117  C CG2 . THR A 1 16 ? -14.153 -4.729  8.858   1.00 7.17  ? 15   THR A CG2 1 
ATOM   118  N N   . THR A 1 17 ? -12.588 -6.252  6.424   1.00 7.71  ? 16   THR A N   1 
ATOM   119  C CA  . THR A 1 17 ? -11.816 -7.476  6.224   1.00 8.08  ? 16   THR A CA  1 
ATOM   120  C C   . THR A 1 17 ? -11.856 -8.426  7.449   1.00 8.22  ? 16   THR A C   1 
ATOM   121  O O   . THR A 1 17 ? -12.342 -8.055  8.530   1.00 7.78  ? 16   THR A O   1 
ATOM   122  C CB  . THR A 1 17 ? -10.336 -7.181  5.878   1.00 8.04  ? 16   THR A CB  1 
ATOM   123  O OG1 . THR A 1 17 ? -9.632  -6.837  7.083   1.00 9.14  ? 16   THR A OG1 1 
ATOM   124  C CG2 . THR A 1 17 ? -10.194 -6.053  4.863   1.00 6.96  ? 16   THR A CG2 1 
ATOM   125  N N   . VAL A 1 18 ? -11.322 -9.639  7.250   1.00 8.03  ? 17   VAL A N   1 
ATOM   126  C CA  . VAL A 1 18 ? -11.239 -10.689 8.274   1.00 8.01  ? 17   VAL A CA  1 
ATOM   127  C C   . VAL A 1 18 ? -10.451 -10.289 9.552   1.00 7.70  ? 17   VAL A C   1 
ATOM   128  O O   . VAL A 1 18 ? -10.717 -10.803 10.647  1.00 7.20  ? 17   VAL A O   1 
ATOM   129  C CB  . VAL A 1 18 ? -10.675 -12.014 7.660   1.00 8.22  ? 17   VAL A CB  1 
ATOM   130  C CG1 . VAL A 1 18 ? -9.192  -11.882 7.289   1.00 8.66  ? 17   VAL A CG1 1 
ATOM   131  C CG2 . VAL A 1 18 ? -10.889 -13.197 8.598   1.00 9.58  ? 17   VAL A CG2 1 
ATOM   132  N N   . THR A 1 19 ? -9.486  -9.380  9.405   1.00 7.05  ? 18   THR A N   1 
ATOM   133  C CA  . THR A 1 19 ? -8.712  -8.848  10.563  1.00 6.27  ? 18   THR A CA  1 
ATOM   134  C C   . THR A 1 19 ? -9.278  -7.520  11.084  1.00 5.89  ? 18   THR A C   1 
ATOM   135  O O   . THR A 1 19 ? -8.705  -6.896  11.973  1.00 6.47  ? 18   THR A O   1 
ATOM   136  C CB  . THR A 1 19 ? -7.249  -8.632  10.190  1.00 6.10  ? 18   THR A CB  1 
ATOM   137  O OG1 . THR A 1 19 ? -7.208  -7.783  9.053   1.00 6.36  ? 18   THR A OG1 1 
ATOM   138  C CG2 . THR A 1 19 ? -6.551  -9.945  9.833   1.00 5.89  ? 18   THR A CG2 1 
ATOM   139  N N   . GLY A 1 20 ? -10.405 -7.100  10.518  1.00 4.82  ? 19   GLY A N   1 
ATOM   140  C CA  . GLY A 1 20 ? -11.082 -5.883  10.905  1.00 5.07  ? 19   GLY A CA  1 
ATOM   141  C C   . GLY A 1 20 ? -10.562 -4.606  10.274  1.00 5.75  ? 19   GLY A C   1 
ATOM   142  O O   . GLY A 1 20 ? -10.830 -3.517  10.784  1.00 6.16  ? 19   GLY A O   1 
ATOM   143  N N   . ARG A 1 21 ? -9.832  -4.721  9.168   1.00 6.10  ? 20   ARG A N   1 
ATOM   144  C CA  . ARG A 1 21 ? -9.389  -3.551  8.391   1.00 6.85  ? 20   ARG A CA  1 
ATOM   145  C C   . ARG A 1 21 ? -10.501 -3.016  7.495   1.00 7.23  ? 20   ARG A C   1 
ATOM   146  O O   . ARG A 1 21 ? -11.462 -3.712  7.185   1.00 7.90  ? 20   ARG A O   1 
ATOM   147  C CB  . ARG A 1 21 ? -8.174  -3.905  7.546   1.00 7.14  ? 20   ARG A CB  1 
ATOM   148  C CG  . ARG A 1 21 ? -6.879  -3.682  8.266   1.00 7.93  ? 20   ARG A CG  1 
ATOM   149  C CD  . ARG A 1 21 ? -5.996  -4.910  8.224   1.00 8.80  ? 20   ARG A CD  1 
ATOM   150  N NE  . ARG A 1 21 ? -4.699  -4.650  8.867   1.00 9.82  ? 20   ARG A NE  1 
ATOM   151  C CZ  . ARG A 1 21 ? -3.947  -5.579  9.455   1.00 10.00 ? 20   ARG A CZ  1 
ATOM   152  N NH1 . ARG A 1 21 ? -4.351  -6.836  9.517   1.00 11.10 ? 20   ARG A NH1 1 
ATOM   153  N NH2 . ARG A 1 21 ? -2.785  -5.245  9.992   1.00 10.84 ? 20   ARG A NH2 1 
ATOM   154  N N   . THR A 1 22 ? -10.359 -1.770  7.079   1.00 7.53  ? 21   THR A N   1 
ATOM   155  C CA  . THR A 1 22 ? -11.331 -1.142  6.213   1.00 7.12  ? 21   THR A CA  1 
ATOM   156  C C   . THR A 1 22 ? -10.889 -1.225  4.761   1.00 7.11  ? 21   THR A C   1 
ATOM   157  O O   . THR A 1 22 ? -9.739  -0.911  4.427   1.00 7.22  ? 21   THR A O   1 
ATOM   158  C CB  . THR A 1 22 ? -11.577 0.301   6.664   1.00 7.16  ? 21   THR A CB  1 
ATOM   159  O OG1 . THR A 1 22 ? -12.142 0.258   7.981   1.00 7.81  ? 21   THR A OG1 1 
ATOM   160  C CG2 . THR A 1 22 ? -12.517 1.060   5.704   1.00 6.13  ? 21   THR A CG2 1 
ATOM   161  N N   . CYS A 1 23 ? -11.821 -1.674  3.911   1.00 6.75  ? 22   CYS A N   1 
ATOM   162  C CA  . CYS A 1 23 ? -11.602 -1.774  2.479   1.00 6.18  ? 22   CYS A CA  1 
ATOM   163  C C   . CYS A 1 23 ? -11.329 -0.405  1.884   1.00 5.90  ? 22   CYS A C   1 
ATOM   164  O O   . CYS A 1 23 ? -12.025 0.554   2.192   1.00 5.02  ? 22   CYS A O   1 
ATOM   165  C CB  . CYS A 1 23 ? -12.826 -2.367  1.797   1.00 6.09  ? 22   CYS A CB  1 
ATOM   166  S SG  . CYS A 1 23 ? -13.077 -4.088  2.161   1.00 6.67  ? 22   CYS A SG  1 
ATOM   167  N N   . GLN A 1 24 ? -10.283 -0.331  1.063   1.00 6.12  ? 23   GLN A N   1 
ATOM   168  C CA  . GLN A 1 24 ? -10.019 0.830   0.213   1.00 5.83  ? 23   GLN A CA  1 
ATOM   169  C C   . GLN A 1 24 ? -11.095 0.867   -0.874  1.00 6.06  ? 23   GLN A C   1 
ATOM   170  O O   . GLN A 1 24 ? -11.576 -0.203  -1.294  1.00 5.98  ? 23   GLN A O   1 
ATOM   171  C CB  . GLN A 1 24 ? -8.658  0.650   -0.441  1.00 5.72  ? 23   GLN A CB  1 
ATOM   172  C CG  . GLN A 1 24 ? -8.190  1.785   -1.315  1.00 4.33  ? 23   GLN A CG  1 
ATOM   173  C CD  . GLN A 1 24 ? -6.852  1.483   -1.939  1.00 4.58  ? 23   GLN A CD  1 
ATOM   174  O OE1 . GLN A 1 24 ? -5.904  1.120   -1.241  1.00 6.71  ? 23   GLN A OE1 1 
ATOM   175  N NE2 . GLN A 1 24 ? -6.760  1.619   -3.260  1.00 3.99  ? 23   GLN A NE2 1 
ATOM   176  N N   . SER A 1 25 ? -11.474 2.071   -1.324  1.00 5.78  ? 24   SER A N   1 
ATOM   177  C CA  . SER A 1 25 ? -12.350 2.202   -2.500  1.00 5.84  ? 24   SER A CA  1 
ATOM   178  C C   . SER A 1 25 ? -11.688 1.724   -3.781  1.00 6.12  ? 24   SER A C   1 
ATOM   179  O O   . SER A 1 25 ? -10.508 1.982   -4.006  1.00 6.06  ? 24   SER A O   1 
ATOM   180  C CB  . SER A 1 25 ? -12.869 3.626   -2.656  1.00 5.73  ? 24   SER A CB  1 
ATOM   181  O OG  . SER A 1 25 ? -13.567 3.985   -1.478  1.00 6.12  ? 24   SER A OG  1 
ATOM   182  N N   . TRP A 1 26 ? -12.452 0.983   -4.593  1.00 6.60  ? 25   TRP A N   1 
ATOM   183  C CA  . TRP A 1 26 ? -11.946 0.398   -5.839  1.00 6.85  ? 25   TRP A CA  1 
ATOM   184  C C   . TRP A 1 26 ? -11.425 1.436   -6.849  1.00 7.47  ? 25   TRP A C   1 
ATOM   185  O O   . TRP A 1 26 ? -10.497 1.139   -7.591  1.00 7.62  ? 25   TRP A O   1 
ATOM   186  C CB  . TRP A 1 26 ? -13.013 -0.491  -6.489  1.00 6.60  ? 25   TRP A CB  1 
ATOM   187  C CG  . TRP A 1 26 ? -13.419 -1.684  -5.657  1.00 6.04  ? 25   TRP A CG  1 
ATOM   188  C CD1 . TRP A 1 26 ? -14.565 -1.818  -4.917  1.00 7.03  ? 25   TRP A CD1 1 
ATOM   189  C CD2 . TRP A 1 26 ? -12.674 -2.901  -5.469  1.00 5.90  ? 25   TRP A CD2 1 
ATOM   190  N NE1 . TRP A 1 26 ? -14.582 -3.041  -4.289  1.00 5.48  ? 25   TRP A NE1 1 
ATOM   191  C CE2 . TRP A 1 26 ? -13.432 -3.724  -4.606  1.00 6.33  ? 25   TRP A CE2 1 
ATOM   192  C CE3 . TRP A 1 26 ? -11.442 -3.376  -5.957  1.00 4.25  ? 25   TRP A CE3 1 
ATOM   193  C CZ2 . TRP A 1 26 ? -13.003 -5.004  -4.218  1.00 5.77  ? 25   TRP A CZ2 1 
ATOM   194  C CZ3 . TRP A 1 26 ? -11.016 -4.633  -5.574  1.00 5.77  ? 25   TRP A CZ3 1 
ATOM   195  C CH2 . TRP A 1 26 ? -11.804 -5.446  -4.718  1.00 6.71  ? 25   TRP A CH2 1 
ATOM   196  N N   . SER A 1 27 ? -12.033 2.628   -6.878  1.00 8.05  ? 26   SER A N   1 
ATOM   197  C CA  . SER A 1 27 ? -11.597 3.750   -7.730  1.00 8.92  ? 26   SER A CA  1 
ATOM   198  C C   . SER A 1 27 ? -10.390 4.530   -7.184  1.00 9.83  ? 26   SER A C   1 
ATOM   199  O O   . SER A 1 27 ? -9.791  5.308   -7.914  1.00 10.73 ? 26   SER A O   1 
ATOM   200  C CB  . SER A 1 27 ? -12.754 4.734   -7.966  1.00 8.97  ? 26   SER A CB  1 
ATOM   201  O OG  . SER A 1 27 ? -13.127 5.379   -6.750  1.00 8.68  ? 26   SER A OG  1 
ATOM   202  N N   . SER A 1 28 ? -10.025 4.310   -5.917  1.00 10.32 ? 27   SER A N   1 
ATOM   203  C CA  . SER A 1 28 ? -8.878  4.976   -5.296  1.00 10.39 ? 27   SER A CA  1 
ATOM   204  C C   . SER A 1 28 ? -7.553  4.233   -5.521  1.00 10.70 ? 27   SER A C   1 
ATOM   205  O O   . SER A 1 28 ? -7.500  3.000   -5.620  1.00 11.23 ? 27   SER A O   1 
ATOM   206  C CB  . SER A 1 28 ? -9.144  5.204   -3.793  1.00 10.63 ? 27   SER A CB  1 
ATOM   207  O OG  . SER A 1 28 ? -8.054  5.841   -3.136  1.00 10.52 ? 27   SER A OG  1 
ATOM   208  N N   . MET A 1 29 ? -6.482  5.005   -5.588  1.00 10.78 ? 28   MET A N   1 
ATOM   209  C CA  . MET A 1 29 ? -5.134  4.500   -5.789  1.00 11.43 ? 28   MET A CA  1 
ATOM   210  C C   . MET A 1 29 ? -4.311  4.661   -4.511  1.00 11.78 ? 28   MET A C   1 
ATOM   211  O O   . MET A 1 29 ? -3.092  4.429   -4.492  1.00 12.24 ? 28   MET A O   1 
ATOM   212  C CB  . MET A 1 29 ? -4.456  5.278   -6.923  1.00 11.66 ? 28   MET A CB  1 
ATOM   213  C CG  . MET A 1 29 ? -4.977  5.008   -8.320  1.00 11.37 ? 28   MET A CG  1 
ATOM   214  S SD  . MET A 1 29 ? -4.791  3.305   -8.946  1.00 12.91 ? 28   MET A SD  1 
ATOM   215  C CE  . MET A 1 29 ? -6.507  2.782   -8.854  1.00 11.41 ? 28   MET A CE  1 
ATOM   216  N N   . THR A 1 30 ? -4.983  5.071   -3.447  1.00 12.06 ? 29   THR A N   1 
ATOM   217  C CA  . THR A 1 30 ? -4.325  5.331   -2.179  1.00 12.67 ? 29   THR A CA  1 
ATOM   218  C C   . THR A 1 30 ? -5.062  4.630   -1.018  1.00 12.51 ? 29   THR A C   1 
ATOM   219  O O   . THR A 1 30 ? -6.264  4.796   -0.883  1.00 13.09 ? 29   THR A O   1 
ATOM   220  C CB  . THR A 1 30 ? -4.111  6.856   -1.947  1.00 12.71 ? 29   THR A CB  1 
ATOM   221  O OG1 . THR A 1 30 ? -3.807  7.097   -0.570  1.00 13.88 ? 29   THR A OG1 1 
ATOM   222  C CG2 . THR A 1 30 ? -5.317  7.685   -2.345  1.00 13.13 ? 29   THR A CG2 1 
ATOM   223  N N   . PRO A 1 31 ? -4.329  3.856   -0.174  1.00 12.52 ? 30   PRO A N   1 
ATOM   224  C CA  . PRO A 1 31 ? -2.862  3.712   -0.178  1.00 12.25 ? 30   PRO A CA  1 
ATOM   225  C C   . PRO A 1 31 ? -2.248  2.802   -1.263  1.00 12.90 ? 30   PRO A C   1 
ATOM   226  O O   . PRO A 1 31 ? -1.056  2.930   -1.557  1.00 13.28 ? 30   PRO A O   1 
ATOM   227  C CB  . PRO A 1 31 ? -2.553  3.172   1.217   1.00 12.17 ? 30   PRO A CB  1 
ATOM   228  C CG  . PRO A 1 31 ? -3.804  2.524   1.672   1.00 12.17 ? 30   PRO A CG  1 
ATOM   229  C CD  . PRO A 1 31 ? -4.939  3.229   1.016   1.00 12.45 ? 30   PRO A CD  1 
ATOM   230  N N   . HIS A 1 32 ? -3.040  1.910   -1.856  1.00 13.01 ? 31   HIS A N   1 
ATOM   231  C CA  . HIS A 1 32 ? -2.501  0.919   -2.791  1.00 12.57 ? 31   HIS A CA  1 
ATOM   232  C C   . HIS A 1 32 ? -2.857  1.221   -4.243  1.00 12.85 ? 31   HIS A C   1 
ATOM   233  O O   . HIS A 1 32 ? -4.047  1.341   -4.599  1.00 12.52 ? 31   HIS A O   1 
ATOM   234  C CB  . HIS A 1 32 ? -2.926  -0.501  -2.381  1.00 12.50 ? 31   HIS A CB  1 
ATOM   235  C CG  . HIS A 1 32 ? -2.570  -0.833  -0.966  1.00 11.35 ? 31   HIS A CG  1 
ATOM   236  N ND1 . HIS A 1 32 ? -3.514  -0.946  0.035   1.00 9.91  ? 31   HIS A ND1 1 
ATOM   237  C CD2 . HIS A 1 32 ? -1.367  -1.006  -0.371  1.00 10.23 ? 31   HIS A CD2 1 
ATOM   238  C CE1 . HIS A 1 32 ? -2.911  -1.216  1.176   1.00 9.21  ? 31   HIS A CE1 1 
ATOM   239  N NE2 . HIS A 1 32 ? -1.608  -1.242  0.961   1.00 12.30 ? 31   HIS A NE2 1 
ATOM   240  N N   . ARG A 1 33 ? -1.810  1.383   -5.058  1.00 12.41 ? 32   ARG A N   1 
ATOM   241  C CA  . ARG A 1 33 ? -1.952  1.553   -6.497  1.00 13.02 ? 32   ARG A CA  1 
ATOM   242  C C   . ARG A 1 33 ? -2.342  0.199   -7.110  1.00 12.61 ? 32   ARG A C   1 
ATOM   243  O O   . ARG A 1 33 ? -1.703  -0.831  -6.858  1.00 12.09 ? 32   ARG A O   1 
ATOM   244  C CB  . ARG A 1 33 ? -0.650  2.114   -7.088  1.00 13.11 ? 32   ARG A CB  1 
ATOM   245  C CG  . ARG A 1 33 ? -0.703  2.603   -8.548  1.00 15.89 ? 32   ARG A CG  1 
ATOM   246  C CD  . ARG A 1 33 ? 0.437   3.624   -8.853  1.00 19.60 ? 32   ARG A CD  1 
ATOM   247  N NE  . ARG A 1 33 ? 0.329   4.842   -8.029  1.00 20.79 ? 32   ARG A NE  1 
ATOM   248  C CZ  . ARG A 1 33 ? -0.459  5.894   -8.301  1.00 22.03 ? 32   ARG A CZ  1 
ATOM   249  N NH1 . ARG A 1 33 ? -1.218  5.913   -9.398  1.00 22.80 ? 32   ARG A NH1 1 
ATOM   250  N NH2 . ARG A 1 33 ? -0.484  6.939   -7.474  1.00 20.16 ? 32   ARG A NH2 1 
ATOM   251  N N   . HIS A 1 34 ? -3.412  0.189   -7.885  1.00 12.61 ? 33   HIS A N   1 
ATOM   252  C CA  . HIS A 1 34 ? -3.893  -1.069  -8.455  1.00 12.34 ? 33   HIS A CA  1 
ATOM   253  C C   . HIS A 1 34 ? -4.523  -0.929  -9.837  1.00 12.32 ? 33   HIS A C   1 
ATOM   254  O O   . HIS A 1 34 ? -4.729  0.156   -10.319 1.00 10.72 ? 33   HIS A O   1 
ATOM   255  C CB  . HIS A 1 34 ? -4.847  -1.785  -7.487  1.00 12.11 ? 33   HIS A CB  1 
ATOM   256  C CG  . HIS A 1 34 ? -6.159  -1.097  -7.298  1.00 11.61 ? 33   HIS A CG  1 
ATOM   257  N ND1 . HIS A 1 34 ? -7.265  -1.385  -8.058  1.00 12.97 ? 33   HIS A ND1 1 
ATOM   258  C CD2 . HIS A 1 34 ? -6.544  -0.134  -6.430  1.00 12.21 ? 33   HIS A CD2 1 
ATOM   259  C CE1 . HIS A 1 34 ? -8.268  -0.618  -7.678  1.00 11.46 ? 33   HIS A CE1 1 
ATOM   260  N NE2 . HIS A 1 34 ? -7.859  0.137   -6.682  1.00 11.04 ? 33   HIS A NE2 1 
ATOM   261  N N   . GLN A 1 35 ? -4.851  -2.063  -10.444 1.00 13.23 ? 34   GLN A N   1 
ATOM   262  C CA  . GLN A 1 35 ? -5.453  -2.080  -11.760 1.00 13.77 ? 34   GLN A CA  1 
ATOM   263  C C   . GLN A 1 35 ? -6.843  -2.740  -11.783 1.00 14.28 ? 34   GLN A C   1 
ATOM   264  O O   . GLN A 1 35 ? -7.339  -3.076  -12.835 1.00 14.99 ? 34   GLN A O   1 
ATOM   265  C CB  . GLN A 1 35 ? -4.526  -2.779  -12.740 1.00 13.49 ? 34   GLN A CB  1 
ATOM   266  C CG  . GLN A 1 35 ? -3.343  -1.969  -13.230 1.00 13.52 ? 34   GLN A CG  1 
ATOM   267  C CD  . GLN A 1 35 ? -2.255  -2.842  -13.814 1.00 13.37 ? 34   GLN A CD  1 
ATOM   268  O OE1 . GLN A 1 35 ? -2.482  -3.575  -14.759 1.00 15.20 ? 34   GLN A OE1 1 
ATOM   269  N NE2 . GLN A 1 35 ? -1.086  -2.787  -13.234 1.00 13.72 ? 34   GLN A NE2 1 
ATOM   270  N N   . ARG A 1 36 ? -7.436  -2.931  -10.612 1.00 14.47 ? 35   ARG A N   1 
ATOM   271  C CA  . ARG A 1 36 ? -8.750  -3.554  -10.459 1.00 14.88 ? 35   ARG A CA  1 
ATOM   272  C C   . ARG A 1 36 ? -9.808  -2.473  -10.169 1.00 14.85 ? 35   ARG A C   1 
ATOM   273  O O   . ARG A 1 36 ? -10.445 -2.482  -9.140  1.00 15.08 ? 35   ARG A O   1 
ATOM   274  C CB  . ARG A 1 36 ? -8.716  -4.573  -9.313  1.00 15.10 ? 35   ARG A CB  1 
ATOM   275  C CG  . ARG A 1 36 ? -8.665  -6.043  -9.682  1.00 16.12 ? 35   ARG A CG  1 
ATOM   276  C CD  . ARG A 1 36 ? -7.774  -6.355  -10.862 1.00 17.81 ? 35   ARG A CD  1 
ATOM   277  N NE  . ARG A 1 36 ? -6.645  -7.199  -10.529 1.00 18.81 ? 35   ARG A NE  1 
ATOM   278  C CZ  . ARG A 1 36 ? -6.497  -8.445  -10.954 1.00 20.08 ? 35   ARG A CZ  1 
ATOM   279  N NH1 . ARG A 1 36 ? -7.415  -8.994  -11.718 1.00 19.13 ? 35   ARG A NH1 1 
ATOM   280  N NH2 . ARG A 1 36 ? -5.425  -9.137  -10.617 1.00 19.43 ? 35   ARG A NH2 1 
ATOM   281  N N   . THR A 1 37 ? -9.939  -1.538  -11.103 1.00 12.89 ? 37   THR A N   1 
ATOM   282  C CA  . THR A 1 37 ? -10.790 -0.370  -11.006 1.00 12.35 ? 37   THR A CA  1 
ATOM   283  C C   . THR A 1 37 ? -12.143 -0.592  -11.682 1.00 12.78 ? 37   THR A C   1 
ATOM   284  O O   . THR A 1 37 ? -12.264 -1.398  -12.587 1.00 12.78 ? 37   THR A O   1 
ATOM   285  C CB  . THR A 1 37 ? -10.146 0.863   -11.696 1.00 12.75 ? 37   THR A CB  1 
ATOM   286  O OG1 . THR A 1 37 ? -9.903  0.575   -13.074 1.00 13.62 ? 37   THR A OG1 1 
ATOM   287  C CG2 . THR A 1 37 ? -8.837  1.285   -11.029 1.00 11.24 ? 37   THR A CG2 1 
ATOM   288  N N   . PRO A 1 38 ? -13.196 0.194   -11.178 1.00 12.71 ? 38   PRO A N   1 
ATOM   289  C CA  . PRO A 1 38 ? -14.412 0.121   -11.996 1.00 12.81 ? 38   PRO A CA  1 
ATOM   290  C C   . PRO A 1 38 ? -14.146 0.513   -13.453 1.00 13.14 ? 38   PRO A C   1 
ATOM   291  O O   . PRO A 1 38 ? -14.787 -0.009  -14.323 1.00 13.13 ? 38   PRO A O   1 
ATOM   292  C CB  . PRO A 1 38 ? -15.395 1.081   -11.322 1.00 12.87 ? 38   PRO A CB  1 
ATOM   293  C CG  . PRO A 1 38 ? -14.616 1.933   -10.437 1.00 12.55 ? 38   PRO A CG  1 
ATOM   294  C CD  . PRO A 1 38 ? -13.515 1.088   -9.955  1.00 12.27 ? 38   PRO A CD  1 
ATOM   295  N N   . GLU A 1 39 ? -13.178 1.387   -13.695 1.00 13.40 ? 39   GLU A N   1 
ATOM   296  C CA  A GLU A 1 39 ? -12.596 1.801   -15.138 0.50 13.83 ? 39   GLU A CA  1 
ATOM   297  C CA  B GLU A 1 39 ? -12.800 1.772   -15.092 0.50 13.88 ? 39   GLU A CA  1 
ATOM   298  C C   . GLU A 1 39 ? -12.403 0.567   -16.174 1.00 13.95 ? 39   GLU A C   1 
ATOM   299  O O   . GLU A 1 39 ? -13.132 0.348   -17.122 1.00 14.19 ? 39   GLU A O   1 
ATOM   300  C CB  A GLU A 1 39 ? -11.444 2.806   -15.001 0.50 14.04 ? 39   GLU A CB  1 
ATOM   301  C CB  B GLU A 1 39 ? -11.599 2.727   -15.084 0.50 14.14 ? 39   GLU A CB  1 
ATOM   302  C CG  A GLU A 1 39 ? -11.909 4.182   -14.616 0.50 14.57 ? 39   GLU A CG  1 
ATOM   303  C CG  B GLU A 1 39 ? -11.950 4.193   -15.218 0.50 14.93 ? 39   GLU A CG  1 
ATOM   304  C CD  A GLU A 1 39 ? -11.735 4.433   -13.136 0.50 15.73 ? 39   GLU A CD  1 
ATOM   305  C CD  B GLU A 1 39 ? -11.048 4.911   -16.216 0.50 16.60 ? 39   GLU A CD  1 
ATOM   306  O OE1 A GLU A 1 39 ? -12.109 3.568   -12.324 0.50 16.41 ? 39   GLU A OE1 1 
ATOM   307  O OE1 B GLU A 1 39 ? -9.861  5.158   -15.897 0.50 15.89 ? 39   GLU A OE1 1 
ATOM   308  O OE2 A GLU A 1 39 ? -11.197 5.494   -12.771 0.50 16.93 ? 39   GLU A OE2 1 
ATOM   309  O OE2 B GLU A 1 39 ? -11.534 5.224   -17.330 0.50 18.45 ? 39   GLU A OE2 1 
ATOM   310  N N   . ASN A 1 40 ? -11.653 -0.351  -15.570 1.00 13.54 ? 40   ASN A N   1 
ATOM   311  C CA  . ASN A 1 40 ? -11.233 -1.589  -16.197 1.00 12.77 ? 40   ASN A CA  1 
ATOM   312  C C   . ASN A 1 40 ? -12.235 -2.737  -16.081 1.00 12.38 ? 40   ASN A C   1 
ATOM   313  O O   . ASN A 1 40 ? -12.365 -3.530  -16.995 1.00 11.73 ? 40   ASN A O   1 
ATOM   314  C CB  . ASN A 1 40 ? -9.861  -2.039  -15.671 1.00 13.17 ? 40   ASN A CB  1 
ATOM   315  C CG  . ASN A 1 40 ? -8.823  -0.920  -15.667 1.00 15.41 ? 40   ASN A CG  1 
ATOM   316  O OD1 . ASN A 1 40 ? -8.804  -0.057  -16.534 1.00 15.99 ? 40   ASN A OD1 1 
ATOM   317  N ND2 . ASN A 1 40 ? -7.965  -0.937  -14.676 1.00 16.09 ? 40   ASN A ND2 1 
ATOM   318  N N   . TYR A 1 41 ? -12.912 -2.812  -14.943 1.00 11.44 ? 41   TYR A N   1 
ATOM   319  C CA  . TYR A 1 41 ? -13.902 -3.828  -14.664 1.00 10.77 ? 41   TYR A CA  1 
ATOM   320  C C   . TYR A 1 41 ? -15.285 -3.206  -14.407 1.00 10.48 ? 41   TYR A C   1 
ATOM   321  O O   . TYR A 1 41 ? -15.743 -3.163  -13.292 1.00 10.68 ? 41   TYR A O   1 
ATOM   322  C CB  . TYR A 1 41 ? -13.484 -4.642  -13.441 1.00 10.79 ? 41   TYR A CB  1 
ATOM   323  C CG  . TYR A 1 41 ? -12.225 -5.468  -13.568 1.00 10.77 ? 41   TYR A CG  1 
ATOM   324  C CD1 . TYR A 1 41 ? -10.981 -4.878  -13.580 1.00 11.27 ? 41   TYR A CD1 1 
ATOM   325  C CD2 . TYR A 1 41 ? -12.287 -6.852  -13.615 1.00 11.40 ? 41   TYR A CD2 1 
ATOM   326  C CE1 . TYR A 1 41 ? -9.840  -5.629  -13.678 1.00 11.72 ? 41   TYR A CE1 1 
ATOM   327  C CE2 . TYR A 1 41 ? -11.149 -7.619  -13.709 1.00 13.19 ? 41   TYR A CE2 1 
ATOM   328  C CZ  . TYR A 1 41 ? -9.927  -7.000  -13.735 1.00 13.33 ? 41   TYR A CZ  1 
ATOM   329  O OH  . TYR A 1 41 ? -8.818  -7.756  -13.824 1.00 16.01 ? 41   TYR A OH  1 
ATOM   330  N N   . PRO A 1 42 ? -15.958 -2.754  -15.453 1.00 9.97  ? 42   PRO A N   1 
ATOM   331  C CA  . PRO A 1 42 ? -17.190 -1.972  -15.262 1.00 9.73  ? 42   PRO A CA  1 
ATOM   332  C C   . PRO A 1 42 ? -18.421 -2.802  -14.843 1.00 9.70  ? 42   PRO A C   1 
ATOM   333  O O   . PRO A 1 42 ? -19.457 -2.265  -14.469 1.00 9.83  ? 42   PRO A O   1 
ATOM   334  C CB  . PRO A 1 42 ? -17.422 -1.338  -16.641 1.00 9.60  ? 42   PRO A CB  1 
ATOM   335  C CG  . PRO A 1 42 ? -16.168 -1.658  -17.470 1.00 9.45  ? 42   PRO A CG  1 
ATOM   336  C CD  . PRO A 1 42 ? -15.656 -2.936  -16.876 1.00 9.77  ? 42   PRO A CD  1 
ATOM   337  N N   . ASN A 1 43 ? -18.290 -4.111  -14.876 1.00 10.18 ? 43   ASN A N   1 
ATOM   338  C CA  . ASN A 1 43 ? -19.448 -4.963  -14.757 1.00 10.28 ? 43   ASN A CA  1 
ATOM   339  C C   . ASN A 1 43 ? -19.337 -5.907  -13.578 1.00 10.08 ? 43   ASN A C   1 
ATOM   340  O O   . ASN A 1 43 ? -20.013 -6.928  -13.532 1.00 10.20 ? 43   ASN A O   1 
ATOM   341  C CB  . ASN A 1 43 ? -19.641 -5.702  -16.081 1.00 10.08 ? 43   ASN A CB  1 
ATOM   342  C CG  . ASN A 1 43 ? -19.914 -4.757  -17.219 1.00 9.85  ? 43   ASN A CG  1 
ATOM   343  O OD1 . ASN A 1 43 ? -20.738 -3.851  -17.100 1.00 10.91 ? 43   ASN A OD1 1 
ATOM   344  N ND2 . ASN A 1 43 ? -19.207 -4.937  -18.327 1.00 12.88 ? 43   ASN A ND2 1 
ATOM   345  N N   . ASP A 1 44 ? -18.498 -5.531  -12.614 1.00 10.06 ? 44   ASP A N   1 
ATOM   346  C CA  . ASP A 1 44 ? -18.140 -6.386  -11.481 1.00 9.95  ? 44   ASP A CA  1 
ATOM   347  C C   . ASP A 1 44 ? -18.661 -5.837  -10.143 1.00 9.63  ? 44   ASP A C   1 
ATOM   348  O O   . ASP A 1 44 ? -18.476 -6.460  -9.097  1.00 8.97  ? 44   ASP A O   1 
ATOM   349  C CB  . ASP A 1 44 ? -16.633 -6.609  -11.437 1.00 10.06 ? 44   ASP A CB  1 
ATOM   350  C CG  . ASP A 1 44 ? -16.175 -7.721  -12.382 1.00 12.83 ? 44   ASP A CG  1 
ATOM   351  O OD1 . ASP A 1 44 ? -16.500 -8.903  -12.109 1.00 14.51 ? 44   ASP A OD1 1 
ATOM   352  O OD2 . ASP A 1 44 ? -15.470 -7.422  -13.379 1.00 13.21 ? 44   ASP A OD2 1 
ATOM   353  N N   . GLY A 1 45 ? -19.329 -4.686  -10.200 1.00 9.43  ? 45   GLY A N   1 
ATOM   354  C CA  . GLY A 1 45 ? -19.953 -4.062  -9.032  1.00 9.73  ? 45   GLY A CA  1 
ATOM   355  C C   . GLY A 1 45 ? -18.962 -3.341  -8.140  1.00 9.70  ? 45   GLY A C   1 
ATOM   356  O O   . GLY A 1 45 ? -19.112 -3.356  -6.927  1.00 9.76  ? 45   GLY A O   1 
ATOM   357  N N   . LEU A 1 46 ? -17.950 -2.708  -8.745  1.00 10.25 ? 46   LEU A N   1 
ATOM   358  C CA  . LEU A 1 46 ? -16.820 -2.132  -7.998  1.00 10.11 ? 46   LEU A CA  1 
ATOM   359  C C   . LEU A 1 46 ? -17.136 -0.726  -7.460  1.00 10.37 ? 46   LEU A C   1 
ATOM   360  O O   . LEU A 1 46 ? -16.385 0.246   -7.690  1.00 11.03 ? 46   LEU A O   1 
ATOM   361  C CB  . LEU A 1 46 ? -15.512 -2.199  -8.822  1.00 9.75  ? 46   LEU A CB  1 
ATOM   362  C CG  . LEU A 1 46 ? -14.967 -3.586  -9.193  1.00 9.10  ? 46   LEU A CG  1 
ATOM   363  C CD1 . LEU A 1 46 ? -13.539 -3.523  -9.776  1.00 11.42 ? 46   LEU A CD1 1 
ATOM   364  C CD2 . LEU A 1 46 ? -15.019 -4.584  -8.003  1.00 9.15  ? 46   LEU A CD2 1 
ATOM   365  N N   . THR A 1 47 ? -18.241 -0.681  -6.708  1.00 10.06 ? 47   THR A N   1 
ATOM   366  C CA  . THR A 1 47 ? -18.869 0.496   -6.110  1.00 9.51  ? 47   THR A CA  1 
ATOM   367  C C   . THR A 1 47 ? -18.307 0.773   -4.725  1.00 9.45  ? 47   THR A C   1 
ATOM   368  O O   . THR A 1 47 ? -18.243 -0.137  -3.875  1.00 9.59  ? 47   THR A O   1 
ATOM   369  C CB  . THR A 1 47 ? -20.392 0.251   -5.940  1.00 9.44  ? 47   THR A CB  1 
ATOM   370  O OG1 . THR A 1 47 ? -20.985 -0.024  -7.205  1.00 9.72  ? 47   THR A OG1 1 
ATOM   371  C CG2 . THR A 1 47 ? -21.113 1.442   -5.314  1.00 9.66  ? 47   THR A CG2 1 
ATOM   372  N N   . MET A 1 48 ? -17.910 2.027   -4.506  1.00 8.80  ? 48   MET A N   1 
ATOM   373  C CA  . MET A 1 48 ? -17.416 2.489   -3.202  1.00 8.81  ? 48   MET A CA  1 
ATOM   374  C C   . MET A 1 48 ? -16.274 1.567   -2.712  1.00 8.88  ? 48   MET A C   1 
ATOM   375  O O   . MET A 1 48 ? -15.348 1.261   -3.487  1.00 7.75  ? 48   MET A O   1 
ATOM   376  C CB  . MET A 1 48 ? -18.566 2.611   -2.176  1.00 8.14  ? 48   MET A CB  1 
ATOM   377  C CG  . MET A 1 48 ? -19.470 3.831   -2.400  1.00 9.05  ? 48   MET A CG  1 
ATOM   378  S SD  . MET A 1 48 ? -20.808 4.107   -1.183  1.00 12.12 ? 48   MET A SD  1 
ATOM   379  C CE  . MET A 1 48 ? -21.330 5.782   -1.651  1.00 6.57  ? 48   MET A CE  1 
ATOM   380  N N   . ASN A 1 49 ? -16.347 1.117   -1.454  1.00 8.40  ? 49   ASN A N   1 
ATOM   381  C CA  . ASN A 1 49 ? -15.300 0.234   -0.914  1.00 8.53  ? 49   ASN A CA  1 
ATOM   382  C C   . ASN A 1 49 ? -15.807 -1.151  -0.540  1.00 8.45  ? 49   ASN A C   1 
ATOM   383  O O   . ASN A 1 49 ? -15.215 -1.822  0.319   1.00 9.14  ? 49   ASN A O   1 
ATOM   384  C CB  . ASN A 1 49 ? -14.555 0.893   0.277   1.00 8.16  ? 49   ASN A CB  1 
ATOM   385  C CG  . ASN A 1 49 ? -15.468 1.189   1.474   1.00 7.28  ? 49   ASN A CG  1 
ATOM   386  O OD1 . ASN A 1 49 ? -16.675 1.481   1.327   1.00 2.84  ? 49   ASN A OD1 1 
ATOM   387  N ND2 . ASN A 1 49 ? -14.880 1.144   2.675   1.00 6.73  ? 49   ASN A ND2 1 
ATOM   388  N N   . TYR A 1 50 ? -16.889 -1.572  -1.194  1.00 8.26  ? 50   TYR A N   1 
ATOM   389  C CA  . TYR A 1 50 ? -17.609 -2.803  -0.867  1.00 7.92  ? 50   TYR A CA  1 
ATOM   390  C C   . TYR A 1 50 ? -16.845 -4.056  -1.307  1.00 7.78  ? 50   TYR A C   1 
ATOM   391  O O   . TYR A 1 50 ? -16.220 -4.089  -2.377  1.00 7.14  ? 50   TYR A O   1 
ATOM   392  C CB  . TYR A 1 50 ? -18.993 -2.823  -1.531  1.00 8.33  ? 50   TYR A CB  1 
ATOM   393  C CG  . TYR A 1 50 ? -19.965 -1.706  -1.159  1.00 9.64  ? 50   TYR A CG  1 
ATOM   394  C CD1 . TYR A 1 50 ? -19.899 -1.060  0.079   1.00 9.29  ? 50   TYR A CD1 1 
ATOM   395  C CD2 . TYR A 1 50 ? -20.982 -1.338  -2.042  1.00 10.05 ? 50   TYR A CD2 1 
ATOM   396  C CE1 . TYR A 1 50 ? -20.800 -0.076  0.422   1.00 9.58  ? 50   TYR A CE1 1 
ATOM   397  C CE2 . TYR A 1 50 ? -21.891 -0.336  -1.708  1.00 11.10 ? 50   TYR A CE2 1 
ATOM   398  C CZ  . TYR A 1 50 ? -21.793 0.284   -0.473  1.00 10.28 ? 50   TYR A CZ  1 
ATOM   399  O OH  . TYR A 1 50 ? -22.682 1.271   -0.136  1.00 10.62 ? 50   TYR A OH  1 
ATOM   400  N N   . CYS A 1 51 ? -16.926 -5.079  -0.470  1.00 7.51  ? 51   CYS A N   1 
ATOM   401  C CA  . CYS A 1 51 ? -16.315 -6.378  -0.697  1.00 7.54  ? 51   CYS A CA  1 
ATOM   402  C C   . CYS A 1 51 ? -16.787 -6.992  -2.009  1.00 7.52  ? 51   CYS A C   1 
ATOM   403  O O   . CYS A 1 51 ? -17.975 -7.108  -2.247  1.00 6.94  ? 51   CYS A O   1 
ATOM   404  C CB  . CYS A 1 51 ? -16.677 -7.281  0.480   1.00 7.58  ? 51   CYS A CB  1 
ATOM   405  S SG  . CYS A 1 51 ? -15.929 -6.663  2.004   1.00 8.15  ? 51   CYS A SG  1 
ATOM   406  N N   . ARG A 1 52 ? -15.837 -7.364  -2.860  1.00 8.05  ? 52   ARG A N   1 
ATOM   407  C CA  . ARG A 1 52 ? -16.139 -7.857  -4.201  1.00 8.27  ? 52   ARG A CA  1 
ATOM   408  C C   . ARG A 1 52 ? -15.125 -8.914  -4.607  1.00 8.55  ? 52   ARG A C   1 
ATOM   409  O O   . ARG A 1 52 ? -14.137 -9.105  -3.906  1.00 8.77  ? 52   ARG A O   1 
ATOM   410  C CB  . ARG A 1 52 ? -16.151 -6.712  -5.214  1.00 8.13  ? 52   ARG A CB  1 
ATOM   411  C CG  . ARG A 1 52 ? -17.306 -5.717  -5.071  1.00 7.47  ? 52   ARG A CG  1 
ATOM   412  C CD  . ARG A 1 52 ? -18.698 -6.343  -5.325  1.00 7.17  ? 52   ARG A CD  1 
ATOM   413  N NE  . ARG A 1 52 ? -19.765 -5.347  -5.146  1.00 8.34  ? 52   ARG A NE  1 
ATOM   414  C CZ  . ARG A 1 52 ? -20.414 -5.108  -4.000  1.00 9.64  ? 52   ARG A CZ  1 
ATOM   415  N NH1 . ARG A 1 52 ? -20.141 -5.790  -2.890  1.00 7.91  ? 52   ARG A NH1 1 
ATOM   416  N NH2 . ARG A 1 52 ? -21.356 -4.173  -3.967  1.00 10.53 ? 52   ARG A NH2 1 
ATOM   417  N N   . ASN A 1 53 ? -15.378 -9.584  -5.736  1.00 9.10  ? 53   ASN A N   1 
ATOM   418  C CA  . ASN A 1 53 ? -14.510 -10.634 -6.296  1.00 9.72  ? 53   ASN A CA  1 
ATOM   419  C C   . ASN A 1 53 ? -14.390 -10.492 -7.830  1.00 11.36 ? 53   ASN A C   1 
ATOM   420  O O   . ASN A 1 53 ? -15.052 -11.211 -8.590  1.00 11.95 ? 53   ASN A O   1 
ATOM   421  C CB  . ASN A 1 53 ? -15.016 -12.033 -5.874  1.00 9.20  ? 53   ASN A CB  1 
ATOM   422  C CG  . ASN A 1 53 ? -14.092 -13.185 -6.319  1.00 7.54  ? 53   ASN A CG  1 
ATOM   423  O OD1 . ASN A 1 53 ? -12.940 -12.983 -6.717  1.00 8.36  ? 53   ASN A OD1 1 
ATOM   424  N ND2 . ASN A 1 53 ? -14.604 -14.394 -6.245  1.00 2.93  ? 53   ASN A ND2 1 
ATOM   425  N N   . PRO A 1 54 ? -13.559 -9.533  -8.292  1.00 12.35 ? 54   PRO A N   1 
ATOM   426  C CA  . PRO A 1 54 ? -13.372 -9.289  -9.734  1.00 12.64 ? 54   PRO A CA  1 
ATOM   427  C C   . PRO A 1 54 ? -12.463 -10.310 -10.483 1.00 13.11 ? 54   PRO A C   1 
ATOM   428  O O   . PRO A 1 54 ? -12.547 -10.412 -11.716 1.00 12.43 ? 54   PRO A O   1 
ATOM   429  C CB  . PRO A 1 54 ? -12.751 -7.877  -9.783  1.00 12.83 ? 54   PRO A CB  1 
ATOM   430  C CG  . PRO A 1 54 ? -12.567 -7.431  -8.310  1.00 12.65 ? 54   PRO A CG  1 
ATOM   431  C CD  . PRO A 1 54 ? -12.764 -8.611  -7.451  1.00 11.96 ? 54   PRO A CD  1 
ATOM   432  N N   . ASP A 1 55 ? -11.635 -11.052 -9.741  1.00 12.50 ? 55   ASP A N   1 
ATOM   433  C CA  . ASP A 1 55 ? -10.590 -11.912 -10.319 1.00 12.71 ? 55   ASP A CA  1 
ATOM   434  C C   . ASP A 1 55 ? -10.804 -13.429 -10.114 1.00 12.65 ? 55   ASP A C   1 
ATOM   435  O O   . ASP A 1 55 ? -9.855  -14.216 -10.251 1.00 13.07 ? 55   ASP A O   1 
ATOM   436  C CB  . ASP A 1 55 ? -9.233  -11.506 -9.731  1.00 12.33 ? 55   ASP A CB  1 
ATOM   437  C CG  . ASP A 1 55 ? -9.197  -11.620 -8.216  1.00 12.55 ? 55   ASP A CG  1 
ATOM   438  O OD1 . ASP A 1 55 ? -10.254 -11.624 -7.564  1.00 14.49 ? 55   ASP A OD1 1 
ATOM   439  O OD2 . ASP A 1 55 ? -8.107  -11.729 -7.659  1.00 13.78 ? 55   ASP A OD2 1 
ATOM   440  N N   . ALA A 1 56 ? -12.024 -13.814 -9.779  1.00 12.08 ? 56   ALA A N   1 
ATOM   441  C CA  . ALA A 1 56 ? -12.376 -15.202 -9.517  1.00 12.09 ? 56   ALA A CA  1 
ATOM   442  C C   . ALA A 1 56 ? -11.545 -15.809 -8.394  1.00 11.67 ? 56   ALA A C   1 
ATOM   443  O O   . ALA A 1 56 ? -10.917 -16.828 -8.548  1.00 12.79 ? 56   ALA A O   1 
ATOM   444  C CB  . ALA A 1 56 ? -12.277 -16.036 -10.775 1.00 11.54 ? 56   ALA A CB  1 
ATOM   445  N N   . ASP A 1 57 ? -11.541 -15.137 -7.267  1.00 11.49 ? 57   ASP A N   1 
ATOM   446  C CA  . ASP A 1 57 ? -10.891 -15.648 -6.091  1.00 11.05 ? 57   ASP A CA  1 
ATOM   447  C C   . ASP A 1 57 ? -11.902 -16.574 -5.388  1.00 11.00 ? 57   ASP A C   1 
ATOM   448  O O   . ASP A 1 57 ? -12.909 -16.938 -5.966  1.00 10.87 ? 57   ASP A O   1 
ATOM   449  C CB  . ASP A 1 57 ? -10.405 -14.497 -5.212  1.00 10.78 ? 57   ASP A CB  1 
ATOM   450  C CG  . ASP A 1 57 ? -9.224  -14.877 -4.348  1.00 10.45 ? 57   ASP A CG  1 
ATOM   451  O OD1 . ASP A 1 57 ? -9.106  -16.034 -3.979  1.00 13.60 ? 57   ASP A OD1 1 
ATOM   452  O OD2 . ASP A 1 57 ? -8.414  -14.032 -4.026  1.00 11.02 ? 57   ASP A OD2 1 
ATOM   453  N N   . THR A 1 58 ? -11.616 -16.963 -4.164  1.00 10.54 ? 58   THR A N   1 
ATOM   454  C CA  . THR A 1 58 ? -12.441 -17.942 -3.479  1.00 9.95  ? 58   THR A CA  1 
ATOM   455  C C   . THR A 1 58 ? -13.417 -17.319 -2.464  1.00 10.56 ? 58   THR A C   1 
ATOM   456  O O   . THR A 1 58 ? -14.265 -18.000 -1.901  1.00 9.24  ? 58   THR A O   1 
ATOM   457  C CB  . THR A 1 58 ? -11.589 -19.085 -2.908  1.00 9.93  ? 58   THR A CB  1 
ATOM   458  O OG1 . THR A 1 58 ? -10.457 -18.560 -2.217  1.00 10.03 ? 58   THR A OG1 1 
ATOM   459  C CG2 . THR A 1 58 ? -11.102 -19.942 -4.042  1.00 8.69  ? 58   THR A CG2 1 
ATOM   460  N N   . GLY A 1 59 ? -13.295 -15.997 -2.301  1.00 10.20 ? 60   GLY A N   1 
ATOM   461  C CA  . GLY A 1 59 ? -14.247 -15.193 -1.574  1.00 9.33  ? 60   GLY A CA  1 
ATOM   462  C C   . GLY A 1 59 ? -14.221 -13.706 -1.879  1.00 9.33  ? 60   GLY A C   1 
ATOM   463  O O   . GLY A 1 59 ? -13.282 -13.228 -2.474  1.00 9.08  ? 60   GLY A O   1 
ATOM   464  N N   . PRO A 1 60 ? -15.337 -12.971 -1.436  1.00 9.22  ? 61   PRO A N   1 
ATOM   465  C CA  . PRO A 1 60 ? -15.185 -11.522 -1.599  1.00 9.19  ? 61   PRO A CA  1 
ATOM   466  C C   . PRO A 1 60 ? -14.013 -10.934 -0.806  1.00 8.79  ? 61   PRO A C   1 
ATOM   467  O O   . PRO A 1 60 ? -13.771 -11.313 0.310   1.00 7.99  ? 61   PRO A O   1 
ATOM   468  C CB  . PRO A 1 60 ? -16.503 -10.945 -1.071  1.00 9.31  ? 61   PRO A CB  1 
ATOM   469  C CG  . PRO A 1 60 ? -17.489 -12.003 -1.248  1.00 9.45  ? 61   PRO A CG  1 
ATOM   470  C CD  . PRO A 1 60 ? -16.727 -13.191 -0.804  1.00 9.27  ? 61   PRO A CD  1 
ATOM   471  N N   . TRP A 1 61 ? -13.330 -9.989  -1.430  1.00 8.84  ? 62   TRP A N   1 
ATOM   472  C CA  . TRP A 1 61 ? -12.148 -9.342  -0.896  1.00 8.69  ? 62   TRP A CA  1 
ATOM   473  C C   . TRP A 1 61 ? -12.066 -7.829  -1.201  1.00 8.73  ? 62   TRP A C   1 
ATOM   474  O O   . TRP A 1 61 ? -12.971 -7.262  -1.776  1.00 7.85  ? 62   TRP A O   1 
ATOM   475  C CB  . TRP A 1 61 ? -10.914 -10.056 -1.434  1.00 8.59  ? 62   TRP A CB  1 
ATOM   476  C CG  . TRP A 1 61 ? -10.740 -9.970  -2.915  1.00 9.45  ? 62   TRP A CG  1 
ATOM   477  C CD1 . TRP A 1 61 ? -11.268 -10.803 -3.856  1.00 10.32 ? 62   TRP A CD1 1 
ATOM   478  C CD2 . TRP A 1 61 ? -9.951  -9.024  -3.625  1.00 8.67  ? 62   TRP A CD2 1 
ATOM   479  N NE1 . TRP A 1 61 ? -10.869 -10.421 -5.102  1.00 9.68  ? 62   TRP A NE1 1 
ATOM   480  C CE2 . TRP A 1 61 ? -10.065 -9.325  -4.991  1.00 8.34  ? 62   TRP A CE2 1 
ATOM   481  C CE3 . TRP A 1 61 ? -9.175  -7.931  -3.243  1.00 9.45  ? 62   TRP A CE3 1 
ATOM   482  C CZ2 . TRP A 1 61 ? -9.429  -8.576  -5.968  1.00 8.56  ? 62   TRP A CZ2 1 
ATOM   483  C CZ3 . TRP A 1 61 ? -8.547  -7.198  -4.213  1.00 7.73  ? 62   TRP A CZ3 1 
ATOM   484  C CH2 . TRP A 1 61 ? -8.676  -7.520  -5.553  1.00 9.07  ? 62   TRP A CH2 1 
ATOM   485  N N   . CYS A 1 62 ? -10.967 -7.194  -0.800  1.00 8.84  ? 63   CYS A N   1 
ATOM   486  C CA  . CYS A 1 62 ? -10.732 -5.800  -1.137  1.00 9.04  ? 63   CYS A CA  1 
ATOM   487  C C   . CYS A 1 62 ? -9.288  -5.451  -0.840  1.00 8.76  ? 63   CYS A C   1 
ATOM   488  O O   . CYS A 1 62 ? -8.615  -6.164  -0.098  1.00 9.08  ? 63   CYS A O   1 
ATOM   489  C CB  . CYS A 1 62 ? -11.656 -4.895  -0.324  1.00 9.20  ? 63   CYS A CB  1 
ATOM   490  S SG  . CYS A 1 62 ? -11.418 -4.996  1.478   1.00 9.75  ? 63   CYS A SG  1 
ATOM   491  N N   . PHE A 1 63 ? -8.808  -4.355  -1.416  1.00 8.32  ? 64   PHE A N   1 
ATOM   492  C CA  . PHE A 1 63 ? -7.530  -3.784  -0.991  1.00 7.98  ? 64   PHE A CA  1 
ATOM   493  C C   . PHE A 1 63 ? -7.844  -3.083  0.320   1.00 7.75  ? 64   PHE A C   1 
ATOM   494  O O   . PHE A 1 63 ? -8.979  -2.669  0.539   1.00 8.15  ? 64   PHE A O   1 
ATOM   495  C CB  . PHE A 1 63 ? -6.990  -2.808  -2.049  1.00 7.70  ? 64   PHE A CB  1 
ATOM   496  C CG  . PHE A 1 63 ? -6.709  -3.451  -3.391  1.00 7.70  ? 64   PHE A CG  1 
ATOM   497  C CD1 . PHE A 1 63 ? -5.459  -4.015  -3.667  1.00 6.36  ? 64   PHE A CD1 1 
ATOM   498  C CD2 . PHE A 1 63 ? -7.686  -3.479  -4.389  1.00 6.82  ? 64   PHE A CD2 1 
ATOM   499  C CE1 . PHE A 1 63 ? -5.196  -4.607  -4.902  1.00 5.73  ? 64   PHE A CE1 1 
ATOM   500  C CE2 . PHE A 1 63 ? -7.418  -4.059  -5.631  1.00 5.71  ? 64   PHE A CE2 1 
ATOM   501  C CZ  . PHE A 1 63 ? -6.170  -4.630  -5.876  1.00 4.86  ? 64   PHE A CZ  1 
ATOM   502  N N   . THR A 1 64 ? -6.869  -2.968  1.217   1.00 8.58  ? 65   THR A N   1 
ATOM   503  C CA  . THR A 1 64 ? -7.171  -2.448  2.564   1.00 8.86  ? 65   THR A CA  1 
ATOM   504  C C   . THR A 1 64 ? -6.639  -1.026  2.771   1.00 9.34  ? 65   THR A C   1 
ATOM   505  O O   . THR A 1 64 ? -5.710  -0.590  2.092   1.00 9.01  ? 65   THR A O   1 
ATOM   506  C CB  . THR A 1 64 ? -6.678  -3.402  3.699   1.00 9.01  ? 65   THR A CB  1 
ATOM   507  O OG1 . THR A 1 64 ? -5.377  -2.997  4.149   1.00 9.77  ? 65   THR A OG1 1 
ATOM   508  C CG2 . THR A 1 64 ? -6.640  -4.884  3.226   1.00 8.61  ? 65   THR A CG2 1 
ATOM   509  N N   . MET A 1 65 ? -7.237  -0.320  3.731   1.00 10.05 ? 66   MET A N   1 
ATOM   510  C CA  . MET A 1 65 ? -6.847  1.038   4.068   1.00 10.01 ? 66   MET A CA  1 
ATOM   511  C C   . MET A 1 65 ? -5.581  1.072   4.924   1.00 9.78  ? 66   MET A C   1 
ATOM   512  O O   . MET A 1 65 ? -5.023  2.134   5.182   1.00 10.14 ? 66   MET A O   1 
ATOM   513  C CB  . MET A 1 65 ? -8.008  1.770   4.751   1.00 10.06 ? 66   MET A CB  1 
ATOM   514  C CG  . MET A 1 65 ? -9.086  2.236   3.793   1.00 11.76 ? 66   MET A CG  1 
ATOM   515  S SD  . MET A 1 65 ? -8.525  3.315   2.441   1.00 15.80 ? 66   MET A SD  1 
ATOM   516  C CE  . MET A 1 65 ? -8.065  4.803   3.370   1.00 14.58 ? 66   MET A CE  1 
ATOM   517  N N   . ASP A 1 66 ? -5.146  -0.094  5.365   1.00 9.93  ? 67   ASP A N   1 
ATOM   518  C CA  . ASP A 1 66 ? -3.866  -0.258  6.036   1.00 10.26 ? 67   ASP A CA  1 
ATOM   519  C C   . ASP A 1 66 ? -2.762  -0.244  4.971   1.00 10.00 ? 67   ASP A C   1 
ATOM   520  O O   . ASP A 1 66 ? -2.685  -1.162  4.151   1.00 10.46 ? 67   ASP A O   1 
ATOM   521  C CB  . ASP A 1 66 ? -3.873  -1.577  6.837   1.00 10.72 ? 67   ASP A CB  1 
ATOM   522  C CG  . ASP A 1 66 ? -2.580  -1.814  7.629   1.00 11.69 ? 67   ASP A CG  1 
ATOM   523  O OD1 . ASP A 1 66 ? -1.491  -1.410  7.190   1.00 13.69 ? 67   ASP A OD1 1 
ATOM   524  O OD2 . ASP A 1 66 ? -2.647  -2.434  8.702   1.00 13.56 ? 67   ASP A OD2 1 
ATOM   525  N N   . PRO A 1 67 ? -1.874  0.777   4.995   1.00 9.87  ? 68   PRO A N   1 
ATOM   526  C CA  . PRO A 1 67 ? -0.811  0.894   3.993   1.00 9.79  ? 68   PRO A CA  1 
ATOM   527  C C   . PRO A 1 67 ? 0.143   -0.307  3.910   1.00 10.04 ? 68   PRO A C   1 
ATOM   528  O O   . PRO A 1 67 ? 0.792   -0.496  2.869   1.00 10.52 ? 68   PRO A O   1 
ATOM   529  C CB  . PRO A 1 67 ? -0.031  2.120   4.446   1.00 10.06 ? 68   PRO A CB  1 
ATOM   530  C CG  . PRO A 1 67 ? -0.849  2.774   5.467   1.00 10.47 ? 68   PRO A CG  1 
ATOM   531  C CD  . PRO A 1 67 ? -1.697  1.750   6.082   1.00 9.70  ? 68   PRO A CD  1 
ATOM   532  N N   . SER A 1 68 ? 0.236   -1.105  4.980   1.00 9.52  ? 69   SER A N   1 
ATOM   533  C CA  . SER A 1 68 ? 1.170   -2.241  5.014   1.00 9.41  ? 69   SER A CA  1 
ATOM   534  C C   . SER A 1 68 ? 0.551   -3.555  4.531   1.00 9.67  ? 69   SER A C   1 
ATOM   535  O O   . SER A 1 68 ? 1.269   -4.531  4.316   1.00 10.23 ? 69   SER A O   1 
ATOM   536  C CB  . SER A 1 68 ? 1.759   -2.421  6.420   1.00 9.22  ? 69   SER A CB  1 
ATOM   537  O OG  . SER A 1 68 ? 0.739   -2.758  7.365   1.00 8.89  ? 69   SER A OG  1 
ATOM   538  N N   . ILE A 1 69 ? -0.771  -3.573  4.347   1.00 9.36  ? 70   ILE A N   1 
ATOM   539  C CA  . ILE A 1 69 ? -1.498  -4.791  3.957   1.00 9.25  ? 70   ILE A CA  1 
ATOM   540  C C   . ILE A 1 69 ? -2.274  -4.513  2.688   1.00 8.91  ? 70   ILE A C   1 
ATOM   541  O O   . ILE A 1 69 ? -3.354  -3.897  2.734   1.00 8.24  ? 70   ILE A O   1 
ATOM   542  C CB  . ILE A 1 69 ? -2.507  -5.256  5.050   1.00 9.19  ? 70   ILE A CB  1 
ATOM   543  C CG1 . ILE A 1 69 ? -1.805  -5.498  6.399   1.00 8.82  ? 70   ILE A CG1 1 
ATOM   544  C CG2 . ILE A 1 69 ? -3.270  -6.501  4.575   1.00 9.09  ? 70   ILE A CG2 1 
ATOM   545  C CD1 . ILE A 1 69 ? -0.814  -6.673  6.424   1.00 9.20  ? 70   ILE A CD1 1 
ATOM   546  N N   . ARG A 1 70 ? -1.711  -4.952  1.556   1.00 8.67  ? 71   ARG A N   1 
ATOM   547  C CA  . ARG A 1 70 ? -2.284  -4.653  0.244   1.00 8.30  ? 71   ARG A CA  1 
ATOM   548  C C   . ARG A 1 70 ? -3.762  -5.093  0.033   1.00 7.85  ? 71   ARG A C   1 
ATOM   549  O O   . ARG A 1 70 ? -4.577  -4.284  -0.392  1.00 7.41  ? 71   ARG A O   1 
ATOM   550  C CB  . ARG A 1 70 ? -1.379  -5.178  -0.875  1.00 8.32  ? 71   ARG A CB  1 
ATOM   551  C CG  . ARG A 1 70 ? -1.925  -4.920  -2.273  1.00 8.11  ? 71   ARG A CG  1 
ATOM   552  C CD  . ARG A 1 70 ? -0.949  -5.322  -3.364  1.00 10.23 ? 71   ARG A CD  1 
ATOM   553  N NE  . ARG A 1 70 ? -1.487  -5.056  -4.700  1.00 9.40  ? 71   ARG A NE  1 
ATOM   554  C CZ  . ARG A 1 70 ? -1.397  -3.884  -5.327  1.00 10.62 ? 71   ARG A CZ  1 
ATOM   555  N NH1 . ARG A 1 70 ? -0.780  -2.851  -4.735  1.00 8.75  ? 71   ARG A NH1 1 
ATOM   556  N NH2 . ARG A 1 70 ? -1.920  -3.740  -6.546  1.00 7.63  ? 71   ARG A NH2 1 
ATOM   557  N N   . TRP A 1 71 ? -4.085  -6.358  0.317   1.00 7.69  ? 72   TRP A N   1 
ATOM   558  C CA  . TRP A 1 71 ? -5.436  -6.903  0.095   1.00 8.13  ? 72   TRP A CA  1 
ATOM   559  C C   . TRP A 1 71 ? -5.791  -7.964  1.145   1.00 8.40  ? 72   TRP A C   1 
ATOM   560  O O   . TRP A 1 71 ? -4.901  -8.595  1.698   1.00 8.91  ? 72   TRP A O   1 
ATOM   561  C CB  . TRP A 1 71 ? -5.609  -7.473  -1.340  1.00 7.48  ? 72   TRP A CB  1 
ATOM   562  C CG  . TRP A 1 71 ? -4.922  -8.804  -1.563  1.00 8.48  ? 72   TRP A CG  1 
ATOM   563  C CD1 . TRP A 1 71 ? -3.618  -9.004  -1.907  1.00 7.49  ? 72   TRP A CD1 1 
ATOM   564  C CD2 . TRP A 1 71 ? -5.513  -10.124 -1.451  1.00 8.46  ? 72   TRP A CD2 1 
ATOM   565  N NE1 . TRP A 1 71 ? -3.357  -10.354 -2.008  1.00 8.15  ? 72   TRP A NE1 1 
ATOM   566  C CE2 . TRP A 1 71 ? -4.494  -11.062 -1.720  1.00 8.18  ? 72   TRP A CE2 1 
ATOM   567  C CE3 . TRP A 1 71 ? -6.792  -10.596 -1.115  1.00 7.28  ? 72   TRP A CE3 1 
ATOM   568  C CZ2 . TRP A 1 71 ? -4.719  -12.453 -1.691  1.00 7.96  ? 72   TRP A CZ2 1 
ATOM   569  C CZ3 . TRP A 1 71 ? -7.013  -11.963 -1.094  1.00 7.28  ? 72   TRP A CZ3 1 
ATOM   570  C CH2 . TRP A 1 71 ? -5.981  -12.877 -1.376  1.00 7.07  ? 72   TRP A CH2 1 
ATOM   571  N N   . GLU A 1 72 ? -7.089  -8.166  1.398   1.00 8.15  ? 73   GLU A N   1 
ATOM   572  C CA  . GLU A 1 72 ? -7.558  -9.223  2.316   1.00 7.85  ? 73   GLU A CA  1 
ATOM   573  C C   . GLU A 1 72 ? -8.936  -9.747  1.911   1.00 7.35  ? 73   GLU A C   1 
ATOM   574  O O   . GLU A 1 72 ? -9.697  -9.073  1.211   1.00 6.71  ? 73   GLU A O   1 
ATOM   575  C CB  . GLU A 1 72 ? -7.677  -8.701  3.750   1.00 7.91  ? 73   GLU A CB  1 
ATOM   576  C CG  . GLU A 1 72 ? -6.418  -8.625  4.544   1.00 8.51  ? 73   GLU A CG  1 
ATOM   577  C CD  . GLU A 1 72 ? -6.698  -8.086  5.931   1.00 9.78  ? 73   GLU A CD  1 
ATOM   578  O OE1 . GLU A 1 72 ? -7.275  -6.981  6.041   1.00 8.52  ? 73   GLU A OE1 1 
ATOM   579  O OE2 . GLU A 1 72 ? -6.373  -8.778  6.916   1.00 10.36 ? 73   GLU A OE2 1 
ATOM   580  N N   . TYR A 1 73 ? -9.256  -10.953 2.368   1.00 7.43  ? 74   TYR A N   1 
ATOM   581  C CA  . TYR A 1 73 ? -10.624 -11.463 2.253   1.00 7.31  ? 74   TYR A CA  1 
ATOM   582  C C   . TYR A 1 73 ? -11.493 -10.712 3.242   1.00 7.40  ? 74   TYR A C   1 
ATOM   583  O O   . TYR A 1 73 ? -11.008 -10.292 4.299   1.00 6.52  ? 74   TYR A O   1 
ATOM   584  C CB  . TYR A 1 73 ? -10.681 -12.959 2.538   1.00 6.63  ? 74   TYR A CB  1 
ATOM   585  C CG  . TYR A 1 73 ? -10.008 -13.785 1.478   1.00 7.94  ? 74   TYR A CG  1 
ATOM   586  C CD1 . TYR A 1 73 ? -10.636 -14.020 0.245   1.00 6.89  ? 74   TYR A CD1 1 
ATOM   587  C CD2 . TYR A 1 73 ? -8.728  -14.333 1.699   1.00 7.15  ? 74   TYR A CD2 1 
ATOM   588  C CE1 . TYR A 1 73 ? -10.003 -14.775 -0.748  1.00 7.65  ? 74   TYR A CE1 1 
ATOM   589  C CE2 . TYR A 1 73 ? -8.102  -15.088 0.719   1.00 7.51  ? 74   TYR A CE2 1 
ATOM   590  C CZ  . TYR A 1 73 ? -8.749  -15.311 -0.506  1.00 8.55  ? 74   TYR A CZ  1 
ATOM   591  O OH  . TYR A 1 73 ? -8.132  -16.069 -1.496  1.00 9.72  ? 74   TYR A OH  1 
ATOM   592  N N   . CYS A 1 74 ? -12.759 -10.524 2.875   1.00 7.86  ? 75   CYS A N   1 
ATOM   593  C CA  . CYS A 1 74 ? -13.750 -9.871  3.734   1.00 8.31  ? 75   CYS A CA  1 
ATOM   594  C C   . CYS A 1 74 ? -14.337 -10.802 4.773   1.00 8.87  ? 75   CYS A C   1 
ATOM   595  O O   . CYS A 1 74 ? -14.412 -11.997 4.530   1.00 8.80  ? 75   CYS A O   1 
ATOM   596  C CB  . CYS A 1 74 ? -14.850 -9.296  2.875   1.00 8.17  ? 75   CYS A CB  1 
ATOM   597  S SG  . CYS A 1 74 ? -14.263 -7.810  2.074   1.00 9.24  ? 75   CYS A SG  1 
ATOM   598  N N   . ALA A 1 75 ? -14.734 -10.245 5.928   1.00 9.52  ? 76   ALA A N   1 
ATOM   599  C CA  . ALA A 1 75 ? -15.327 -11.002 7.060   1.00 10.44 ? 76   ALA A CA  1 
ATOM   600  C C   . ALA A 1 75 ? -16.808 -11.363 6.773   1.00 11.57 ? 76   ALA A C   1 
ATOM   601  O O   . ALA A 1 75 ? -17.751 -10.890 7.433   1.00 11.77 ? 76   ALA A O   1 
ATOM   602  C CB  . ALA A 1 75 ? -15.186 -10.217 8.359   1.00 9.44  ? 76   ALA A CB  1 
ATOM   603  N N   . LEU A 1 76 ? -16.983 -12.171 5.734   1.00 12.40 ? 77   LEU A N   1 
ATOM   604  C CA  . LEU A 1 76 ? -18.266 -12.682 5.324   1.00 13.74 ? 77   LEU A CA  1 
ATOM   605  C C   . LEU A 1 76 ? -18.074 -14.178 5.310   1.00 14.62 ? 77   LEU A C   1 
ATOM   606  O O   . LEU A 1 76 ? -16.953 -14.662 5.167   1.00 14.71 ? 77   LEU A O   1 
ATOM   607  C CB  . LEU A 1 76 ? -18.617 -12.216 3.913   1.00 13.26 ? 77   LEU A CB  1 
ATOM   608  C CG  . LEU A 1 76 ? -18.956 -10.754 3.680   1.00 13.78 ? 77   LEU A CG  1 
ATOM   609  C CD1 . LEU A 1 76 ? -19.127 -10.532 2.184   1.00 14.56 ? 77   LEU A CD1 1 
ATOM   610  C CD2 . LEU A 1 76 ? -20.219 -10.378 4.445   1.00 14.52 ? 77   LEU A CD2 1 
ATOM   611  N N   . THR A 1 77 ? -19.175 -14.900 5.454   1.00 15.39 ? 78   THR A N   1 
ATOM   612  C CA  . THR A 1 77 ? -19.156 -16.345 5.431   1.00 16.56 ? 78   THR A CA  1 
ATOM   613  C C   . THR A 1 77 ? -19.835 -16.870 4.138   1.00 17.49 ? 78   THR A C   1 
ATOM   614  O O   . THR A 1 77 ? -20.596 -16.141 3.490   1.00 17.42 ? 78   THR A O   1 
ATOM   615  C CB  . THR A 1 77 ? -19.788 -16.880 6.728   1.00 16.02 ? 78   THR A CB  1 
ATOM   616  O OG1 . THR A 1 77 ? -19.554 -18.287 6.826   1.00 19.30 ? 78   THR A OG1 1 
ATOM   617  C CG2 . THR A 1 77 ? -21.296 -16.571 6.806   1.00 14.83 ? 78   THR A CG2 1 
ATOM   618  N N   . ARG A 1 78 ? -19.537 -18.108 3.750   1.00 18.34 ? 79   ARG A N   1 
ATOM   619  C CA  . ARG A 1 78 ? -20.167 -18.713 2.571   1.00 19.52 ? 79   ARG A CA  1 
ATOM   620  C C   . ARG A 1 78 ? -21.569 -19.225 2.930   1.00 20.23 ? 79   ARG A C   1 
ATOM   621  O O   . ARG A 1 78 ? -21.716 -19.999 3.891   1.00 19.98 ? 79   ARG A O   1 
ATOM   622  C CB  . ARG A 1 78 ? -19.297 -19.853 2.029   1.00 19.56 ? 79   ARG A CB  1 
ATOM   623  C CG  . ARG A 1 78 ? -19.315 -20.013 0.501   1.00 21.28 ? 79   ARG A CG  1 
ATOM   624  C CD  . ARG A 1 78 ? -20.194 -21.168 0.012   1.00 24.18 ? 79   ARG A CD  1 
ATOM   625  N NE  . ARG A 1 78 ? -19.400 -22.327 -0.406  1.00 27.08 ? 79   ARG A NE  1 
ATOM   626  C CZ  . ARG A 1 78 ? -19.802 -23.250 -1.284  1.00 27.01 ? 79   ARG A CZ  1 
ATOM   627  N NH1 . ARG A 1 78 ? -20.996 -23.177 -1.855  1.00 29.05 ? 79   ARG A NH1 1 
ATOM   628  N NH2 . ARG A 1 78 ? -19.006 -24.253 -1.598  1.00 27.15 ? 79   ARG A NH2 1 
ATOM   629  N N   . CYS A 1 79 ? -22.589 -18.782 2.176   1.00 21.11 ? 80   CYS A N   1 
ATOM   630  C CA  . CYS A 1 79 ? -23.973 -19.234 2.385   1.00 22.06 ? 80   CYS A CA  1 
ATOM   631  C C   . CYS A 1 79 ? -24.054 -20.728 2.178   1.00 22.48 ? 80   CYS A C   1 
ATOM   632  O O   . CYS A 1 79 ? -24.780 -21.386 2.905   1.00 23.09 ? 80   CYS A O   1 
ATOM   633  C CB  . CYS A 1 79 ? -24.966 -18.597 1.421   1.00 21.91 ? 80   CYS A CB  1 
ATOM   634  S SG  . CYS A 1 79 ? -25.194 -16.829 1.410   1.00 22.94 ? 80   CYS A SG  1 
ATOM   635  O OXT . CYS A 1 79 ? -23.408 -21.297 1.295   1.00 22.52 ? 80   CYS A OXT 1 
ATOM   636  N N   . CYS B 1 2  ? 24.360  4.157   -6.747  1.00 22.85 ? 1    CYS B N   1 
ATOM   637  C CA  . CYS B 1 2  ? 23.693  2.810   -6.678  1.00 22.85 ? 1    CYS B CA  1 
ATOM   638  C C   . CYS B 1 2  ? 23.708  2.146   -5.288  1.00 22.53 ? 1    CYS B C   1 
ATOM   639  O O   . CYS B 1 2  ? 24.574  2.432   -4.455  1.00 22.45 ? 1    CYS B O   1 
ATOM   640  C CB  . CYS B 1 2  ? 24.287  1.844   -7.722  1.00 22.83 ? 1    CYS B CB  1 
ATOM   641  S SG  . CYS B 1 2  ? 26.039  1.295   -7.477  1.00 24.24 ? 1    CYS B SG  1 
ATOM   642  N N   . TYR B 1 3  ? 22.751  1.238   -5.060  1.00 21.68 ? 2    TYR B N   1 
ATOM   643  C CA  . TYR B 1 3  ? 22.737  0.396   -3.855  1.00 20.67 ? 2    TYR B CA  1 
ATOM   644  C C   . TYR B 1 3  ? 23.105  -1.072  -4.136  1.00 20.22 ? 2    TYR B C   1 
ATOM   645  O O   . TYR B 1 3  ? 23.035  -1.548  -5.269  1.00 19.74 ? 2    TYR B O   1 
ATOM   646  C CB  . TYR B 1 3  ? 21.371  0.472   -3.167  1.00 20.48 ? 2    TYR B CB  1 
ATOM   647  C CG  . TYR B 1 3  ? 20.210  -0.045  -4.001  1.00 20.34 ? 2    TYR B CG  1 
ATOM   648  C CD1 . TYR B 1 3  ? 19.512  0.812   -4.862  1.00 19.60 ? 2    TYR B CD1 1 
ATOM   649  C CD2 . TYR B 1 3  ? 19.797  -1.383  -3.924  1.00 20.65 ? 2    TYR B CD2 1 
ATOM   650  C CE1 . TYR B 1 3  ? 18.447  0.357   -5.624  1.00 19.55 ? 2    TYR B CE1 1 
ATOM   651  C CE2 . TYR B 1 3  ? 18.720  -1.842  -4.688  1.00 19.60 ? 2    TYR B CE2 1 
ATOM   652  C CZ  . TYR B 1 3  ? 18.055  -0.963  -5.535  1.00 19.46 ? 2    TYR B CZ  1 
ATOM   653  O OH  . TYR B 1 3  ? 16.987  -1.384  -6.301  1.00 19.23 ? 2    TYR B OH  1 
ATOM   654  N N   . HIS B 1 4  ? 23.469  -1.794  -3.084  1.00 19.65 ? 3    HIS B N   1 
ATOM   655  C CA  . HIS B 1 4  ? 23.761  -3.220  -3.209  1.00 19.25 ? 3    HIS B CA  1 
ATOM   656  C C   . HIS B 1 4  ? 22.616  -4.130  -2.746  1.00 18.84 ? 3    HIS B C   1 
ATOM   657  O O   . HIS B 1 4  ? 22.048  -3.932  -1.671  1.00 18.49 ? 3    HIS B O   1 
ATOM   658  C CB  . HIS B 1 4  ? 25.030  -3.548  -2.430  1.00 19.67 ? 3    HIS B CB  1 
ATOM   659  C CG  . HIS B 1 4  ? 26.264  -2.913  -2.990  1.00 20.09 ? 3    HIS B CG  1 
ATOM   660  N ND1 . HIS B 1 4  ? 27.044  -3.527  -3.950  1.00 19.00 ? 3    HIS B ND1 1 
ATOM   661  C CD2 . HIS B 1 4  ? 26.853  -1.719  -2.726  1.00 20.31 ? 3    HIS B CD2 1 
ATOM   662  C CE1 . HIS B 1 4  ? 28.071  -2.744  -4.239  1.00 20.32 ? 3    HIS B CE1 1 
ATOM   663  N NE2 . HIS B 1 4  ? 27.974  -1.640  -3.515  1.00 20.45 ? 3    HIS B NE2 1 
ATOM   664  N N   . GLY B 1 5  ? 22.290  -5.124  -3.568  1.00 18.46 ? 4    GLY B N   1 
ATOM   665  C CA  . GLY B 1 5  ? 21.273  -6.120  -3.244  1.00 18.20 ? 4    GLY B CA  1 
ATOM   666  C C   . GLY B 1 5  ? 19.855  -5.567  -3.232  1.00 18.30 ? 4    GLY B C   1 
ATOM   667  O O   . GLY B 1 5  ? 19.365  -5.060  -4.250  1.00 18.16 ? 4    GLY B O   1 
ATOM   668  N N   . ASN B 1 6  ? 19.197  -5.664  -2.073  1.00 18.01 ? 5    ASN B N   1 
ATOM   669  C CA  . ASN B 1 6  ? 17.872  -5.060  -1.867  1.00 17.82 ? 5    ASN B CA  1 
ATOM   670  C C   . ASN B 1 6  ? 17.899  -3.636  -1.248  1.00 17.77 ? 5    ASN B C   1 
ATOM   671  O O   . ASN B 1 6  ? 16.861  -2.991  -1.102  1.00 17.70 ? 5    ASN B O   1 
ATOM   672  C CB  . ASN B 1 6  ? 16.939  -6.031  -1.116  1.00 17.73 ? 5    ASN B CB  1 
ATOM   673  C CG  . ASN B 1 6  ? 17.306  -6.208  0.356   1.00 17.58 ? 5    ASN B CG  1 
ATOM   674  O OD1 . ASN B 1 6  ? 18.292  -5.654  0.843   1.00 19.44 ? 5    ASN B OD1 1 
ATOM   675  N ND2 . ASN B 1 6  ? 16.488  -6.968  1.076   1.00 15.64 ? 5    ASN B ND2 1 
ATOM   676  N N   . GLY B 1 7  ? 19.100  -3.167  -0.900  1.00 17.74 ? 6    GLY B N   1 
ATOM   677  C CA  . GLY B 1 7  ? 19.322  -1.785  -0.462  1.00 17.72 ? 6    GLY B CA  1 
ATOM   678  C C   . GLY B 1 7  ? 19.314  -1.550  1.035   1.00 17.43 ? 6    GLY B C   1 
ATOM   679  O O   . GLY B 1 7  ? 19.469  -0.421  1.494   1.00 17.52 ? 6    GLY B O   1 
ATOM   680  N N   . GLN B 1 8  ? 19.122  -2.619  1.799   1.00 17.62 ? 7    GLN B N   1 
ATOM   681  C CA  . GLN B 1 8  ? 19.143  -2.551  3.261   1.00 17.63 ? 7    GLN B CA  1 
ATOM   682  C C   . GLN B 1 8  ? 20.424  -1.906  3.817   1.00 17.36 ? 7    GLN B C   1 
ATOM   683  O O   . GLN B 1 8  ? 20.389  -1.290  4.878   1.00 16.99 ? 7    GLN B O   1 
ATOM   684  C CB  . GLN B 1 8  ? 18.979  -3.944  3.851   1.00 17.68 ? 7    GLN B CB  1 
ATOM   685  C CG  . GLN B 1 8  ? 17.550  -4.428  3.960   1.00 20.04 ? 7    GLN B CG  1 
ATOM   686  C CD  . GLN B 1 8  ? 16.964  -4.218  5.354   1.00 23.32 ? 7    GLN B CD  1 
ATOM   687  O OE1 . GLN B 1 8  ? 15.930  -4.802  5.695   1.00 23.76 ? 7    GLN B OE1 1 
ATOM   688  N NE2 . GLN B 1 8  ? 17.627  -3.377  6.172   1.00 24.18 ? 7    GLN B NE2 1 
ATOM   689  N N   . SER B 1 9  ? 21.547  -2.038  3.100   1.00 17.33 ? 8    SER B N   1 
ATOM   690  C CA  . SER B 1 9  ? 22.836  -1.534  3.607   1.00 17.56 ? 8    SER B CA  1 
ATOM   691  C C   . SER B 1 9  ? 23.201  -0.119  3.113   1.00 16.63 ? 8    SER B C   1 
ATOM   692  O O   . SER B 1 9  ? 24.128  0.506   3.610   1.00 16.72 ? 8    SER B O   1 
ATOM   693  C CB  . SER B 1 9  ? 23.964  -2.546  3.352   1.00 18.12 ? 8    SER B CB  1 
ATOM   694  O OG  . SER B 1 9  ? 24.621  -2.318  2.110   1.00 20.44 ? 8    SER B OG  1 
ATOM   695  N N   . TYR B 1 10 ? 22.436  0.380   2.154   1.00 15.89 ? 9    TYR B N   1 
ATOM   696  C CA  . TYR B 1 10 ? 22.612  1.720   1.625   1.00 14.96 ? 9    TYR B CA  1 
ATOM   697  C C   . TYR B 1 10 ? 22.527  2.767   2.738   1.00 14.87 ? 9    TYR B C   1 
ATOM   698  O O   . TYR B 1 10 ? 21.617  2.738   3.570   1.00 14.54 ? 9    TYR B O   1 
ATOM   699  C CB  . TYR B 1 10 ? 21.586  1.988   0.512   1.00 14.66 ? 9    TYR B CB  1 
ATOM   700  C CG  . TYR B 1 10 ? 21.656  3.370   -0.057  1.00 14.18 ? 9    TYR B CG  1 
ATOM   701  C CD1 . TYR B 1 10 ? 22.682  3.735   -0.944  1.00 14.62 ? 9    TYR B CD1 1 
ATOM   702  C CD2 . TYR B 1 10 ? 20.715  4.325   0.299   1.00 14.55 ? 9    TYR B CD2 1 
ATOM   703  C CE1 . TYR B 1 10 ? 22.753  5.035   -1.463  1.00 15.18 ? 9    TYR B CE1 1 
ATOM   704  C CE2 . TYR B 1 10 ? 20.780  5.630   -0.211  1.00 15.74 ? 9    TYR B CE2 1 
ATOM   705  C CZ  . TYR B 1 10 ? 21.793  5.970   -1.089  1.00 15.48 ? 9    TYR B CZ  1 
ATOM   706  O OH  . TYR B 1 10 ? 21.834  7.246   -1.584  1.00 16.85 ? 9    TYR B OH  1 
ATOM   707  N N   . ARG B 1 11 ? 23.512  3.670   2.740   1.00 14.61 ? 10   ARG B N   1 
ATOM   708  C CA  . ARG B 1 11 ? 23.675  4.720   3.757   1.00 13.92 ? 10   ARG B CA  1 
ATOM   709  C C   . ARG B 1 11 ? 24.137  6.045   3.130   1.00 13.42 ? 10   ARG B C   1 
ATOM   710  O O   . ARG B 1 11 ? 24.700  6.897   3.830   1.00 13.77 ? 10   ARG B O   1 
ATOM   711  C CB  . ARG B 1 11 ? 24.701  4.285   4.814   1.00 14.34 ? 10   ARG B CB  1 
ATOM   712  C CG  . ARG B 1 11 ? 24.252  3.140   5.719   1.00 14.54 ? 10   ARG B CG  1 
ATOM   713  C CD  . ARG B 1 11 ? 23.063  3.562   6.578   1.00 12.82 ? 10   ARG B CD  1 
ATOM   714  N NE  . ARG B 1 11 ? 22.697  2.523   7.527   1.00 12.38 ? 10   ARG B NE  1 
ATOM   715  C CZ  . ARG B 1 11 ? 21.972  1.438   7.241   1.00 13.69 ? 10   ARG B CZ  1 
ATOM   716  N NH1 . ARG B 1 11 ? 21.517  1.210   6.003   1.00 12.30 ? 10   ARG B NH1 1 
ATOM   717  N NH2 . ARG B 1 11 ? 21.704  0.570   8.213   1.00 12.69 ? 10   ARG B NH2 1 
ATOM   718  N N   . GLY B 1 12 ? 23.948  6.197   1.819   1.00 12.29 ? 11   GLY B N   1 
ATOM   719  C CA  . GLY B 1 12 ? 24.180  7.483   1.132   1.00 12.00 ? 11   GLY B CA  1 
ATOM   720  C C   . GLY B 1 12 ? 23.102  8.528   1.429   1.00 11.13 ? 11   GLY B C   1 
ATOM   721  O O   . GLY B 1 12 ? 22.169  8.278   2.203   1.00 11.02 ? 11   GLY B O   1 
ATOM   722  N N   . THR B 1 13 ? 23.217  9.688   0.798   1.00 10.54 ? 12   THR B N   1 
ATOM   723  C CA  . THR B 1 13 ? 22.379  10.837  1.149   1.00 10.53 ? 12   THR B CA  1 
ATOM   724  C C   . THR B 1 13 ? 21.255  11.162  0.155   1.00 9.56  ? 12   THR B C   1 
ATOM   725  O O   . THR B 1 13 ? 20.603  12.204  0.270   1.00 8.69  ? 12   THR B O   1 
ATOM   726  C CB  . THR B 1 13 ? 23.231  12.149  1.400   1.00 11.13 ? 12   THR B CB  1 
ATOM   727  O OG1 . THR B 1 13 ? 23.897  12.533  0.185   1.00 11.87 ? 12   THR B OG1 1 
ATOM   728  C CG2 . THR B 1 13 ? 24.245  11.987  2.576   1.00 10.63 ? 12   THR B CG2 1 
ATOM   729  N N   . PHE B 1 14 ? 21.022  10.278  -0.813  1.00 9.24  ? 13   PHE B N   1 
ATOM   730  C CA  . PHE B 1 14 ? 19.947  10.482  -1.794  1.00 8.68  ? 13   PHE B CA  1 
ATOM   731  C C   . PHE B 1 14 ? 18.595  10.532  -1.093  1.00 8.69  ? 13   PHE B C   1 
ATOM   732  O O   . PHE B 1 14 ? 18.322  9.726   -0.195  1.00 8.55  ? 13   PHE B O   1 
ATOM   733  C CB  . PHE B 1 14 ? 19.964  9.393   -2.865  1.00 8.62  ? 13   PHE B CB  1 
ATOM   734  C CG  . PHE B 1 14 ? 19.445  9.847   -4.191  1.00 8.75  ? 13   PHE B CG  1 
ATOM   735  C CD1 . PHE B 1 14 ? 20.176  10.748  -4.982  1.00 10.02 ? 13   PHE B CD1 1 
ATOM   736  C CD2 . PHE B 1 14 ? 18.224  9.394   -4.652  1.00 8.14  ? 13   PHE B CD2 1 
ATOM   737  C CE1 . PHE B 1 14 ? 19.686  11.182  -6.233  1.00 9.52  ? 13   PHE B CE1 1 
ATOM   738  C CE2 . PHE B 1 14 ? 17.734  9.805   -5.882  1.00 9.86  ? 13   PHE B CE2 1 
ATOM   739  C CZ  . PHE B 1 14 ? 18.462  10.709  -6.680  1.00 9.56  ? 13   PHE B CZ  1 
ATOM   740  N N   . SER B 1 15 ? 17.768  11.501  -1.473  1.00 8.61  ? 14   SER B N   1 
ATOM   741  C CA  . SER B 1 15 ? 16.437  11.644  -0.887  1.00 8.55  ? 14   SER B CA  1 
ATOM   742  C C   . SER B 1 15 ? 15.344  12.024  -1.885  1.00 8.65  ? 14   SER B C   1 
ATOM   743  O O   . SER B 1 15 ? 14.423  12.798  -1.564  1.00 8.49  ? 14   SER B O   1 
ATOM   744  C CB  . SER B 1 15 ? 16.479  12.622  0.270   1.00 8.77  ? 14   SER B CB  1 
ATOM   745  O OG  . SER B 1 15 ? 16.979  13.873  -0.150  1.00 9.67  ? 14   SER B OG  1 
ATOM   746  N N   . THR B 1 16 ? 15.420  11.451  -3.086  1.00 8.06  ? 15   THR B N   1 
ATOM   747  C CA  . THR B 1 16 ? 14.445  11.759  -4.131  1.00 8.87  ? 15   THR B CA  1 
ATOM   748  C C   . THR B 1 16 ? 13.874  10.475  -4.728  1.00 8.84  ? 15   THR B C   1 
ATOM   749  O O   . THR B 1 16 ? 14.599  9.502   -4.895  1.00 9.01  ? 15   THR B O   1 
ATOM   750  C CB  . THR B 1 16 ? 15.074  12.611  -5.251  1.00 8.49  ? 15   THR B CB  1 
ATOM   751  O OG1 . THR B 1 16 ? 15.864  13.651  -4.661  1.00 8.59  ? 15   THR B OG1 1 
ATOM   752  C CG2 . THR B 1 16 ? 13.979  13.213  -6.136  1.00 9.54  ? 15   THR B CG2 1 
ATOM   753  N N   . THR B 1 17 ? 12.584  10.485  -5.046  1.00 9.39  ? 16   THR B N   1 
ATOM   754  C CA  . THR B 1 17 ? 11.888  9.284   -5.519  1.00 10.31 ? 16   THR B CA  1 
ATOM   755  C C   . THR B 1 17 ? 12.016  9.099   -7.039  1.00 10.69 ? 16   THR B C   1 
ATOM   756  O O   . THR B 1 17 ? 12.472  9.985   -7.752  1.00 11.04 ? 16   THR B O   1 
ATOM   757  C CB  . THR B 1 17 ? 10.391  9.269   -5.116  1.00 9.99  ? 16   THR B CB  1 
ATOM   758  O OG1 . THR B 1 17 ? 9.663   10.208  -5.923  1.00 11.25 ? 16   THR B OG1 1 
ATOM   759  C CG2 . THR B 1 17 ? 10.206  9.616   -3.639  1.00 9.41  ? 16   THR B CG2 1 
ATOM   760  N N   . VAL B 1 18 ? 11.599  7.936   -7.523  1.00 11.27 ? 17   VAL B N   1 
ATOM   761  C CA  . VAL B 1 18 ? 11.602  7.643   -8.951  1.00 11.51 ? 17   VAL B CA  1 
ATOM   762  C C   . VAL B 1 18 ? 10.747  8.640   -9.792  1.00 11.32 ? 17   VAL B C   1 
ATOM   763  O O   . VAL B 1 18 ? 10.901  8.726   -11.018 1.00 11.82 ? 17   VAL B O   1 
ATOM   764  C CB  . VAL B 1 18 ? 11.197  6.177   -9.164  1.00 11.19 ? 17   VAL B CB  1 
ATOM   765  C CG1 . VAL B 1 18 ? 9.667   6.005   -9.120  1.00 12.13 ? 17   VAL B CG1 1 
ATOM   766  C CG2 . VAL B 1 18 ? 11.794  5.645   -10.445 1.00 13.01 ? 17   VAL B CG2 1 
ATOM   767  N N   . THR B 1 19 ? 9.868   9.399   -9.127  1.00 11.23 ? 18   THR B N   1 
ATOM   768  C CA  . THR B 1 19 ? 9.010   10.411  -9.803  1.00 10.35 ? 18   THR B CA  1 
ATOM   769  C C   . THR B 1 19 ? 9.396   11.865  -9.515  1.00 10.45 ? 18   THR B C   1 
ATOM   770  O O   . THR B 1 19 ? 8.693   12.778  -9.931  1.00 10.50 ? 18   THR B O   1 
ATOM   771  C CB  . THR B 1 19 ? 7.497   10.239  -9.471  1.00 10.20 ? 18   THR B CB  1 
ATOM   772  O OG1 . THR B 1 19 ? 7.311   10.246  -8.058  1.00 9.49  ? 18   THR B OG1 1 
ATOM   773  C CG2 . THR B 1 19 ? 6.939   8.958   -10.041 1.00 9.70  ? 18   THR B CG2 1 
ATOM   774  N N   . GLY B 1 20 ? 10.517  12.077  -8.821  1.00 10.10 ? 19   GLY B N   1 
ATOM   775  C CA  . GLY B 1 20 ? 11.013  13.423  -8.541  1.00 10.63 ? 19   GLY B CA  1 
ATOM   776  C C   . GLY B 1 20 ? 10.530  14.057  -7.255  1.00 10.36 ? 19   GLY B C   1 
ATOM   777  O O   . GLY B 1 20 ? 10.931  15.168  -6.915  1.00 10.59 ? 19   GLY B O   1 
ATOM   778  N N   . ARG B 1 21 ? 9.667   13.354  -6.532  1.00 10.63 ? 20   ARG B N   1 
ATOM   779  C CA  . ARG B 1 21 ? 9.189   13.839  -5.238  1.00 11.17 ? 20   ARG B CA  1 
ATOM   780  C C   . ARG B 1 21 ? 10.283  13.863  -4.154  1.00 11.11 ? 20   ARG B C   1 
ATOM   781  O O   . ARG B 1 21 ? 11.317  13.166  -4.230  1.00 11.12 ? 20   ARG B O   1 
ATOM   782  C CB  . ARG B 1 21 ? 7.985   13.021  -4.774  1.00 11.17 ? 20   ARG B CB  1 
ATOM   783  C CG  . ARG B 1 21 ? 6.703   13.423  -5.467  1.00 13.04 ? 20   ARG B CG  1 
ATOM   784  C CD  . ARG B 1 21 ? 5.669   12.319  -5.430  1.00 13.55 ? 20   ARG B CD  1 
ATOM   785  N NE  . ARG B 1 21 ? 4.396   12.774  -5.977  1.00 13.84 ? 20   ARG B NE  1 
ATOM   786  C CZ  . ARG B 1 21 ? 3.800   12.278  -7.063  1.00 14.64 ? 20   ARG B CZ  1 
ATOM   787  N NH1 . ARG B 1 21 ? 4.345   11.291  -7.765  1.00 14.51 ? 20   ARG B NH1 1 
ATOM   788  N NH2 . ARG B 1 21 ? 2.639   12.778  -7.452  1.00 14.45 ? 20   ARG B NH2 1 
ATOM   789  N N   . THR B 1 22 ? 10.057  14.687  -3.144  1.00 10.73 ? 21   THR B N   1 
ATOM   790  C CA  . THR B 1 22 ? 10.961  14.745  -2.012  1.00 10.30 ? 21   THR B CA  1 
ATOM   791  C C   . THR B 1 22 ? 10.523  13.793  -0.895  1.00 9.97  ? 21   THR B C   1 
ATOM   792  O O   . THR B 1 22 ? 9.346   13.757  -0.512  1.00 9.45  ? 21   THR B O   1 
ATOM   793  C CB  . THR B 1 22 ? 11.090  16.191  -1.537  1.00 10.96 ? 21   THR B CB  1 
ATOM   794  O OG1 . THR B 1 22 ? 11.731  16.935  -2.583  1.00 12.46 ? 21   THR B OG1 1 
ATOM   795  C CG2 . THR B 1 22 ? 11.924  16.315  -0.248  1.00 10.54 ? 21   THR B CG2 1 
ATOM   796  N N   . CYS B 1 23 ? 11.488  13.010  -0.402  1.00 9.29  ? 22   CYS B N   1 
ATOM   797  C CA  . CYS B 1 23 ? 11.285  12.168  0.761   1.00 8.20  ? 22   CYS B CA  1 
ATOM   798  C C   . CYS B 1 23 ? 10.964  13.032  1.971   1.00 7.92  ? 22   CYS B C   1 
ATOM   799  O O   . CYS B 1 23 ? 11.583  14.096  2.178   1.00 6.34  ? 22   CYS B O   1 
ATOM   800  C CB  . CYS B 1 23 ? 12.541  11.356  1.069   1.00 7.60  ? 22   CYS B CB  1 
ATOM   801  S SG  . CYS B 1 23 ? 12.993  10.164  -0.187  1.00 8.77  ? 22   CYS B SG  1 
ATOM   802  N N   . GLN B 1 24 ? 9.983   12.562  2.743   1.00 7.69  ? 23   GLN B N   1 
ATOM   803  C CA  . GLN B 1 24 ? 9.672   13.089  4.065   1.00 8.09  ? 23   GLN B CA  1 
ATOM   804  C C   . GLN B 1 24 ? 10.730  12.543  5.011   1.00 8.38  ? 23   GLN B C   1 
ATOM   805  O O   . GLN B 1 24 ? 11.272  11.448  4.783   1.00 7.48  ? 23   GLN B O   1 
ATOM   806  C CB  . GLN B 1 24 ? 8.272   12.611  4.476   1.00 8.37  ? 23   GLN B CB  1 
ATOM   807  C CG  . GLN B 1 24 ? 7.788   12.959  5.877   1.00 7.78  ? 23   GLN B CG  1 
ATOM   808  C CD  . GLN B 1 24 ? 6.422   12.337  6.155   1.00 7.93  ? 23   GLN B CD  1 
ATOM   809  O OE1 . GLN B 1 24 ? 5.562   12.323  5.280   1.00 8.73  ? 23   GLN B OE1 1 
ATOM   810  N NE2 . GLN B 1 24 ? 6.219   11.825  7.369   1.00 5.09  ? 23   GLN B NE2 1 
ATOM   811  N N   . SER B 1 25 ? 11.036  13.320  6.051   1.00 8.81  ? 24   SER B N   1 
ATOM   812  C CA  . SER B 1 25 ? 11.951  12.892  7.102   1.00 8.82  ? 24   SER B CA  1 
ATOM   813  C C   . SER B 1 25 ? 11.324  11.784  7.911   1.00 9.30  ? 24   SER B C   1 
ATOM   814  O O   . SER B 1 25 ? 10.124  11.846  8.218   1.00 9.14  ? 24   SER B O   1 
ATOM   815  C CB  . SER B 1 25 ? 12.310  14.051  8.017   1.00 8.19  ? 24   SER B CB  1 
ATOM   816  O OG  . SER B 1 25 ? 12.935  15.063  7.265   1.00 8.64  ? 24   SER B OG  1 
ATOM   817  N N   . TRP B 1 26 ? 12.151  10.779  8.241   1.00 9.81  ? 25   TRP B N   1 
ATOM   818  C CA  . TRP B 1 26 ? 11.707  9.569   8.949   1.00 10.05 ? 25   TRP B CA  1 
ATOM   819  C C   . TRP B 1 26 ? 11.119  9.871   10.334  1.00 10.52 ? 25   TRP B C   1 
ATOM   820  O O   . TRP B 1 26 ? 10.215  9.185   10.783  1.00 9.88  ? 25   TRP B O   1 
ATOM   821  C CB  . TRP B 1 26 ? 12.861  8.569   9.065   1.00 9.90  ? 25   TRP B CB  1 
ATOM   822  C CG  . TRP B 1 26 ? 13.353  8.049   7.752   1.00 9.11  ? 25   TRP B CG  1 
ATOM   823  C CD1 . TRP B 1 26 ? 14.499  8.424   7.092   1.00 9.08  ? 25   TRP B CD1 1 
ATOM   824  C CD2 . TRP B 1 26 ? 12.714  7.064   6.919   1.00 9.00  ? 25   TRP B CD2 1 
ATOM   825  N NE1 . TRP B 1 26 ? 14.611  7.723   5.903   1.00 7.68  ? 25   TRP B NE1 1 
ATOM   826  C CE2 . TRP B 1 26 ? 13.528  6.893   5.771   1.00 9.11  ? 25   TRP B CE2 1 
ATOM   827  C CE3 . TRP B 1 26 ? 11.529  6.319   7.023   1.00 7.19  ? 25   TRP B CE3 1 
ATOM   828  C CZ2 . TRP B 1 26 ? 13.192  6.000   4.747   1.00 8.54  ? 25   TRP B CZ2 1 
ATOM   829  C CZ3 . TRP B 1 26 ? 11.203  5.439   6.006   1.00 6.75  ? 25   TRP B CZ3 1 
ATOM   830  C CH2 . TRP B 1 26 ? 12.033  5.284   4.887   1.00 6.90  ? 25   TRP B CH2 1 
ATOM   831  N N   . SER B 1 27 ? 11.637  10.911  10.985  1.00 11.32 ? 26   SER B N   1 
ATOM   832  C CA  . SER B 1 27 ? 11.191  11.349  12.308  1.00 12.16 ? 26   SER B CA  1 
ATOM   833  C C   . SER B 1 27 ? 9.914   12.240  12.275  1.00 12.53 ? 26   SER B C   1 
ATOM   834  O O   . SER B 1 27 ? 9.321   12.505  13.320  1.00 12.41 ? 26   SER B O   1 
ATOM   835  C CB  . SER B 1 27 ? 12.333  12.086  13.017  1.00 12.18 ? 26   SER B CB  1 
ATOM   836  O OG  . SER B 1 27 ? 12.764  13.216  12.263  1.00 13.81 ? 26   SER B OG  1 
ATOM   837  N N   . SER B 1 28 ? 9.499   12.677  11.080  1.00 12.77 ? 27   SER B N   1 
ATOM   838  C CA  . SER B 1 28 ? 8.288   13.507  10.883  1.00 12.90 ? 27   SER B CA  1 
ATOM   839  C C   . SER B 1 28 ? 6.985   12.705  10.633  1.00 12.92 ? 27   SER B C   1 
ATOM   840  O O   . SER B 1 28 ? 7.005   11.655  9.993   1.00 12.78 ? 27   SER B O   1 
ATOM   841  C CB  . SER B 1 28 ? 8.521   14.464  9.715   1.00 12.82 ? 27   SER B CB  1 
ATOM   842  O OG  . SER B 1 28 ? 7.489   15.424  9.625   1.00 13.71 ? 27   SER B OG  1 
ATOM   843  N N   . MET B 1 29 ? 5.859   13.210  11.135  1.00 13.03 ? 28   MET B N   1 
ATOM   844  C CA  . MET B 1 29 ? 4.544   12.587  10.909  1.00 13.57 ? 28   MET B CA  1 
ATOM   845  C C   . MET B 1 29 ? 3.703   13.371  9.884   1.00 13.49 ? 28   MET B C   1 
ATOM   846  O O   . MET B 1 29 ? 2.491   13.161  9.771   1.00 12.74 ? 28   MET B O   1 
ATOM   847  C CB  . MET B 1 29 ? 3.741   12.457  12.223  1.00 13.79 ? 28   MET B CB  1 
ATOM   848  C CG  . MET B 1 29 ? 4.335   11.598  13.334  1.00 13.39 ? 28   MET B CG  1 
ATOM   849  S SD  . MET B 1 29 ? 4.479   9.818   12.988  1.00 14.02 ? 28   MET B SD  1 
ATOM   850  C CE  . MET B 1 29 ? 6.196   9.700   12.468  1.00 14.50 ? 28   MET B CE  1 
ATOM   851  N N   . THR B 1 30 ? 4.355   14.282  9.165   1.00 13.99 ? 29   THR B N   1 
ATOM   852  C CA  . THR B 1 30 ? 3.678   15.189  8.240   1.00 14.39 ? 29   THR B CA  1 
ATOM   853  C C   . THR B 1 30 ? 4.435   15.278  6.895   1.00 14.20 ? 29   THR B C   1 
ATOM   854  O O   . THR B 1 30 ? 5.652   15.458  6.881   1.00 14.44 ? 29   THR B O   1 
ATOM   855  C CB  . THR B 1 30 ? 3.361   16.599  8.889   1.00 14.78 ? 29   THR B CB  1 
ATOM   856  O OG1 . THR B 1 30 ? 2.832   17.491  7.902   1.00 16.58 ? 29   THR B OG1 1 
ATOM   857  C CG2 . THR B 1 30 ? 4.583   17.253  9.520   1.00 14.48 ? 29   THR B CG2 1 
ATOM   858  N N   . PRO B 1 31 ? 3.711   15.123  5.760   1.00 14.01 ? 30   PRO B N   1 
ATOM   859  C CA  . PRO B 1 31 ? 2.257   14.908  5.694   1.00 14.06 ? 30   PRO B CA  1 
ATOM   860  C C   . PRO B 1 31 ? 1.774   13.479  5.997   1.00 14.36 ? 30   PRO B C   1 
ATOM   861  O O   . PRO B 1 31 ? 0.569   13.225  5.987   1.00 15.35 ? 30   PRO B O   1 
ATOM   862  C CB  . PRO B 1 31 ? 1.912   15.293  4.258   1.00 13.68 ? 30   PRO B CB  1 
ATOM   863  C CG  . PRO B 1 31 ? 3.161   15.032  3.488   1.00 14.02 ? 30   PRO B CG  1 
ATOM   864  C CD  . PRO B 1 31 ? 4.323   15.169  4.421   1.00 13.86 ? 30   PRO B CD  1 
ATOM   865  N N   . HIS B 1 32 ? 2.683   12.551  6.277   1.00 14.60 ? 31   HIS B N   1 
ATOM   866  C CA  . HIS B 1 32 ? 2.262   11.155  6.528   1.00 14.14 ? 31   HIS B CA  1 
ATOM   867  C C   . HIS B 1 32 ? 2.653   10.655  7.900   1.00 14.28 ? 31   HIS B C   1 
ATOM   868  O O   . HIS B 1 32 ? 3.850   10.601  8.233   1.00 14.26 ? 31   HIS B O   1 
ATOM   869  C CB  . HIS B 1 32 ? 2.790   10.196  5.461   1.00 13.14 ? 31   HIS B CB  1 
ATOM   870  C CG  . HIS B 1 32 ? 2.396   10.577  4.075   1.00 12.07 ? 31   HIS B CG  1 
ATOM   871  N ND1 . HIS B 1 32 ? 3.317   10.937  3.111   1.00 9.39  ? 31   HIS B ND1 1 
ATOM   872  C CD2 . HIS B 1 32 ? 1.177   10.693  3.500   1.00 7.84  ? 31   HIS B CD2 1 
ATOM   873  C CE1 . HIS B 1 32 ? 2.682   11.237  1.998   1.00 8.43  ? 31   HIS B CE1 1 
ATOM   874  N NE2 . HIS B 1 32 ? 1.382   11.105  2.211   1.00 9.66  ? 31   HIS B NE2 1 
ATOM   875  N N   . ARG B 1 33 ? 1.625   10.287  8.672   1.00 14.33 ? 32   ARG B N   1 
ATOM   876  C CA  . ARG B 1 33 ? 1.784   9.644   9.967   1.00 14.91 ? 32   ARG B CA  1 
ATOM   877  C C   . ARG B 1 33 ? 2.159   8.161   9.770   1.00 14.91 ? 32   ARG B C   1 
ATOM   878  O O   . ARG B 1 33 ? 1.483   7.396   9.056   1.00 14.62 ? 32   ARG B O   1 
ATOM   879  C CB  . ARG B 1 33 ? 0.494   9.822   10.772  1.00 15.30 ? 32   ARG B CB  1 
ATOM   880  C CG  . ARG B 1 33 ? 0.536   9.362   12.228  1.00 17.84 ? 32   ARG B CG  1 
ATOM   881  C CD  . ARG B 1 33 ? -0.714  9.827   12.998  1.00 21.78 ? 32   ARG B CD  1 
ATOM   882  N NE  . ARG B 1 33 ? -0.779  11.290  13.072  1.00 25.00 ? 32   ARG B NE  1 
ATOM   883  C CZ  . ARG B 1 33 ? -0.105  12.045  13.946  1.00 27.00 ? 32   ARG B CZ  1 
ATOM   884  N NH1 . ARG B 1 33 ? 0.687   11.489  14.868  1.00 27.34 ? 32   ARG B NH1 1 
ATOM   885  N NH2 . ARG B 1 33 ? -0.230  13.368  13.908  1.00 28.30 ? 32   ARG B NH2 1 
ATOM   886  N N   . HIS B 1 34 ? 3.268   7.764   10.381  1.00 15.30 ? 33   HIS B N   1 
ATOM   887  C CA  . HIS B 1 34 ? 3.830   6.430   10.157  1.00 14.99 ? 33   HIS B CA  1 
ATOM   888  C C   . HIS B 1 34 ? 4.513   5.902   11.411  1.00 15.38 ? 33   HIS B C   1 
ATOM   889  O O   . HIS B 1 34 ? 4.681   6.638   12.391  1.00 14.50 ? 33   HIS B O   1 
ATOM   890  C CB  . HIS B 1 34 ? 4.820   6.452   8.978   1.00 15.10 ? 33   HIS B CB  1 
ATOM   891  C CG  . HIS B 1 34 ? 6.080   7.218   9.247   1.00 13.28 ? 33   HIS B CG  1 
ATOM   892  N ND1 . HIS B 1 34 ? 7.210   6.627   9.764   1.00 13.92 ? 33   HIS B ND1 1 
ATOM   893  C CD2 . HIS B 1 34 ? 6.395   8.524   9.058   1.00 13.99 ? 33   HIS B CD2 1 
ATOM   894  C CE1 . HIS B 1 34 ? 8.162   7.533   9.891   1.00 12.19 ? 33   HIS B CE1 1 
ATOM   895  N NE2 . HIS B 1 34 ? 7.698   8.692   9.460   1.00 11.25 ? 33   HIS B NE2 1 
ATOM   896  N N   . GLN B 1 35 ? 4.948   4.642   11.367  1.00 15.76 ? 34   GLN B N   1 
ATOM   897  C CA  . GLN B 1 35 ? 5.656   4.033   12.484  1.00 16.27 ? 34   GLN B CA  1 
ATOM   898  C C   . GLN B 1 35 ? 7.068   3.550   12.136  1.00 16.74 ? 34   GLN B C   1 
ATOM   899  O O   . GLN B 1 35 ? 7.656   2.766   12.856  1.00 16.79 ? 34   GLN B O   1 
ATOM   900  C CB  . GLN B 1 35 ? 4.858   2.868   13.042  1.00 16.33 ? 34   GLN B CB  1 
ATOM   901  C CG  . GLN B 1 35 ? 3.470   3.189   13.538  1.00 16.43 ? 34   GLN B CG  1 
ATOM   902  C CD  . GLN B 1 35 ? 2.645   1.946   13.739  1.00 16.10 ? 34   GLN B CD  1 
ATOM   903  O OE1 . GLN B 1 35 ? 3.147   0.915   14.146  1.00 17.65 ? 34   GLN B OE1 1 
ATOM   904  N NE2 . GLN B 1 35 ? 1.379   2.036   13.427  1.00 17.10 ? 34   GLN B NE2 1 
ATOM   905  N N   . ARG B 1 36 ? 7.589   4.018   11.019  1.00 17.45 ? 35   ARG B N   1 
ATOM   906  C CA  . ARG B 1 36 ? 8.911   3.646   10.548  1.00 18.29 ? 35   ARG B CA  1 
ATOM   907  C C   . ARG B 1 36 ? 9.930   4.717   10.920  1.00 18.13 ? 35   ARG B C   1 
ATOM   908  O O   . ARG B 1 36 ? 10.614  5.248   10.062  1.00 18.35 ? 35   ARG B O   1 
ATOM   909  C CB  . ARG B 1 36 ? 8.886   3.436   9.042   1.00 18.64 ? 35   ARG B CB  1 
ATOM   910  C CG  . ARG B 1 36 ? 9.049   2.009   8.583   1.00 20.76 ? 35   ARG B CG  1 
ATOM   911  C CD  . ARG B 1 36 ? 8.396   1.011   9.506   1.00 23.06 ? 35   ARG B CD  1 
ATOM   912  N NE  . ARG B 1 36 ? 7.207   0.446   8.911   1.00 24.06 ? 35   ARG B NE  1 
ATOM   913  C CZ  . ARG B 1 36 ? 7.092   -0.808  8.510   1.00 24.36 ? 35   ARG B CZ  1 
ATOM   914  N NH1 . ARG B 1 36 ? 8.098   -1.644  8.656   1.00 23.88 ? 35   ARG B NH1 1 
ATOM   915  N NH2 . ARG B 1 36 ? 5.963   -1.214  7.961   1.00 24.76 ? 35   ARG B NH2 1 
ATOM   916  N N   . THR B 1 37 ? 9.973   5.027   12.210  1.00 15.78 ? 37   THR B N   1 
ATOM   917  C CA  . THR B 1 37 ? 10.801  6.069   12.789  1.00 15.83 ? 37   THR B CA  1 
ATOM   918  C C   . THR B 1 37 ? 12.130  5.556   13.307  1.00 15.99 ? 37   THR B C   1 
ATOM   919  O O   . THR B 1 37 ? 12.267  4.389   13.636  1.00 16.23 ? 37   THR B O   1 
ATOM   920  C CB  . THR B 1 37 ? 10.090  6.780   13.955  1.00 15.82 ? 37   THR B CB  1 
ATOM   921  O OG1 . THR B 1 37 ? 9.838   5.858   15.023  1.00 17.52 ? 37   THR B OG1 1 
ATOM   922  C CG2 . THR B 1 37 ? 8.789   7.405   13.487  1.00 15.19 ? 37   THR B CG2 1 
ATOM   923  N N   . PRO B 1 38 ? 13.155  6.516   13.336  1.00 15.98 ? 38   PRO B N   1 
ATOM   924  C CA  . PRO B 1 38 ? 14.370  6.037   14.010  1.00 16.07 ? 38   PRO B CA  1 
ATOM   925  C C   . PRO B 1 38 ? 14.154  5.627   15.469  1.00 16.42 ? 38   PRO B C   1 
ATOM   926  O O   . PRO B 1 38 ? 14.932  4.864   15.973  1.00 16.25 ? 38   PRO B O   1 
ATOM   927  C CB  . PRO B 1 38 ? 15.361  7.206   13.896  1.00 15.99 ? 38   PRO B CB  1 
ATOM   928  C CG  . PRO B 1 38 ? 14.566  8.400   13.618  1.00 15.73 ? 38   PRO B CG  1 
ATOM   929  C CD  . PRO B 1 38 ? 13.477  7.913   12.756  1.00 15.57 ? 38   PRO B CD  1 
ATOM   930  N N   . GLU B 1 39 ? 13.105  6.110   16.116  1.00 16.85 ? 39   GLU B N   1 
ATOM   931  C CA  . GLU B 1 39 ? 12.811  5.697   17.471  1.00 17.42 ? 39   GLU B CA  1 
ATOM   932  C C   . GLU B 1 39 ? 12.543  4.178   17.560  1.00 17.23 ? 39   GLU B C   1 
ATOM   933  O O   . GLU B 1 39 ? 13.068  3.499   18.426  1.00 16.88 ? 39   GLU B O   1 
ATOM   934  C CB  . GLU B 1 39 ? 11.664  6.533   18.050  1.00 18.10 ? 39   GLU B CB  1 
ATOM   935  C CG  . GLU B 1 39 ? 11.979  8.012   18.234  1.00 21.44 ? 39   GLU B CG  1 
ATOM   936  C CD  . GLU B 1 39 ? 11.822  8.860   16.965  1.00 25.74 ? 39   GLU B CD  1 
ATOM   937  O OE1 . GLU B 1 39 ? 12.516  8.624   15.965  1.00 27.50 ? 39   GLU B OE1 1 
ATOM   938  O OE2 . GLU B 1 39 ? 11.030  9.805   16.972  1.00 26.72 ? 39   GLU B OE2 1 
ATOM   939  N N   . ASN B 1 40 ? 11.752  3.665   16.627  1.00 17.00 ? 40   ASN B N   1 
ATOM   940  C CA  . ASN B 1 40 ? 11.398  2.241   16.544  1.00 16.66 ? 40   ASN B CA  1 
ATOM   941  C C   . ASN B 1 40 ? 12.403  1.378   15.795  1.00 16.22 ? 40   ASN B C   1 
ATOM   942  O O   . ASN B 1 40 ? 12.550  0.190   16.103  1.00 16.08 ? 40   ASN B O   1 
ATOM   943  C CB  . ASN B 1 40 ? 10.017  2.047   15.906  1.00 16.79 ? 40   ASN B CB  1 
ATOM   944  C CG  . ASN B 1 40 ? 8.922   2.789   16.641  1.00 18.39 ? 40   ASN B CG  1 
ATOM   945  O OD1 . ASN B 1 40 ? 9.066   3.142   17.822  1.00 17.65 ? 40   ASN B OD1 1 
ATOM   946  N ND2 . ASN B 1 40 ? 7.818   3.050   15.937  1.00 18.94 ? 40   ASN B ND2 1 
ATOM   947  N N   . TYR B 1 41 ? 13.061  1.964   14.792  1.00 15.81 ? 41   TYR B N   1 
ATOM   948  C CA  . TYR B 1 41 ? 14.121  1.289   14.037  1.00 15.34 ? 41   TYR B CA  1 
ATOM   949  C C   . TYR B 1 41 ? 15.442  2.066   14.153  1.00 15.00 ? 41   TYR B C   1 
ATOM   950  O O   . TYR B 1 41 ? 15.846  2.748   13.210  1.00 15.13 ? 41   TYR B O   1 
ATOM   951  C CB  . TYR B 1 41 ? 13.725  1.155   12.564  1.00 15.54 ? 41   TYR B CB  1 
ATOM   952  C CG  . TYR B 1 41 ? 12.396  0.491   12.332  1.00 14.56 ? 41   TYR B CG  1 
ATOM   953  C CD1 . TYR B 1 41 ? 11.219  1.128   12.688  1.00 15.61 ? 41   TYR B CD1 1 
ATOM   954  C CD2 . TYR B 1 41 ? 12.314  -0.756  11.712  1.00 16.52 ? 41   TYR B CD2 1 
ATOM   955  C CE1 . TYR B 1 41 ? 9.996   0.538   12.485  1.00 17.08 ? 41   TYR B CE1 1 
ATOM   956  C CE2 . TYR B 1 41 ? 11.078  -1.360  11.479  1.00 17.14 ? 41   TYR B CE2 1 
ATOM   957  C CZ  . TYR B 1 41 ? 9.923   -0.699  11.884  1.00 17.90 ? 41   TYR B CZ  1 
ATOM   958  O OH  . TYR B 1 41 ? 8.674   -1.244  11.691  1.00 20.33 ? 41   TYR B OH  1 
ATOM   959  N N   . PRO B 1 42 ? 16.126  1.951   15.306  1.00 14.41 ? 42   PRO B N   1 
ATOM   960  C CA  . PRO B 1 42 ? 17.296  2.768   15.616  1.00 14.18 ? 42   PRO B CA  1 
ATOM   961  C C   . PRO B 1 42 ? 18.566  2.351   14.860  1.00 14.11 ? 42   PRO B C   1 
ATOM   962  O O   . PRO B 1 42 ? 19.513  3.123   14.741  1.00 13.59 ? 42   PRO B O   1 
ATOM   963  C CB  . PRO B 1 42 ? 17.477  2.575   17.148  1.00 14.25 ? 42   PRO B CB  1 
ATOM   964  C CG  . PRO B 1 42 ? 16.261  1.849   17.622  1.00 14.36 ? 42   PRO B CG  1 
ATOM   965  C CD  . PRO B 1 42 ? 15.807  1.047   16.423  1.00 14.47 ? 42   PRO B CD  1 
ATOM   966  N N   . ASN B 1 43 ? 18.574  1.148   14.317  1.00 14.46 ? 43   ASN B N   1 
ATOM   967  C CA  . ASN B 1 43 ? 19.791  0.649   13.713  1.00 14.70 ? 43   ASN B CA  1 
ATOM   968  C C   . ASN B 1 43 ? 19.711  0.520   12.192  1.00 14.29 ? 43   ASN B C   1 
ATOM   969  O O   . ASN B 1 43 ? 20.558  -0.121  11.573  1.00 14.85 ? 43   ASN B O   1 
ATOM   970  C CB  . ASN B 1 43 ? 20.179  -0.645  14.425  1.00 14.60 ? 43   ASN B CB  1 
ATOM   971  C CG  . ASN B 1 43 ? 20.393  -0.412  15.917  1.00 15.74 ? 43   ASN B CG  1 
ATOM   972  O OD1 . ASN B 1 43 ? 21.158  0.472   16.309  1.00 16.12 ? 43   ASN B OD1 1 
ATOM   973  N ND2 . ASN B 1 43 ? 19.676  -1.157  16.748  1.00 16.52 ? 43   ASN B ND2 1 
ATOM   974  N N   . ASP B 1 44 ? 18.704  1.167   11.597  1.00 13.55 ? 44   ASP B N   1 
ATOM   975  C CA  . ASP B 1 44 ? 18.459  1.072   10.151  1.00 12.86 ? 44   ASP B CA  1 
ATOM   976  C C   . ASP B 1 44 ? 18.881  2.306   9.346   1.00 12.05 ? 44   ASP B C   1 
ATOM   977  O O   . ASP B 1 44 ? 18.685  2.353   8.120   1.00 11.54 ? 44   ASP B O   1 
ATOM   978  C CB  . ASP B 1 44 ? 17.002  0.701   9.890   1.00 12.74 ? 44   ASP B CB  1 
ATOM   979  C CG  . ASP B 1 44 ? 16.685  -0.754  10.287  1.00 14.50 ? 44   ASP B CG  1 
ATOM   980  O OD1 . ASP B 1 44 ? 17.516  -1.652  10.029  1.00 16.67 ? 44   ASP B OD1 1 
ATOM   981  O OD2 . ASP B 1 44 ? 15.600  -1.008  10.845  1.00 14.60 ? 44   ASP B OD2 1 
ATOM   982  N N   . GLY B 1 45 ? 19.463  3.287   10.040  1.00 11.29 ? 45   GLY B N   1 
ATOM   983  C CA  . GLY B 1 45 ? 20.035  4.477   9.408   1.00 11.08 ? 45   GLY B CA  1 
ATOM   984  C C   . GLY B 1 45 ? 19.019  5.536   9.013   1.00 10.95 ? 45   GLY B C   1 
ATOM   985  O O   . GLY B 1 45 ? 19.250  6.286   8.065   1.00 9.89  ? 45   GLY B O   1 
ATOM   986  N N   . LEU B 1 46 ? 17.910  5.598   9.767   1.00 11.11 ? 46   LEU B N   1 
ATOM   987  C CA  . LEU B 1 46 ? 16.761  6.476   9.478   1.00 11.07 ? 46   LEU B CA  1 
ATOM   988  C C   . LEU B 1 46 ? 17.009  7.957   9.820   1.00 11.72 ? 46   LEU B C   1 
ATOM   989  O O   . LEU B 1 46 ? 16.278  8.583   10.616  1.00 12.02 ? 46   LEU B O   1 
ATOM   990  C CB  . LEU B 1 46 ? 15.452  5.918   10.108  1.00 10.52 ? 46   LEU B CB  1 
ATOM   991  C CG  . LEU B 1 46 ? 15.028  4.492   9.680   1.00 8.93  ? 46   LEU B CG  1 
ATOM   992  C CD1 . LEU B 1 46 ? 13.636  4.102   10.224  1.00 7.32  ? 46   LEU B CD1 1 
ATOM   993  C CD2 . LEU B 1 46 ? 15.107  4.289   8.148   1.00 5.33  ? 46   LEU B CD2 1 
ATOM   994  N N   . THR B 1 47 ? 18.028  8.496   9.144   1.00 11.87 ? 47   THR B N   1 
ATOM   995  C CA  . THR B 1 47 ? 18.564  9.844   9.307   1.00 11.67 ? 47   THR B CA  1 
ATOM   996  C C   . THR B 1 47 ? 17.942  10.811  8.301   1.00 11.27 ? 47   THR B C   1 
ATOM   997  O O   . THR B 1 47 ? 17.869  10.515  7.092   1.00 11.26 ? 47   THR B O   1 
ATOM   998  C CB  . THR B 1 47 ? 20.096  9.813   9.081   1.00 11.41 ? 47   THR B CB  1 
ATOM   999  O OG1 . THR B 1 47 ? 20.700  8.974   10.067  1.00 13.00 ? 47   THR B OG1 1 
ATOM   1000 C CG2 . THR B 1 47 ? 20.717  11.181  9.177   1.00 12.54 ? 47   THR B CG2 1 
ATOM   1001 N N   . MET B 1 48 ? 17.520  11.970  8.806   1.00 10.89 ? 48   MET B N   1 
ATOM   1002 C CA  . MET B 1 48 ? 16.911  13.028  7.985   1.00 11.52 ? 48   MET B CA  1 
ATOM   1003 C C   . MET B 1 48 ? 15.802  12.453  7.061   1.00 11.20 ? 48   MET B C   1 
ATOM   1004 O O   . MET B 1 48 ? 14.903  11.743  7.548   1.00 11.02 ? 48   MET B O   1 
ATOM   1005 C CB  . MET B 1 48 ? 18.002  13.819  7.229   1.00 11.29 ? 48   MET B CB  1 
ATOM   1006 C CG  . MET B 1 48 ? 18.830  14.735  8.153   1.00 12.51 ? 48   MET B CG  1 
ATOM   1007 S SD  . MET B 1 48 ? 20.079  15.746  7.302   1.00 16.01 ? 48   MET B SD  1 
ATOM   1008 C CE  . MET B 1 48 ? 20.574  16.901  8.603   1.00 13.89 ? 48   MET B CE  1 
ATOM   1009 N N   . ASN B 1 49 ? 15.878  12.734  5.758   1.00 10.39 ? 49   ASN B N   1 
ATOM   1010 C CA  . ASN B 1 49 ? 14.923  12.180  4.795   1.00 10.56 ? 49   ASN B CA  1 
ATOM   1011 C C   . ASN B 1 49 ? 15.543  11.229  3.761   1.00 10.88 ? 49   ASN B C   1 
ATOM   1012 O O   . ASN B 1 49 ? 15.003  11.045  2.660   1.00 11.46 ? 49   ASN B O   1 
ATOM   1013 C CB  . ASN B 1 49 ? 14.099  13.298  4.115   1.00 10.16 ? 49   ASN B CB  1 
ATOM   1014 C CG  . ASN B 1 49 ? 14.967  14.302  3.339   1.00 9.68  ? 49   ASN B CG  1 
ATOM   1015 O OD1 . ASN B 1 49 ? 16.149  14.522  3.650   1.00 8.60  ? 49   ASN B OD1 1 
ATOM   1016 N ND2 . ASN B 1 49 ? 14.369  14.923  2.330   1.00 8.19  ? 49   ASN B ND2 1 
ATOM   1017 N N   . TYR B 1 50 ? 16.654  10.602  4.128   1.00 10.80 ? 50   TYR B N   1 
ATOM   1018 C CA  . TYR B 1 50 ? 17.439  9.817   3.177   1.00 10.84 ? 50   TYR B CA  1 
ATOM   1019 C C   . TYR B 1 50 ? 16.762  8.489   2.892   1.00 10.46 ? 50   TYR B C   1 
ATOM   1020 O O   . TYR B 1 50 ? 16.140  7.886   3.783   1.00 10.09 ? 50   TYR B O   1 
ATOM   1021 C CB  . TYR B 1 50 ? 18.844  9.542   3.715   1.00 11.32 ? 50   TYR B CB  1 
ATOM   1022 C CG  . TYR B 1 50 ? 19.701  10.762  4.016   1.00 12.36 ? 50   TYR B CG  1 
ATOM   1023 C CD1 . TYR B 1 50 ? 19.509  11.972  3.347   1.00 12.79 ? 50   TYR B CD1 1 
ATOM   1024 C CD2 . TYR B 1 50 ? 20.735  10.683  4.943   1.00 13.55 ? 50   TYR B CD2 1 
ATOM   1025 C CE1 . TYR B 1 50 ? 20.311  13.072  3.596   1.00 13.17 ? 50   TYR B CE1 1 
ATOM   1026 C CE2 . TYR B 1 50 ? 21.549  11.792  5.207   1.00 15.92 ? 50   TYR B CE2 1 
ATOM   1027 C CZ  . TYR B 1 50 ? 21.328  12.977  4.527   1.00 14.02 ? 50   TYR B CZ  1 
ATOM   1028 O OH  . TYR B 1 50 ? 22.117  14.061  4.780   1.00 14.91 ? 50   TYR B OH  1 
ATOM   1029 N N   . CYS B 1 51 ? 16.902  8.062   1.642   1.00 10.03 ? 51   CYS B N   1 
ATOM   1030 C CA  . CYS B 1 51 ? 16.415  6.789   1.126   1.00 10.03 ? 51   CYS B CA  1 
ATOM   1031 C C   . CYS B 1 51 ? 16.981  5.602   1.884   1.00 10.13 ? 51   CYS B C   1 
ATOM   1032 O O   . CYS B 1 51 ? 18.184  5.405   1.934   1.00 10.05 ? 51   CYS B O   1 
ATOM   1033 C CB  . CYS B 1 51 ? 16.810  6.697   -0.338  1.00 10.38 ? 51   CYS B CB  1 
ATOM   1034 S SG  . CYS B 1 51 ? 16.103  8.049   -1.281  1.00 10.87 ? 51   CYS B SG  1 
ATOM   1035 N N   . ARG B 1 52 ? 16.099  4.831   2.505   1.00 10.74 ? 52   ARG B N   1 
ATOM   1036 C CA  . ARG B 1 52 ? 16.496  3.658   3.260   1.00 10.62 ? 52   ARG B CA  1 
ATOM   1037 C C   . ARG B 1 52 ? 15.530  2.531   2.953   1.00 11.31 ? 52   ARG B C   1 
ATOM   1038 O O   . ARG B 1 52 ? 14.572  2.713   2.214   1.00 11.38 ? 52   ARG B O   1 
ATOM   1039 C CB  . ARG B 1 52 ? 16.530  3.953   4.767   1.00 9.89  ? 52   ARG B CB  1 
ATOM   1040 C CG  . ARG B 1 52 ? 17.579  4.975   5.223   1.00 9.23  ? 52   ARG B CG  1 
ATOM   1041 C CD  . ARG B 1 52 ? 19.021  4.533   4.950   1.00 7.88  ? 52   ARG B CD  1 
ATOM   1042 N NE  . ARG B 1 52 ? 19.988  5.539   5.402   1.00 7.79  ? 52   ARG B NE  1 
ATOM   1043 C CZ  . ARG B 1 52 ? 20.644  6.389   4.610   1.00 7.82  ? 52   ARG B CZ  1 
ATOM   1044 N NH1 . ARG B 1 52 ? 20.478  6.371   3.298   1.00 7.77  ? 52   ARG B NH1 1 
ATOM   1045 N NH2 . ARG B 1 52 ? 21.486  7.275   5.138   1.00 8.42  ? 52   ARG B NH2 1 
ATOM   1046 N N   . ASN B 1 53 ? 15.806  1.372   3.540   1.00 12.60 ? 53   ASN B N   1 
ATOM   1047 C CA  . ASN B 1 53 ? 15.035  0.153   3.370   1.00 13.19 ? 53   ASN B CA  1 
ATOM   1048 C C   . ASN B 1 53 ? 14.978  -0.558  4.727   1.00 13.91 ? 53   ASN B C   1 
ATOM   1049 O O   . ASN B 1 53 ? 15.701  -1.532  4.968   1.00 14.18 ? 53   ASN B O   1 
ATOM   1050 C CB  . ASN B 1 53 ? 15.680  -0.728  2.290   1.00 12.95 ? 53   ASN B CB  1 
ATOM   1051 C CG  . ASN B 1 53 ? 14.866  -1.973  1.975   1.00 13.31 ? 53   ASN B CG  1 
ATOM   1052 O OD1 . ASN B 1 53 ? 13.768  -2.163  2.491   1.00 13.47 ? 53   ASN B OD1 1 
ATOM   1053 N ND2 . ASN B 1 53 ? 15.405  -2.823  1.119   1.00 12.11 ? 53   ASN B ND2 1 
ATOM   1054 N N   . PRO B 1 54 ? 14.117  -0.059  5.631   1.00 14.14 ? 54   PRO B N   1 
ATOM   1055 C CA  . PRO B 1 54 ? 14.033  -0.626  6.974   1.00 14.03 ? 54   PRO B CA  1 
ATOM   1056 C C   . PRO B 1 54 ? 13.187  -1.909  7.078   1.00 13.97 ? 54   PRO B C   1 
ATOM   1057 O O   . PRO B 1 54 ? 13.169  -2.543  8.130   1.00 13.75 ? 54   PRO B O   1 
ATOM   1058 C CB  . PRO B 1 54 ? 13.398  0.506   7.799   1.00 14.02 ? 54   PRO B CB  1 
ATOM   1059 C CG  . PRO B 1 54 ? 13.135  1.639   6.846   1.00 14.11 ? 54   PRO B CG  1 
ATOM   1060 C CD  . PRO B 1 54 ? 13.249  1.120   5.471   1.00 13.95 ? 54   PRO B CD  1 
ATOM   1061 N N   . ASP B 1 55 ? 12.522  -2.291  5.988   1.00 13.56 ? 55   ASP B N   1 
ATOM   1062 C CA  . ASP B 1 55 ? 11.501  -3.315  6.028   1.00 13.63 ? 55   ASP B CA  1 
ATOM   1063 C C   . ASP B 1 55 ? 11.756  -4.456  5.045   1.00 13.78 ? 55   ASP B C   1 
ATOM   1064 O O   . ASP B 1 55 ? 10.846  -5.242  4.735   1.00 13.78 ? 55   ASP B O   1 
ATOM   1065 C CB  . ASP B 1 55 ? 10.117  -2.678  5.818   1.00 13.71 ? 55   ASP B CB  1 
ATOM   1066 C CG  . ASP B 1 55 ? 9.953   -2.039  4.448   1.00 14.67 ? 55   ASP B CG  1 
ATOM   1067 O OD1 . ASP B 1 55 ? 10.940  -1.671  3.797   1.00 15.80 ? 55   ASP B OD1 1 
ATOM   1068 O OD2 . ASP B 1 55 ? 8.809   -1.900  4.003   1.00 16.42 ? 55   ASP B OD2 1 
ATOM   1069 N N   . ALA B 1 56 ? 13.005  -4.558  4.581   1.00 13.52 ? 56   ALA B N   1 
ATOM   1070 C CA  . ALA B 1 56 ? 13.416  -5.567  3.607   1.00 13.62 ? 56   ALA B CA  1 
ATOM   1071 C C   . ALA B 1 56 ? 12.519  -5.512  2.364   1.00 13.91 ? 56   ALA B C   1 
ATOM   1072 O O   . ALA B 1 56 ? 11.924  -6.500  1.908   1.00 13.94 ? 56   ALA B O   1 
ATOM   1073 C CB  . ALA B 1 56 ? 13.471  -6.971  4.240   1.00 13.46 ? 56   ALA B CB  1 
ATOM   1074 N N   . ASP B 1 57 ? 12.465  -4.324  1.798   1.00 14.50 ? 57   ASP B N   1 
ATOM   1075 C CA  . ASP B 1 57 ? 11.872  -4.130  0.508   1.00 14.24 ? 57   ASP B CA  1 
ATOM   1076 C C   . ASP B 1 57 ? 12.942  -4.490  -0.516  1.00 14.60 ? 57   ASP B C   1 
ATOM   1077 O O   . ASP B 1 57 ? 14.010  -4.980  -0.161  1.00 15.33 ? 57   ASP B O   1 
ATOM   1078 C CB  . ASP B 1 57 ? 11.367  -2.696  0.366   1.00 14.04 ? 57   ASP B CB  1 
ATOM   1079 C CG  . ASP B 1 57 ? 10.221  -2.575  -0.601  1.00 13.47 ? 57   ASP B CG  1 
ATOM   1080 O OD1 . ASP B 1 57 ? 10.351  -3.065  -1.718  1.00 13.73 ? 57   ASP B OD1 1 
ATOM   1081 O OD2 . ASP B 1 57 ? 9.207   -1.982  -0.255  1.00 14.18 ? 57   ASP B OD2 1 
ATOM   1082 N N   . THR B 1 58 ? 12.663  -4.258  -1.781  1.00 14.51 ? 58   THR B N   1 
ATOM   1083 C CA  . THR B 1 58 ? 13.578  -4.659  -2.827  1.00 14.67 ? 58   THR B CA  1 
ATOM   1084 C C   . THR B 1 58 ? 14.425  -3.493  -3.326  1.00 15.03 ? 58   THR B C   1 
ATOM   1085 O O   . THR B 1 58 ? 15.119  -3.588  -4.325  1.00 15.34 ? 58   THR B O   1 
ATOM   1086 C CB  . THR B 1 58 ? 12.825  -5.352  -3.960  1.00 14.40 ? 58   THR B CB  1 
ATOM   1087 O OG1 . THR B 1 58 ? 11.825  -4.476  -4.462  1.00 14.48 ? 58   THR B OG1 1 
ATOM   1088 C CG2 . THR B 1 58 ? 12.173  -6.598  -3.438  1.00 13.53 ? 58   THR B CG2 1 
ATOM   1089 N N   . GLY B 1 59 ? 14.358  -2.401  -2.579  1.00 10.63 ? 60   GLY B N   1 
ATOM   1090 C CA  . GLY B 1 59 ? 15.051  -1.186  -2.896  1.00 10.29 ? 60   GLY B CA  1 
ATOM   1091 C C   . GLY B 1 59 ? 14.894  -0.120  -1.830  1.00 10.49 ? 60   GLY B C   1 
ATOM   1092 O O   . GLY B 1 59 ? 13.980  -0.168  -1.028  1.00 9.58  ? 60   GLY B O   1 
ATOM   1093 N N   . PRO B 1 60 ? 15.909  0.851   -1.827  1.00 10.27 ? 61   PRO B N   1 
ATOM   1094 C CA  . PRO B 1 60 ? 15.652  1.950   -0.892  1.00 10.47 ? 61   PRO B CA  1 
ATOM   1095 C C   . PRO B 1 60 ? 14.460  2.823   -1.288  1.00 10.29 ? 61   PRO B C   1 
ATOM   1096 O O   . PRO B 1 60 ? 14.268  3.118   -2.440  1.00 9.90  ? 61   PRO B O   1 
ATOM   1097 C CB  . PRO B 1 60 ? 16.967  2.741   -0.878  1.00 10.55 ? 61   PRO B CB  1 
ATOM   1098 C CG  . PRO B 1 60 ? 18.001  1.762   -1.254  1.00 10.04 ? 61   PRO B CG  1 
ATOM   1099 C CD  . PRO B 1 60 ? 17.326  1.088   -2.390  1.00 10.30 ? 61   PRO B CD  1 
ATOM   1100 N N   . TRP B 1 61 ? 13.679  3.220   -0.295  1.00 10.23 ? 62   TRP B N   1 
ATOM   1101 C CA  . TRP B 1 61 ? 12.473  4.003   -0.504  1.00 10.57 ? 62   TRP B CA  1 
ATOM   1102 C C   . TRP B 1 61 ? 12.309  5.097   0.555   1.00 10.56 ? 62   TRP B C   1 
ATOM   1103 O O   . TRP B 1 61 ? 13.179  5.282   1.381   1.00 11.11 ? 62   TRP B O   1 
ATOM   1104 C CB  . TRP B 1 61 ? 11.252  3.081   -0.495  1.00 10.52 ? 62   TRP B CB  1 
ATOM   1105 C CG  . TRP B 1 61 ? 11.116  2.304   0.766   1.00 10.78 ? 62   TRP B CG  1 
ATOM   1106 C CD1 . TRP B 1 61 ? 11.688  1.109   1.054   1.00 10.83 ? 62   TRP B CD1 1 
ATOM   1107 C CD2 . TRP B 1 61 ? 10.378  2.682   1.929   1.00 10.73 ? 62   TRP B CD2 1 
ATOM   1108 N NE1 . TRP B 1 61 ? 11.351  0.716   2.310   1.00 11.87 ? 62   TRP B NE1 1 
ATOM   1109 C CE2 . TRP B 1 61 ? 10.543  1.662   2.874   1.00 11.03 ? 62   TRP B CE2 1 
ATOM   1110 C CE3 . TRP B 1 61 ? 9.593   3.786   2.263   1.00 12.00 ? 62   TRP B CE3 1 
ATOM   1111 C CZ2 . TRP B 1 61 ? 9.954   1.711   4.128   1.00 11.99 ? 62   TRP B CZ2 1 
ATOM   1112 C CZ3 . TRP B 1 61 ? 9.019   3.832   3.499   1.00 12.20 ? 62   TRP B CZ3 1 
ATOM   1113 C CH2 . TRP B 1 61 ? 9.199   2.805   4.421   1.00 12.50 ? 62   TRP B CH2 1 
ATOM   1114 N N   . CYS B 1 62 ? 11.189  5.809   0.523   1.00 10.54 ? 63   CYS B N   1 
ATOM   1115 C CA  . CYS B 1 62 ? 10.859  6.771   1.575   1.00 10.77 ? 63   CYS B CA  1 
ATOM   1116 C C   . CYS B 1 62 ? 9.381   7.156   1.556   1.00 10.40 ? 63   CYS B C   1 
ATOM   1117 O O   . CYS B 1 62 ? 8.679   6.892   0.582   1.00 10.36 ? 63   CYS B O   1 
ATOM   1118 C CB  . CYS B 1 62 ? 11.714  8.027   1.416   1.00 11.02 ? 63   CYS B CB  1 
ATOM   1119 S SG  . CYS B 1 62 ? 11.484  8.843   -0.165  1.00 11.32 ? 63   CYS B SG  1 
ATOM   1120 N N   . PHE B 1 63 ? 8.915   7.793   2.626   1.00 10.01 ? 64   PHE B N   1 
ATOM   1121 C CA  . PHE B 1 63 ? 7.603   8.452   2.600   1.00 9.92  ? 64   PHE B CA  1 
ATOM   1122 C C   . PHE B 1 63 ? 7.825   9.734   1.815   1.00 9.24  ? 64   PHE B C   1 
ATOM   1123 O O   . PHE B 1 63 ? 8.921   10.256  1.831   1.00 8.49  ? 64   PHE B O   1 
ATOM   1124 C CB  . PHE B 1 63 ? 7.099   8.737   4.024   1.00 9.75  ? 64   PHE B CB  1 
ATOM   1125 C CG  . PHE B 1 63 ? 6.855   7.481   4.834   1.00 12.02 ? 64   PHE B CG  1 
ATOM   1126 C CD1 . PHE B 1 63 ? 5.646   6.787   4.713   1.00 9.91  ? 64   PHE B CD1 1 
ATOM   1127 C CD2 . PHE B 1 63 ? 7.858   6.958   5.676   1.00 12.58 ? 64   PHE B CD2 1 
ATOM   1128 C CE1 . PHE B 1 63 ? 5.426   5.626   5.422   1.00 10.79 ? 64   PHE B CE1 1 
ATOM   1129 C CE2 . PHE B 1 63 ? 7.625   5.792   6.408   1.00 13.48 ? 64   PHE B CE2 1 
ATOM   1130 C CZ  . PHE B 1 63 ? 6.407   5.114   6.264   1.00 11.99 ? 64   PHE B CZ  1 
ATOM   1131 N N   . THR B 1 64 ? 6.817   10.235  1.117   1.00 9.86  ? 65   THR B N   1 
ATOM   1132 C CA  . THR B 1 64 ? 7.013   11.438  0.302   1.00 10.64 ? 65   THR B CA  1 
ATOM   1133 C C   . THR B 1 64 ? 6.354   12.698  0.910   1.00 11.58 ? 65   THR B C   1 
ATOM   1134 O O   . THR B 1 64 ? 5.462   12.604  1.774   1.00 11.62 ? 65   THR B O   1 
ATOM   1135 C CB  . THR B 1 64 ? 6.585   11.232  -1.187  1.00 10.67 ? 65   THR B CB  1 
ATOM   1136 O OG1 . THR B 1 64 ? 5.285   11.800  -1.418  1.00 10.37 ? 65   THR B OG1 1 
ATOM   1137 C CG2 . THR B 1 64 ? 6.607   9.733   -1.599  1.00 9.98  ? 65   THR B CG2 1 
ATOM   1138 N N   . MET B 1 65 ? 6.794   13.867  0.431   1.00 11.23 ? 66   MET B N   1 
ATOM   1139 C CA  . MET B 1 65 ? 6.263   15.152  0.856   1.00 10.97 ? 66   MET B CA  1 
ATOM   1140 C C   . MET B 1 65 ? 4.980   15.548  0.111   1.00 10.80 ? 66   MET B C   1 
ATOM   1141 O O   . MET B 1 65 ? 4.357   16.584  0.412   1.00 9.90  ? 66   MET B O   1 
ATOM   1142 C CB  . MET B 1 65 ? 7.328   16.245  0.701   1.00 11.68 ? 66   MET B CB  1 
ATOM   1143 C CG  . MET B 1 65 ? 8.447   16.182  1.737   1.00 11.95 ? 66   MET B CG  1 
ATOM   1144 S SD  . MET B 1 65 ? 7.850   16.240  3.459   1.00 13.83 ? 66   MET B SD  1 
ATOM   1145 C CE  . MET B 1 65 ? 7.241   17.935  3.603   1.00 13.94 ? 66   MET B CE  1 
ATOM   1146 N N   . ASP B 1 66 ? 4.612   14.733  -0.874  1.00 10.66 ? 67   ASP B N   1 
ATOM   1147 C CA  . ASP B 1 66 ? 3.326   14.843  -1.556  1.00 10.25 ? 67   ASP B CA  1 
ATOM   1148 C C   . ASP B 1 66 ? 2.308   14.178  -0.642  1.00 10.33 ? 67   ASP B C   1 
ATOM   1149 O O   . ASP B 1 66 ? 2.352   12.956  -0.461  1.00 10.94 ? 67   ASP B O   1 
ATOM   1150 C CB  . ASP B 1 66 ? 3.377   14.105  -2.902  1.00 10.63 ? 67   ASP B CB  1 
ATOM   1151 C CG  . ASP B 1 66 ? 2.133   14.328  -3.754  1.00 11.27 ? 67   ASP B CG  1 
ATOM   1152 O OD1 . ASP B 1 66 ? 1.006   14.384  -3.205  1.00 13.50 ? 67   ASP B OD1 1 
ATOM   1153 O OD2 . ASP B 1 66 ? 2.275   14.407  -4.988  1.00 11.01 ? 67   ASP B OD2 1 
ATOM   1154 N N   . PRO B 1 67 ? 1.365   14.961  -0.089  1.00 10.24 ? 68   PRO B N   1 
ATOM   1155 C CA  . PRO B 1 67 ? 0.372   14.402  0.828   1.00 10.70 ? 68   PRO B CA  1 
ATOM   1156 C C   . PRO B 1 67 ? -0.562  13.348  0.208   1.00 10.84 ? 68   PRO B C   1 
ATOM   1157 O O   . PRO B 1 67 ? -1.171  12.581  0.940   1.00 11.33 ? 68   PRO B O   1 
ATOM   1158 C CB  . PRO B 1 67 ? -0.442  15.625  1.257   1.00 10.01 ? 68   PRO B CB  1 
ATOM   1159 C CG  . PRO B 1 67 ? 0.280   16.805  0.728   1.00 10.47 ? 68   PRO B CG  1 
ATOM   1160 C CD  . PRO B 1 67 ? 1.068   16.363  -0.423  1.00 10.23 ? 68   PRO B CD  1 
ATOM   1161 N N   . SER B 1 68 ? -0.674  13.330  -1.119  1.00 11.40 ? 69   SER B N   1 
ATOM   1162 C CA  . SER B 1 68 ? -1.515  12.367  -1.815  1.00 11.68 ? 69   SER B CA  1 
ATOM   1163 C C   . SER B 1 68 ? -0.783  11.041  -2.068  1.00 12.07 ? 69   SER B C   1 
ATOM   1164 O O   . SER B 1 68 ? -1.432  10.023  -2.320  1.00 13.18 ? 69   SER B O   1 
ATOM   1165 C CB  . SER B 1 68 ? -1.981  12.949  -3.141  1.00 11.55 ? 69   SER B CB  1 
ATOM   1166 O OG  . SER B 1 68 ? -0.875  13.112  -4.028  1.00 12.39 ? 69   SER B OG  1 
ATOM   1167 N N   . ILE B 1 69 ? 0.559   11.058  -2.004  1.00 11.85 ? 70   ILE B N   1 
ATOM   1168 C CA  . ILE B 1 69 ? 1.397   9.863   -2.253  1.00 11.51 ? 70   ILE B CA  1 
ATOM   1169 C C   . ILE B 1 69 ? 2.206   9.467   -1.020  1.00 11.26 ? 70   ILE B C   1 
ATOM   1170 O O   . ILE B 1 69 ? 3.192   10.121  -0.676  1.00 10.68 ? 70   ILE B O   1 
ATOM   1171 C CB  . ILE B 1 69 ? 2.369   10.078  -3.461  1.00 11.59 ? 70   ILE B CB  1 
ATOM   1172 C CG1 . ILE B 1 69 ? 1.598   10.427  -4.750  1.00 11.89 ? 70   ILE B CG1 1 
ATOM   1173 C CG2 . ILE B 1 69 ? 3.281   8.852   -3.660  1.00 11.04 ? 70   ILE B CG2 1 
ATOM   1174 C CD1 . ILE B 1 69 ? 0.543   9.367   -5.186  1.00 12.05 ? 70   ILE B CD1 1 
ATOM   1175 N N   . ARG B 1 70 ? 1.791   8.387   -0.356  1.00 11.71 ? 71   ARG B N   1 
ATOM   1176 C CA  . ARG B 1 70 ? 2.387   7.994   0.937   1.00 11.28 ? 71   ARG B CA  1 
ATOM   1177 C C   . ARG B 1 70 ? 3.889   7.605   0.925   1.00 11.13 ? 71   ARG B C   1 
ATOM   1178 O O   . ARG B 1 70 ? 4.660   8.085   1.760   1.00 11.23 ? 71   ARG B O   1 
ATOM   1179 C CB  . ARG B 1 70 ? 1.540   6.906   1.603   1.00 11.98 ? 71   ARG B CB  1 
ATOM   1180 C CG  . ARG B 1 70 ? 2.074   6.430   2.932   1.00 10.70 ? 71   ARG B CG  1 
ATOM   1181 C CD  . ARG B 1 70 ? 1.208   5.371   3.501   1.00 11.21 ? 71   ARG B CD  1 
ATOM   1182 N NE  . ARG B 1 70 ? 1.733   4.912   4.786   1.00 12.04 ? 71   ARG B NE  1 
ATOM   1183 C CZ  . ARG B 1 70 ? 1.618   5.573   5.943   1.00 10.26 ? 71   ARG B CZ  1 
ATOM   1184 N NH1 . ARG B 1 70 ? 0.996   6.749   6.009   1.00 10.85 ? 71   ARG B NH1 1 
ATOM   1185 N NH2 . ARG B 1 70 ? 2.136   5.051   7.039   1.00 8.90  ? 71   ARG B NH2 1 
ATOM   1186 N N   . TRP B 1 71 ? 4.295   6.738   0.004   1.00 10.61 ? 72   TRP B N   1 
ATOM   1187 C CA  . TRP B 1 71 ? 5.683   6.283   -0.080  1.00 9.91  ? 72   TRP B CA  1 
ATOM   1188 C C   . TRP B 1 71 ? 6.053   5.934   -1.526  1.00 10.04 ? 72   TRP B C   1 
ATOM   1189 O O   . TRP B 1 71 ? 5.176   5.601   -2.329  1.00 9.81  ? 72   TRP B O   1 
ATOM   1190 C CB  . TRP B 1 71 ? 5.937   5.061   0.834   1.00 9.44  ? 72   TRP B CB  1 
ATOM   1191 C CG  . TRP B 1 71 ? 5.352   3.756   0.319   1.00 10.19 ? 72   TRP B CG  1 
ATOM   1192 C CD1 . TRP B 1 71 ? 4.077   3.286   0.511   1.00 7.49  ? 72   TRP B CD1 1 
ATOM   1193 C CD2 . TRP B 1 71 ? 6.036   2.752   -0.478  1.00 10.03 ? 72   TRP B CD2 1 
ATOM   1194 N NE1 . TRP B 1 71 ? 3.931   2.055   -0.118  1.00 8.45  ? 72   TRP B NE1 1 
ATOM   1195 C CE2 . TRP B 1 71 ? 5.110   1.710   -0.731  1.00 9.00  ? 72   TRP B CE2 1 
ATOM   1196 C CE3 . TRP B 1 71 ? 7.335   2.640   -1.000  1.00 9.46  ? 72   TRP B CE3 1 
ATOM   1197 C CZ2 . TRP B 1 71 ? 5.445   0.565   -1.484  1.00 9.11  ? 72   TRP B CZ2 1 
ATOM   1198 C CZ3 . TRP B 1 71 ? 7.671   1.497   -1.752  1.00 9.09  ? 72   TRP B CZ3 1 
ATOM   1199 C CH2 . TRP B 1 71 ? 6.723   0.478   -1.981  1.00 8.24  ? 72   TRP B CH2 1 
ATOM   1200 N N   . GLU B 1 72 ? 7.350   5.984   -1.831  1.00 9.32  ? 73   GLU B N   1 
ATOM   1201 C CA  . GLU B 1 72 ? 7.870   5.536   -3.123  1.00 9.97  ? 73   GLU B CA  1 
ATOM   1202 C C   . GLU B 1 72 ? 9.300   5.002   -2.984  1.00 10.07 ? 73   GLU B C   1 
ATOM   1203 O O   . GLU B 1 72 ? 10.023  5.353   -2.038  1.00 9.63  ? 73   GLU B O   1 
ATOM   1204 C CB  . GLU B 1 72 ? 7.898   6.687   -4.129  1.00 9.73  ? 73   GLU B CB  1 
ATOM   1205 C CG  . GLU B 1 72 ? 6.583   7.139   -4.692  1.00 10.02 ? 73   GLU B CG  1 
ATOM   1206 C CD  . GLU B 1 72 ? 6.788   8.356   -5.556  1.00 10.91 ? 73   GLU B CD  1 
ATOM   1207 O OE1 . GLU B 1 72 ? 7.141   9.429   -5.013  1.00 12.22 ? 73   GLU B OE1 1 
ATOM   1208 O OE2 . GLU B 1 72 ? 6.655   8.239   -6.783  1.00 12.36 ? 73   GLU B OE2 1 
ATOM   1209 N N   . TYR B 1 73 ? 9.698   4.165   -3.942  1.00 10.35 ? 74   TYR B N   1 
ATOM   1210 C CA  . TYR B 1 73 ? 11.107  3.799   -4.150  1.00 10.50 ? 74   TYR B CA  1 
ATOM   1211 C C   . TYR B 1 73 ? 11.883  5.026   -4.597  1.00 10.59 ? 74   TYR B C   1 
ATOM   1212 O O   . TYR B 1 73 ? 11.330  5.888   -5.275  1.00 10.02 ? 74   TYR B O   1 
ATOM   1213 C CB  . TYR B 1 73 ? 11.214  2.732   -5.245  1.00 10.76 ? 74   TYR B CB  1 
ATOM   1214 C CG  . TYR B 1 73 ? 10.598  1.427   -4.864  1.00 11.21 ? 74   TYR B CG  1 
ATOM   1215 C CD1 . TYR B 1 73 ? 11.199  0.628   -3.898  1.00 12.09 ? 74   TYR B CD1 1 
ATOM   1216 C CD2 . TYR B 1 73 ? 9.420   0.981   -5.465  1.00 12.60 ? 74   TYR B CD2 1 
ATOM   1217 C CE1 . TYR B 1 73 ? 10.650  -0.577  -3.521  1.00 12.68 ? 74   TYR B CE1 1 
ATOM   1218 C CE2 . TYR B 1 73 ? 8.853   -0.247  -5.105  1.00 13.02 ? 74   TYR B CE2 1 
ATOM   1219 C CZ  . TYR B 1 73 ? 9.480   -1.018  -4.120  1.00 13.76 ? 74   TYR B CZ  1 
ATOM   1220 O OH  . TYR B 1 73 ? 8.973   -2.226  -3.710  1.00 13.03 ? 74   TYR B OH  1 
ATOM   1221 N N   . CYS B 1 74 ? 13.157  5.104   -4.207  1.00 11.07 ? 75   CYS B N   1 
ATOM   1222 C CA  . CYS B 1 74 ? 14.038  6.203   -4.633  1.00 11.64 ? 75   CYS B CA  1 
ATOM   1223 C C   . CYS B 1 74 ? 14.652  5.962   -6.000  1.00 12.67 ? 75   CYS B C   1 
ATOM   1224 O O   . CYS B 1 74 ? 14.887  4.799   -6.372  1.00 12.51 ? 75   CYS B O   1 
ATOM   1225 C CB  . CYS B 1 74 ? 15.141  6.417   -3.614  1.00 11.50 ? 75   CYS B CB  1 
ATOM   1226 S SG  . CYS B 1 74 ? 14.489  7.163   -2.120  1.00 10.32 ? 75   CYS B SG  1 
ATOM   1227 N N   . ALA B 1 75 ? 14.910  7.058   -6.731  1.00 13.15 ? 76   ALA B N   1 
ATOM   1228 C CA  . ALA B 1 75 ? 15.535  7.019   -8.075  1.00 14.08 ? 76   ALA B CA  1 
ATOM   1229 C C   . ALA B 1 75 ? 17.027  6.698   -8.008  1.00 14.82 ? 76   ALA B C   1 
ATOM   1230 O O   . ALA B 1 75 ? 17.888  7.563   -8.264  1.00 14.59 ? 76   ALA B O   1 
ATOM   1231 C CB  . ALA B 1 75 ? 15.300  8.329   -8.832  1.00 13.67 ? 76   ALA B CB  1 
ATOM   1232 N N   . LEU B 1 76 ? 17.301  5.441   -7.638  1.00 15.50 ? 77   LEU B N   1 
ATOM   1233 C CA  . LEU B 1 76 ? 18.634  4.871   -7.493  1.00 16.39 ? 77   LEU B CA  1 
ATOM   1234 C C   . LEU B 1 76 ? 18.647  3.558   -8.257  1.00 17.74 ? 77   LEU B C   1 
ATOM   1235 O O   . LEU B 1 76 ? 17.622  2.867   -8.348  1.00 17.74 ? 77   LEU B O   1 
ATOM   1236 C CB  . LEU B 1 76 ? 18.947  4.564   -6.023  1.00 15.37 ? 77   LEU B CB  1 
ATOM   1237 C CG  . LEU B 1 76 ? 19.167  5.738   -5.076  1.00 15.01 ? 77   LEU B CG  1 
ATOM   1238 C CD1 . LEU B 1 76 ? 18.937  5.309   -3.643  1.00 12.12 ? 77   LEU B CD1 1 
ATOM   1239 C CD2 . LEU B 1 76 ? 20.568  6.339   -5.274  1.00 13.36 ? 77   LEU B CD2 1 
ATOM   1240 N N   . THR B 1 77 ? 19.812  3.212   -8.784  1.00 18.83 ? 78   THR B N   1 
ATOM   1241 C CA  . THR B 1 77 ? 19.980  1.985   -9.555  1.00 20.39 ? 78   THR B CA  1 
ATOM   1242 C C   . THR B 1 77 ? 20.646  0.895   -8.676  1.00 20.74 ? 78   THR B C   1 
ATOM   1243 O O   . THR B 1 77 ? 21.219  1.198   -7.632  1.00 20.67 ? 78   THR B O   1 
ATOM   1244 C CB  . THR B 1 77 ? 20.744  2.281   -10.892 1.00 19.95 ? 78   THR B CB  1 
ATOM   1245 O OG1 . THR B 1 77 ? 20.759  1.110   -11.717 1.00 23.42 ? 78   THR B OG1 1 
ATOM   1246 C CG2 . THR B 1 77 ? 22.179  2.741   -10.637 1.00 19.21 ? 78   THR B CG2 1 
ATOM   1247 N N   . ARG B 1 78 ? 20.539  -0.364  -9.077  1.00 21.84 ? 79   ARG B N   1 
ATOM   1248 C CA  . ARG B 1 78 ? 21.132  -1.467  -8.315  1.00 22.86 ? 79   ARG B CA  1 
ATOM   1249 C C   . ARG B 1 78 ? 22.539  -1.729  -8.865  1.00 23.51 ? 79   ARG B C   1 
ATOM   1250 O O   . ARG B 1 78 ? 22.689  -1.951  -10.076 1.00 23.25 ? 79   ARG B O   1 
ATOM   1251 C CB  . ARG B 1 78 ? 20.232  -2.699  -8.448  1.00 23.15 ? 79   ARG B CB  1 
ATOM   1252 C CG  . ARG B 1 78 ? 20.325  -3.775  -7.344  1.00 25.16 ? 79   ARG B CG  1 
ATOM   1253 C CD  . ARG B 1 78 ? 21.258  -4.907  -7.757  1.00 27.73 ? 79   ARG B CD  1 
ATOM   1254 N NE  . ARG B 1 78 ? 20.727  -6.241  -7.481  1.00 29.63 ? 79   ARG B NE  1 
ATOM   1255 C CZ  . ARG B 1 78 ? 21.491  -7.311  -7.245  1.00 31.24 ? 79   ARG B CZ  1 
ATOM   1256 N NH1 . ARG B 1 78 ? 22.818  -7.186  -7.229  1.00 33.15 ? 79   ARG B NH1 1 
ATOM   1257 N NH2 . ARG B 1 78 ? 20.941  -8.495  -7.005  1.00 29.23 ? 79   ARG B NH2 1 
ATOM   1258 N N   . CYS B 1 79 ? 23.565  -1.682  -7.994  1.00 24.07 ? 80   CYS B N   1 
ATOM   1259 C CA  . CYS B 1 79 ? 24.967  -1.865  -8.426  1.00 24.80 ? 80   CYS B CA  1 
ATOM   1260 C C   . CYS B 1 79 ? 25.165  -3.203  -9.104  1.00 25.21 ? 80   CYS B C   1 
ATOM   1261 O O   . CYS B 1 79 ? 25.997  -3.272  -9.999  1.00 26.13 ? 80   CYS B O   1 
ATOM   1262 C CB  . CYS B 1 79 ? 25.987  -1.774  -7.282  1.00 24.34 ? 80   CYS B CB  1 
ATOM   1263 S SG  . CYS B 1 79 ? 25.931  -0.339  -6.239  1.00 25.11 ? 80   CYS B SG  1 
ATOM   1264 O OXT . CYS B 1 79 ? 24.534  -4.214  -8.780  1.00 25.66 ? 80   CYS B OXT 1 
HETATM 1265 C C01 . 5C3 C 2 .  ? -0.036  -6.999  -11.284 1.00 15.41 ? 1081 5C3 A C01 1 
HETATM 1266 C C02 . 5C3 C 2 .  ? -1.354  -6.886  -10.884 1.00 15.23 ? 1081 5C3 A C02 1 
HETATM 1267 C C03 . 5C3 C 2 .  ? -1.736  -5.747  -10.208 1.00 13.78 ? 1081 5C3 A C03 1 
HETATM 1268 C C04 . 5C3 C 2 .  ? -0.841  -4.736  -9.934  1.00 16.47 ? 1081 5C3 A C04 1 
HETATM 1269 C C05 . 5C3 C 2 .  ? 0.482   -4.855  -10.338 1.00 16.62 ? 1081 5C3 A C05 1 
HETATM 1270 C C06 . 5C3 C 2 .  ? 0.875   -5.991  -11.022 1.00 16.51 ? 1081 5C3 A C06 1 
HETATM 1271 O O08 . 5C3 C 2 .  ? -2.494  -6.516  -6.885  1.00 11.63 ? 1081 5C3 A O08 1 
HETATM 1272 N N09 . 5C3 C 2 .  ? -7.629  -11.567 -5.065  1.00 9.75  ? 1081 5C3 A N09 1 
HETATM 1273 C C10 . 5C3 C 2 .  ? -6.177  -11.615 -4.971  1.00 13.24 ? 1081 5C3 A C10 1 
HETATM 1274 S S11 . 5C3 C 2 .  ? -3.427  -5.593  -9.700  1.00 13.55 ? 1081 5C3 A S11 1 
HETATM 1275 N NP2 . 5C3 C 2 .  ? -3.684  -7.004  -8.790  1.00 14.04 ? 1081 5C3 A NP2 1 
HETATM 1276 O O13 . 5C3 C 2 .  ? -4.177  -5.797  -10.923 1.00 15.33 ? 1081 5C3 A O13 1 
HETATM 1277 O O14 . 5C3 C 2 .  ? -3.586  -4.361  -8.949  1.00 14.63 ? 1081 5C3 A O14 1 
HETATM 1278 C C15 . 5C3 C 2 .  ? -5.467  -10.280 -5.152  1.00 14.82 ? 1081 5C3 A C15 1 
HETATM 1279 C C16 . 5C3 C 2 .  ? -4.119  -10.542 -5.790  1.00 14.23 ? 1081 5C3 A C16 1 
HETATM 1280 C C17 . 5C3 C 2 .  ? -3.333  -9.254  -5.930  1.00 14.92 ? 1081 5C3 A C17 1 
HETATM 1281 C C18 . 5C3 C 2 .  ? -4.094  -8.393  -6.896  1.00 14.15 ? 1081 5C3 A C18 1 
HETATM 1282 C C19 . 5C3 C 2 .  ? -5.417  -8.025  -6.265  1.00 15.58 ? 1081 5C3 A C19 1 
HETATM 1283 C C11 . 5C3 C 2 .  ? -3.329  -7.210  -7.443  1.00 14.05 ? 1081 5C3 A C11 1 
HETATM 1284 C C20 . 5C3 C 2 .  ? -6.207  -9.302  -6.029  1.00 16.06 ? 1081 5C3 A C20 1 
HETATM 1285 C C01 . 5C3 D 2 .  ? 0.301   -0.032  9.416   1.00 15.79 ? 1081 5C3 B C01 1 
HETATM 1286 C C02 . 5C3 D 2 .  ? 1.629   0.284   9.191   1.00 15.99 ? 1081 5C3 B C02 1 
HETATM 1287 C C03 . 5C3 D 2 .  ? 1.984   1.608   9.136   1.00 14.65 ? 1081 5C3 B C03 1 
HETATM 1288 C C04 . 5C3 D 2 .  ? 1.051   2.610   9.311   1.00 17.14 ? 1081 5C3 B C04 1 
HETATM 1289 C C05 . 5C3 D 2 .  ? -0.280  2.297   9.534   1.00 16.50 ? 1081 5C3 B C05 1 
HETATM 1290 C C06 . 5C3 D 2 .  ? -0.645  0.966   9.587   1.00 18.44 ? 1081 5C3 B C06 1 
HETATM 1291 O O08 . 5C3 D 2 .  ? 2.832   2.648   6.044   1.00 13.48 ? 1081 5C3 B O08 1 
HETATM 1292 N N09 . 5C3 D 2 .  ? 8.150   -0.156  1.614   1.00 11.95 ? 1081 5C3 B N09 1 
HETATM 1293 C C10 . 5C3 D 2 .  ? 6.725   -0.456  1.748   1.00 11.59 ? 1081 5C3 B C10 1 
HETATM 1294 S S11 . 5C3 D 2 .  ? 3.685   2.044   8.855   1.00 16.18 ? 1081 5C3 B S11 1 
HETATM 1295 N NP2 . 5C3 D 2 .  ? 4.112   1.310   7.368   1.00 15.81 ? 1081 5C3 B NP2 1 
HETATM 1296 O O13 . 5C3 D 2 .  ? 4.436   1.277   9.832   1.00 17.46 ? 1081 5C3 B O13 1 
HETATM 1297 O O14 . 5C3 D 2 .  ? 3.727   3.489   8.822   1.00 15.33 ? 1081 5C3 B O14 1 
HETATM 1298 C C15 . 5C3 D 2 .  ? 6.030   0.606   2.613   1.00 13.57 ? 1081 5C3 B C15 1 
HETATM 1299 C C16 . 5C3 D 2 .  ? 4.531   0.338   2.688   1.00 13.54 ? 1081 5C3 B C16 1 
HETATM 1300 C C17 . 5C3 D 2 .  ? 3.798   1.299   3.619   1.00 14.51 ? 1081 5C3 B C17 1 
HETATM 1301 C C18 . 5C3 D 2 .  ? 4.460   1.175   4.974   1.00 14.26 ? 1081 5C3 B C18 1 
HETATM 1302 C C19 . 5C3 D 2 .  ? 5.882   1.679   4.820   1.00 14.42 ? 1081 5C3 B C19 1 
HETATM 1303 C C11 . 5C3 D 2 .  ? 3.711   1.813   6.114   1.00 14.42 ? 1081 5C3 B C11 1 
HETATM 1304 C C20 . 5C3 D 2 .  ? 6.590   0.618   4.008   1.00 12.80 ? 1081 5C3 B C20 1 
HETATM 1305 O O   . HOH E 3 .  ? -23.395 -13.901 -3.278  1.00 3.73  ? 2001 HOH A O   1 
HETATM 1306 O O   . HOH E 3 .  ? -15.809 -20.553 -1.920  1.00 5.99  ? 2002 HOH A O   1 
HETATM 1307 O O   . HOH E 3 .  ? -18.522 -9.898  -5.403  1.00 5.92  ? 2003 HOH A O   1 
HETATM 1308 O O   . HOH E 3 .  ? -17.355 -8.772  -8.142  1.00 4.58  ? 2004 HOH A O   1 
HETATM 1309 O O   . HOH E 3 .  ? -23.422 -8.161  3.244   1.00 24.86 ? 2005 HOH A O   1 
HETATM 1310 O O   . HOH E 3 .  ? -25.478 -9.963  -3.023  1.00 13.01 ? 2006 HOH A O   1 
HETATM 1311 O O   . HOH E 3 .  ? -18.521 -3.053  6.749   1.00 2.00  ? 2007 HOH A O   1 
HETATM 1312 O O   . HOH E 3 .  ? -18.613 0.986   2.916   1.00 2.33  ? 2008 HOH A O   1 
HETATM 1313 O O   . HOH E 3 .  ? -16.198 0.377   6.135   1.00 20.76 ? 2009 HOH A O   1 
HETATM 1314 O O   . HOH E 3 .  ? -14.931 -1.051  8.215   1.00 2.06  ? 2010 HOH A O   1 
HETATM 1315 O O   . HOH E 3 .  ? -13.773 -8.308  10.900  1.00 12.17 ? 2011 HOH A O   1 
HETATM 1316 O O   . HOH E 3 .  ? -11.564 -1.240  10.157  1.00 21.95 ? 2012 HOH A O   1 
HETATM 1317 O O   . HOH E 3 .  ? -8.151  -0.289  8.124   1.00 19.00 ? 2013 HOH A O   1 
HETATM 1318 O O   . HOH E 3 .  ? -10.789 -2.258  -2.800  1.00 3.49  ? 2014 HOH A O   1 
HETATM 1319 O O   . HOH E 3 .  ? -10.126 4.699   -0.430  1.00 5.58  ? 2015 HOH A O   1 
HETATM 1320 O O   . HOH E 3 .  ? -15.144 2.467   -6.289  1.00 13.02 ? 2016 HOH A O   1 
HETATM 1321 O O   . HOH E 3 .  ? -6.373  7.976   -5.427  1.00 27.22 ? 2017 HOH A O   1 
HETATM 1322 O O   . HOH E 3 .  ? -8.712  8.172   -1.840  1.00 8.71  ? 2018 HOH A O   1 
HETATM 1323 O O   . HOH E 3 .  ? -8.223  6.370   0.112   1.00 14.43 ? 2019 HOH A O   1 
HETATM 1324 O O   . HOH E 3 .  ? -1.077  7.542   -0.758  1.00 17.09 ? 2020 HOH A O   1 
HETATM 1325 O O   . HOH E 3 .  ? -0.504  -1.174  -10.390 1.00 24.50 ? 2021 HOH A O   1 
HETATM 1326 O O   . HOH E 3 .  ? -13.405 6.281   -11.183 1.00 17.77 ? 2022 HOH A O   1 
HETATM 1327 O O   . HOH E 3 .  ? -17.518 -2.656  -11.581 1.00 26.66 ? 2023 HOH A O   1 
HETATM 1328 O O   . HOH E 3 .  ? -16.062 -5.968  -15.914 1.00 27.38 ? 2024 HOH A O   1 
HETATM 1329 O O   . HOH E 3 .  ? -20.780 -3.241  -11.863 1.00 13.61 ? 2025 HOH A O   1 
HETATM 1330 O O   . HOH E 3 .  ? -16.725 -6.914  -18.026 1.00 23.83 ? 2026 HOH A O   1 
HETATM 1331 O O   . HOH E 3 .  ? -14.372 -10.682 -13.650 1.00 28.80 ? 2027 HOH A O   1 
HETATM 1332 O O   . HOH E 3 .  ? -5.882  -15.239 -4.382  1.00 27.91 ? 2028 HOH A O   1 
HETATM 1333 O O   . HOH E 3 .  ? -14.832 -13.210 2.087   1.00 11.93 ? 2029 HOH A O   1 
HETATM 1334 O O   . HOH E 3 .  ? -4.297  4.490   5.172   1.00 14.71 ? 2030 HOH A O   1 
HETATM 1335 O O   . HOH E 3 .  ? 1.380   1.307   0.681   1.00 5.94  ? 2031 HOH A O   1 
HETATM 1336 O O   . HOH E 3 .  ? -3.323  -10.960 1.894   1.00 14.10 ? 2032 HOH A O   1 
HETATM 1337 O O   . HOH E 3 .  ? -5.426  -11.360 5.832   1.00 24.56 ? 2033 HOH A O   1 
HETATM 1338 O O   . HOH E 3 .  ? -18.213 -10.339 9.999   1.00 15.94 ? 2034 HOH A O   1 
HETATM 1339 O O   . HOH E 3 .  ? -20.050 -26.086 0.298   0.50 10.00 ? 2035 HOH A O   1 
HETATM 1340 O O   . HOH F 3 .  ? 24.086  -0.365  -0.666  1.00 7.80  ? 2001 HOH B O   1 
HETATM 1341 O O   . HOH F 3 .  ? 22.368  -2.322  0.386   1.00 29.18 ? 2002 HOH B O   1 
HETATM 1342 O O   . HOH F 3 .  ? 19.046  1.453   3.462   1.00 3.36  ? 2003 HOH B O   1 
HETATM 1343 O O   . HOH F 3 .  ? 17.885  0.827   6.046   1.00 4.58  ? 2004 HOH B O   1 
HETATM 1344 O O   . HOH F 3 .  ? 23.949  7.883   -3.401  1.00 26.46 ? 2005 HOH B O   1 
HETATM 1345 O O   . HOH F 3 .  ? 18.202  13.666  -3.373  1.00 4.21  ? 2006 HOH B O   1 
HETATM 1346 O O   . HOH F 3 .  ? 14.341  15.748  -3.677  1.00 10.83 ? 2007 HOH B O   1 
HETATM 1347 O O   . HOH F 3 .  ? 18.180  14.973  2.180   1.00 11.91 ? 2008 HOH B O   1 
HETATM 1348 O O   . HOH F 3 .  ? 10.375  17.244  -5.493  1.00 10.56 ? 2009 HOH B O   1 
HETATM 1349 O O   . HOH F 3 .  ? 10.592  8.836   4.809   1.00 6.61  ? 2010 HOH B O   1 
HETATM 1350 O O   . HOH F 3 .  ? 9.472   15.977  6.559   1.00 7.08  ? 2011 HOH B O   1 
HETATM 1351 O O   . HOH F 3 .  ? 14.801  11.062  10.509  1.00 13.45 ? 2012 HOH B O   1 
HETATM 1352 O O   . HOH F 3 .  ? 14.281  13.059  15.332  1.00 13.96 ? 2013 HOH B O   1 
HETATM 1353 O O   . HOH F 3 .  ? 5.255   15.836  12.537  1.00 26.12 ? 2014 HOH B O   1 
HETATM 1354 O O   . HOH F 3 .  ? -0.749  9.734   7.355   1.00 25.01 ? 2015 HOH B O   1 
HETATM 1355 O O   . HOH F 3 .  ? 12.786  11.721  16.801  1.00 27.82 ? 2016 HOH B O   1 
HETATM 1356 O O   . HOH F 3 .  ? 17.469  4.370   12.447  1.00 22.51 ? 2017 HOH B O   1 
HETATM 1357 O O   . HOH F 3 .  ? 15.022  -3.480  9.652   1.00 28.51 ? 2018 HOH B O   1 
HETATM 1358 O O   . HOH F 3 .  ? 22.113  7.050   7.728   1.00 15.14 ? 2019 HOH B O   1 
HETATM 1359 O O   . HOH F 3 .  ? 15.568  17.368  1.330   1.00 5.31  ? 2020 HOH B O   1 
HETATM 1360 O O   . HOH F 3 .  ? 8.690   -5.464  2.843   1.00 6.97  ? 2021 HOH B O   1 
HETATM 1361 O O   . HOH F 3 .  ? 15.357  2.524   -4.772  1.00 5.23  ? 2022 HOH B O   1 
# 
